data_4P0Z
# 
_entry.id   4P0Z 
# 
_audit_conform.dict_name       mmcif_pdbx.dic 
_audit_conform.dict_version    5.399 
_audit_conform.dict_location   http://mmcif.pdb.org/dictionaries/ascii/mmcif_pdbx.dic 
# 
loop_
_database_2.database_id 
_database_2.database_code 
_database_2.pdbx_database_accession 
_database_2.pdbx_DOI 
PDB   4P0Z         pdb_00004p0z 10.2210/pdb4p0z/pdb 
WWPDB D_1000200454 ?            ?                   
# 
loop_
_pdbx_audit_revision_history.ordinal 
_pdbx_audit_revision_history.data_content_type 
_pdbx_audit_revision_history.major_revision 
_pdbx_audit_revision_history.minor_revision 
_pdbx_audit_revision_history.revision_date 
1 'Structure model' 1 0 2014-07-30 
2 'Structure model' 1 1 2014-09-24 
3 'Structure model' 1 2 2015-09-23 
4 'Structure model' 1 3 2023-12-27 
5 'Structure model' 1 4 2024-11-20 
# 
_pdbx_audit_revision_details.ordinal             1 
_pdbx_audit_revision_details.revision_ordinal    1 
_pdbx_audit_revision_details.data_content_type   'Structure model' 
_pdbx_audit_revision_details.provider            repository 
_pdbx_audit_revision_details.type                'Initial release' 
_pdbx_audit_revision_details.description         ? 
_pdbx_audit_revision_details.details             ? 
# 
loop_
_pdbx_audit_revision_group.ordinal 
_pdbx_audit_revision_group.revision_ordinal 
_pdbx_audit_revision_group.data_content_type 
_pdbx_audit_revision_group.group 
1 2 'Structure model' 'Database references'  
2 3 'Structure model' 'Data collection'      
3 4 'Structure model' 'Data collection'      
4 4 'Structure model' 'Database references'  
5 4 'Structure model' 'Derived calculations' 
6 5 'Structure model' 'Structure summary'    
# 
loop_
_pdbx_audit_revision_category.ordinal 
_pdbx_audit_revision_category.revision_ordinal 
_pdbx_audit_revision_category.data_content_type 
_pdbx_audit_revision_category.category 
1 4 'Structure model' chem_comp_atom            
2 4 'Structure model' chem_comp_bond            
3 4 'Structure model' database_2                
4 4 'Structure model' pdbx_struct_oper_list     
5 5 'Structure model' pdbx_entry_details        
6 5 'Structure model' pdbx_modification_feature 
# 
loop_
_pdbx_audit_revision_item.ordinal 
_pdbx_audit_revision_item.revision_ordinal 
_pdbx_audit_revision_item.data_content_type 
_pdbx_audit_revision_item.item 
1 4 'Structure model' '_database_2.pdbx_DOI'                      
2 4 'Structure model' '_database_2.pdbx_database_accession'       
3 4 'Structure model' '_pdbx_struct_oper_list.symmetry_operation' 
# 
_pdbx_database_status.status_code                     REL 
_pdbx_database_status.status_code_sf                  REL 
_pdbx_database_status.status_code_mr                  . 
_pdbx_database_status.entry_id                        4P0Z 
_pdbx_database_status.recvd_initial_deposition_date   2014-02-23 
_pdbx_database_status.SG_entry                        N 
_pdbx_database_status.deposit_site                    RCSB 
_pdbx_database_status.process_site                    RCSB 
_pdbx_database_status.status_code_cs                  . 
_pdbx_database_status.methods_development_category    . 
_pdbx_database_status.pdb_format_compatible           Y 
_pdbx_database_status.status_code_nmr_data            ? 
# 
_pdbx_database_related.db_name        PDB 
_pdbx_database_related.details        . 
_pdbx_database_related.db_id          4EDD 
_pdbx_database_related.content_type   unspecified 
# 
loop_
_audit_author.name 
_audit_author.pdbx_ordinal 
'Goessweiner-mohr, N.' 1 
'Fercher, C.'          2 
'Keller, W.'           3 
# 
_citation.abstract                  . 
_citation.abstract_id_CAS           . 
_citation.book_id_ISBN              . 
_citation.book_publisher            ? 
_citation.book_publisher_city       . 
_citation.book_title                . 
_citation.coordinate_linkage        . 
_citation.country                   US 
_citation.database_id_Medline       . 
_citation.details                   . 
_citation.id                        primary 
_citation.journal_abbrev            'Acta Crystallogr.,Sect.D' 
_citation.journal_id_ASTM           ABCRE6 
_citation.journal_id_CSD            ? 
_citation.journal_id_ISSN           1399-0047 
_citation.journal_full              . 
_citation.journal_issue             . 
_citation.journal_volume            70 
_citation.language                  . 
_citation.page_first                2376 
_citation.page_last                 2389 
_citation.title                     
'Structure of the double-stranded DNA-binding type IV secretion protein TraN from Enterococcus.' 
_citation.year                      2014 
_citation.database_id_CSD           . 
_citation.pdbx_database_id_DOI      10.1107/S1399004714014187 
_citation.pdbx_database_id_PubMed   25195751 
_citation.unpublished_flag          . 
# 
loop_
_citation_author.citation_id 
_citation_author.name 
_citation_author.ordinal 
_citation_author.identifier_ORCID 
primary 'Goessweiner-Mohr, N.'   1 ? 
primary 'Eder, M.'               2 ? 
primary 'Hofer, G.'              3 ? 
primary 'Fercher, C.'            4 ? 
primary 'Arends, K.'             5 ? 
primary 'Birner-Gruenberger, R.' 6 ? 
primary 'Grohmann, E.'           7 ? 
primary 'Keller, W.'             8 ? 
# 
loop_
_entity.id 
_entity.type 
_entity.src_method 
_entity.pdbx_description 
_entity.formula_weight 
_entity.pdbx_number_of_molecules 
_entity.pdbx_ec 
_entity.pdbx_mutation 
_entity.pdbx_fragment 
_entity.details 
1 polymer man AM32  17787.529 1   ? ? ? ? 
2 water   nat water 18.015    215 ? ? ? ? 
# 
_entity_name_com.entity_id   1 
_entity_name_com.name        
;Enterococcus faecalis plasmid pAM-beta-1 copy number repressor (copF), RepE (repE), resolvase (res beta), and type I topoisomerase (top beta) genes, Uncharacterized protein
;
# 
_entity_poly.entity_id                      1 
_entity_poly.type                           'polypeptide(L)' 
_entity_poly.nstd_linkage                   no 
_entity_poly.nstd_monomer                   yes 
_entity_poly.pdbx_seq_one_letter_code       
;(MSE)KHHHHHHHSDYDIPTTENLYFQGSGS(MSE)GKINLNQIYTAKE(MSE)SERIGKNRNYLSQAYRNNKHEILKNF
NYRKIGGTIIFSDNPNNDLSQLITAKEASQLLGKNDEYFAHIYKRFPHRLEGIDHIYTGKTLFLTKESLEVFKKK(MSE)
NKNVR
;
_entity_poly.pdbx_seq_one_letter_code_can   
;MKHHHHHHHSDYDIPTTENLYFQGSGSMGKINLNQIYTAKEMSERIGKNRNYLSQAYRNNKHEILKNFNYRKIGGTIIFS
DNPNNDLSQLITAKEASQLLGKNDEYFAHIYKRFPHRLEGIDHIYTGKTLFLTKESLEVFKKKMNKNVR
;
_entity_poly.pdbx_strand_id                 A 
_entity_poly.pdbx_target_identifier         ? 
# 
_pdbx_entity_nonpoly.entity_id   2 
_pdbx_entity_nonpoly.name        water 
_pdbx_entity_nonpoly.comp_id     HOH 
# 
loop_
_entity_poly_seq.entity_id 
_entity_poly_seq.num 
_entity_poly_seq.mon_id 
_entity_poly_seq.hetero 
1 1   MSE n 
1 2   LYS n 
1 3   HIS n 
1 4   HIS n 
1 5   HIS n 
1 6   HIS n 
1 7   HIS n 
1 8   HIS n 
1 9   HIS n 
1 10  SER n 
1 11  ASP n 
1 12  TYR n 
1 13  ASP n 
1 14  ILE n 
1 15  PRO n 
1 16  THR n 
1 17  THR n 
1 18  GLU n 
1 19  ASN n 
1 20  LEU n 
1 21  TYR n 
1 22  PHE n 
1 23  GLN n 
1 24  GLY n 
1 25  SER n 
1 26  GLY n 
1 27  SER n 
1 28  MSE n 
1 29  GLY n 
1 30  LYS n 
1 31  ILE n 
1 32  ASN n 
1 33  LEU n 
1 34  ASN n 
1 35  GLN n 
1 36  ILE n 
1 37  TYR n 
1 38  THR n 
1 39  ALA n 
1 40  LYS n 
1 41  GLU n 
1 42  MSE n 
1 43  SER n 
1 44  GLU n 
1 45  ARG n 
1 46  ILE n 
1 47  GLY n 
1 48  LYS n 
1 49  ASN n 
1 50  ARG n 
1 51  ASN n 
1 52  TYR n 
1 53  LEU n 
1 54  SER n 
1 55  GLN n 
1 56  ALA n 
1 57  TYR n 
1 58  ARG n 
1 59  ASN n 
1 60  ASN n 
1 61  LYS n 
1 62  HIS n 
1 63  GLU n 
1 64  ILE n 
1 65  LEU n 
1 66  LYS n 
1 67  ASN n 
1 68  PHE n 
1 69  ASN n 
1 70  TYR n 
1 71  ARG n 
1 72  LYS n 
1 73  ILE n 
1 74  GLY n 
1 75  GLY n 
1 76  THR n 
1 77  ILE n 
1 78  ILE n 
1 79  PHE n 
1 80  SER n 
1 81  ASP n 
1 82  ASN n 
1 83  PRO n 
1 84  ASN n 
1 85  ASN n 
1 86  ASP n 
1 87  LEU n 
1 88  SER n 
1 89  GLN n 
1 90  LEU n 
1 91  ILE n 
1 92  THR n 
1 93  ALA n 
1 94  LYS n 
1 95  GLU n 
1 96  ALA n 
1 97  SER n 
1 98  GLN n 
1 99  LEU n 
1 100 LEU n 
1 101 GLY n 
1 102 LYS n 
1 103 ASN n 
1 104 ASP n 
1 105 GLU n 
1 106 TYR n 
1 107 PHE n 
1 108 ALA n 
1 109 HIS n 
1 110 ILE n 
1 111 TYR n 
1 112 LYS n 
1 113 ARG n 
1 114 PHE n 
1 115 PRO n 
1 116 HIS n 
1 117 ARG n 
1 118 LEU n 
1 119 GLU n 
1 120 GLY n 
1 121 ILE n 
1 122 ASP n 
1 123 HIS n 
1 124 ILE n 
1 125 TYR n 
1 126 THR n 
1 127 GLY n 
1 128 LYS n 
1 129 THR n 
1 130 LEU n 
1 131 PHE n 
1 132 LEU n 
1 133 THR n 
1 134 LYS n 
1 135 GLU n 
1 136 SER n 
1 137 LEU n 
1 138 GLU n 
1 139 VAL n 
1 140 PHE n 
1 141 LYS n 
1 142 LYS n 
1 143 LYS n 
1 144 MSE n 
1 145 ASN n 
1 146 LYS n 
1 147 ASN n 
1 148 VAL n 
1 149 ARG n 
# 
_entity_src_gen.entity_id                          1 
_entity_src_gen.pdbx_src_id                        1 
_entity_src_gen.pdbx_alt_source_flag               sample 
_entity_src_gen.pdbx_seq_type                      'Biological sequence' 
_entity_src_gen.pdbx_beg_seq_num                   1 
_entity_src_gen.pdbx_end_seq_num                   149 
_entity_src_gen.gene_src_common_name               ? 
_entity_src_gen.gene_src_genus                     ? 
_entity_src_gen.pdbx_gene_src_gene                 ? 
_entity_src_gen.gene_src_species                   ? 
_entity_src_gen.gene_src_strain                    ? 
_entity_src_gen.gene_src_tissue                    ? 
_entity_src_gen.gene_src_tissue_fraction           ? 
_entity_src_gen.gene_src_details                   ? 
_entity_src_gen.pdbx_gene_src_fragment             ? 
_entity_src_gen.pdbx_gene_src_scientific_name      'Enterococcus faecalis' 
_entity_src_gen.pdbx_gene_src_ncbi_taxonomy_id     1351 
_entity_src_gen.pdbx_gene_src_variant              ? 
_entity_src_gen.pdbx_gene_src_cell_line            ? 
_entity_src_gen.pdbx_gene_src_atcc                 ? 
_entity_src_gen.pdbx_gene_src_organ                ? 
_entity_src_gen.pdbx_gene_src_organelle            ? 
_entity_src_gen.pdbx_gene_src_cell                 ? 
_entity_src_gen.pdbx_gene_src_cellular_location    ? 
_entity_src_gen.host_org_common_name               ? 
_entity_src_gen.pdbx_host_org_scientific_name      'Escherichia coli' 
_entity_src_gen.pdbx_host_org_ncbi_taxonomy_id     469008 
_entity_src_gen.host_org_genus                     ? 
_entity_src_gen.pdbx_host_org_gene                 ? 
_entity_src_gen.pdbx_host_org_organ                ? 
_entity_src_gen.host_org_species                   ? 
_entity_src_gen.pdbx_host_org_tissue               ? 
_entity_src_gen.pdbx_host_org_tissue_fraction      ? 
_entity_src_gen.pdbx_host_org_strain               'BL21 (DE3)' 
_entity_src_gen.pdbx_host_org_variant              ? 
_entity_src_gen.pdbx_host_org_cell_line            ? 
_entity_src_gen.pdbx_host_org_atcc                 ? 
_entity_src_gen.pdbx_host_org_culture_collection   ? 
_entity_src_gen.pdbx_host_org_cell                 ? 
_entity_src_gen.pdbx_host_org_organelle            ? 
_entity_src_gen.pdbx_host_org_cellular_location    ? 
_entity_src_gen.pdbx_host_org_vector_type          PLASMID 
_entity_src_gen.pdbx_host_org_vector               ? 
_entity_src_gen.host_org_details                   ? 
_entity_src_gen.expression_system_id               ? 
_entity_src_gen.plasmid_name                       PQTEV 
_entity_src_gen.plasmid_details                    ? 
_entity_src_gen.pdbx_description                   ? 
# 
loop_
_chem_comp.id 
_chem_comp.type 
_chem_comp.mon_nstd_flag 
_chem_comp.name 
_chem_comp.pdbx_synonyms 
_chem_comp.formula 
_chem_comp.formula_weight 
ALA 'L-peptide linking' y ALANINE          ? 'C3 H7 N O2'     89.093  
ARG 'L-peptide linking' y ARGININE         ? 'C6 H15 N4 O2 1' 175.209 
ASN 'L-peptide linking' y ASPARAGINE       ? 'C4 H8 N2 O3'    132.118 
ASP 'L-peptide linking' y 'ASPARTIC ACID'  ? 'C4 H7 N O4'     133.103 
GLN 'L-peptide linking' y GLUTAMINE        ? 'C5 H10 N2 O3'   146.144 
GLU 'L-peptide linking' y 'GLUTAMIC ACID'  ? 'C5 H9 N O4'     147.129 
GLY 'peptide linking'   y GLYCINE          ? 'C2 H5 N O2'     75.067  
HIS 'L-peptide linking' y HISTIDINE        ? 'C6 H10 N3 O2 1' 156.162 
HOH non-polymer         . WATER            ? 'H2 O'           18.015  
ILE 'L-peptide linking' y ISOLEUCINE       ? 'C6 H13 N O2'    131.173 
LEU 'L-peptide linking' y LEUCINE          ? 'C6 H13 N O2'    131.173 
LYS 'L-peptide linking' y LYSINE           ? 'C6 H15 N2 O2 1' 147.195 
MSE 'L-peptide linking' n SELENOMETHIONINE ? 'C5 H11 N O2 Se' 196.106 
PHE 'L-peptide linking' y PHENYLALANINE    ? 'C9 H11 N O2'    165.189 
PRO 'L-peptide linking' y PROLINE          ? 'C5 H9 N O2'     115.130 
SER 'L-peptide linking' y SERINE           ? 'C3 H7 N O3'     105.093 
THR 'L-peptide linking' y THREONINE        ? 'C4 H9 N O3'     119.119 
TYR 'L-peptide linking' y TYROSINE         ? 'C9 H11 N O3'    181.189 
VAL 'L-peptide linking' y VALINE           ? 'C5 H11 N O2'    117.146 
# 
loop_
_pdbx_poly_seq_scheme.asym_id 
_pdbx_poly_seq_scheme.entity_id 
_pdbx_poly_seq_scheme.seq_id 
_pdbx_poly_seq_scheme.mon_id 
_pdbx_poly_seq_scheme.ndb_seq_num 
_pdbx_poly_seq_scheme.pdb_seq_num 
_pdbx_poly_seq_scheme.auth_seq_num 
_pdbx_poly_seq_scheme.pdb_mon_id 
_pdbx_poly_seq_scheme.auth_mon_id 
_pdbx_poly_seq_scheme.pdb_strand_id 
_pdbx_poly_seq_scheme.pdb_ins_code 
_pdbx_poly_seq_scheme.hetero 
A 1 1   MSE 1   -26 ?   ?   ?   A . n 
A 1 2   LYS 2   -25 ?   ?   ?   A . n 
A 1 3   HIS 3   -24 ?   ?   ?   A . n 
A 1 4   HIS 4   -23 ?   ?   ?   A . n 
A 1 5   HIS 5   -22 ?   ?   ?   A . n 
A 1 6   HIS 6   -21 ?   ?   ?   A . n 
A 1 7   HIS 7   -20 ?   ?   ?   A . n 
A 1 8   HIS 8   -19 ?   ?   ?   A . n 
A 1 9   HIS 9   -18 ?   ?   ?   A . n 
A 1 10  SER 10  -17 ?   ?   ?   A . n 
A 1 11  ASP 11  -16 ?   ?   ?   A . n 
A 1 12  TYR 12  -15 ?   ?   ?   A . n 
A 1 13  ASP 13  -14 ?   ?   ?   A . n 
A 1 14  ILE 14  -13 ?   ?   ?   A . n 
A 1 15  PRO 15  -12 ?   ?   ?   A . n 
A 1 16  THR 16  -11 ?   ?   ?   A . n 
A 1 17  THR 17  -10 ?   ?   ?   A . n 
A 1 18  GLU 18  -9  ?   ?   ?   A . n 
A 1 19  ASN 19  -8  ?   ?   ?   A . n 
A 1 20  LEU 20  -7  ?   ?   ?   A . n 
A 1 21  TYR 21  -6  ?   ?   ?   A . n 
A 1 22  PHE 22  -5  ?   ?   ?   A . n 
A 1 23  GLN 23  -4  ?   ?   ?   A . n 
A 1 24  GLY 24  -3  ?   ?   ?   A . n 
A 1 25  SER 25  -2  ?   ?   ?   A . n 
A 1 26  GLY 26  -1  ?   ?   ?   A . n 
A 1 27  SER 27  0   ?   ?   ?   A . n 
A 1 28  MSE 28  1   1   MSE MSE A . n 
A 1 29  GLY 29  2   2   GLY GLY A . n 
A 1 30  LYS 30  3   3   LYS LYS A . n 
A 1 31  ILE 31  4   4   ILE ILE A . n 
A 1 32  ASN 32  5   5   ASN ASN A . n 
A 1 33  LEU 33  6   6   LEU LEU A . n 
A 1 34  ASN 34  7   7   ASN ASN A . n 
A 1 35  GLN 35  8   8   GLN GLN A . n 
A 1 36  ILE 36  9   9   ILE ILE A . n 
A 1 37  TYR 37  10  10  TYR TYR A . n 
A 1 38  THR 38  11  11  THR THR A . n 
A 1 39  ALA 39  12  12  ALA ALA A . n 
A 1 40  LYS 40  13  13  LYS LYS A . n 
A 1 41  GLU 41  14  14  GLU GLU A . n 
A 1 42  MSE 42  15  15  MSE MSE A . n 
A 1 43  SER 43  16  16  SER SER A . n 
A 1 44  GLU 44  17  17  GLU GLU A . n 
A 1 45  ARG 45  18  18  ARG ARG A . n 
A 1 46  ILE 46  19  19  ILE ILE A . n 
A 1 47  GLY 47  20  20  GLY GLY A . n 
A 1 48  LYS 48  21  21  LYS LYS A . n 
A 1 49  ASN 49  22  22  ASN ASN A . n 
A 1 50  ARG 50  23  23  ARG ARG A . n 
A 1 51  ASN 51  24  24  ASN ASN A . n 
A 1 52  TYR 52  25  25  TYR TYR A . n 
A 1 53  LEU 53  26  26  LEU LEU A . n 
A 1 54  SER 54  27  27  SER SER A . n 
A 1 55  GLN 55  28  28  GLN GLN A . n 
A 1 56  ALA 56  29  29  ALA ALA A . n 
A 1 57  TYR 57  30  30  TYR TYR A . n 
A 1 58  ARG 58  31  31  ARG ARG A . n 
A 1 59  ASN 59  32  32  ASN ASN A . n 
A 1 60  ASN 60  33  33  ASN ASN A . n 
A 1 61  LYS 61  34  34  LYS LYS A . n 
A 1 62  HIS 62  35  35  HIS HIS A . n 
A 1 63  GLU 63  36  36  GLU GLU A . n 
A 1 64  ILE 64  37  37  ILE ILE A . n 
A 1 65  LEU 65  38  38  LEU LEU A . n 
A 1 66  LYS 66  39  39  LYS LYS A . n 
A 1 67  ASN 67  40  40  ASN ASN A . n 
A 1 68  PHE 68  41  41  PHE PHE A . n 
A 1 69  ASN 69  42  42  ASN ASN A . n 
A 1 70  TYR 70  43  43  TYR TYR A . n 
A 1 71  ARG 71  44  44  ARG ARG A . n 
A 1 72  LYS 72  45  45  LYS LYS A . n 
A 1 73  ILE 73  46  46  ILE ILE A . n 
A 1 74  GLY 74  47  47  GLY GLY A . n 
A 1 75  GLY 75  48  48  GLY GLY A . n 
A 1 76  THR 76  49  49  THR THR A . n 
A 1 77  ILE 77  50  50  ILE ILE A . n 
A 1 78  ILE 78  51  51  ILE ILE A . n 
A 1 79  PHE 79  52  52  PHE PHE A . n 
A 1 80  SER 80  53  53  SER SER A . n 
A 1 81  ASP 81  54  54  ASP ASP A . n 
A 1 82  ASN 82  55  55  ASN ASN A . n 
A 1 83  PRO 83  56  56  PRO PRO A . n 
A 1 84  ASN 84  57  57  ASN ASN A . n 
A 1 85  ASN 85  58  58  ASN ASN A . n 
A 1 86  ASP 86  59  59  ASP ASP A . n 
A 1 87  LEU 87  60  60  LEU LEU A . n 
A 1 88  SER 88  61  61  SER SER A . n 
A 1 89  GLN 89  62  62  GLN GLN A . n 
A 1 90  LEU 90  63  63  LEU LEU A . n 
A 1 91  ILE 91  64  64  ILE ILE A . n 
A 1 92  THR 92  65  65  THR THR A . n 
A 1 93  ALA 93  66  66  ALA ALA A . n 
A 1 94  LYS 94  67  67  LYS LYS A . n 
A 1 95  GLU 95  68  68  GLU GLU A . n 
A 1 96  ALA 96  69  69  ALA ALA A . n 
A 1 97  SER 97  70  70  SER SER A . n 
A 1 98  GLN 98  71  71  GLN GLN A . n 
A 1 99  LEU 99  72  72  LEU LEU A . n 
A 1 100 LEU 100 73  73  LEU LEU A . n 
A 1 101 GLY 101 74  74  GLY GLY A . n 
A 1 102 LYS 102 75  75  LYS LYS A . n 
A 1 103 ASN 103 76  76  ASN ASN A . n 
A 1 104 ASP 104 77  77  ASP ASP A . n 
A 1 105 GLU 105 78  78  GLU GLU A . n 
A 1 106 TYR 106 79  79  TYR TYR A . n 
A 1 107 PHE 107 80  80  PHE PHE A . n 
A 1 108 ALA 108 81  81  ALA ALA A . n 
A 1 109 HIS 109 82  82  HIS HIS A . n 
A 1 110 ILE 110 83  83  ILE ILE A . n 
A 1 111 TYR 111 84  84  TYR TYR A . n 
A 1 112 LYS 112 85  85  LYS LYS A . n 
A 1 113 ARG 113 86  86  ARG ARG A . n 
A 1 114 PHE 114 87  87  PHE PHE A . n 
A 1 115 PRO 115 88  88  PRO PRO A . n 
A 1 116 HIS 116 89  89  HIS HIS A . n 
A 1 117 ARG 117 90  90  ARG ARG A . n 
A 1 118 LEU 118 91  91  LEU LEU A . n 
A 1 119 GLU 119 92  92  GLU GLU A . n 
A 1 120 GLY 120 93  93  GLY GLY A . n 
A 1 121 ILE 121 94  94  ILE ILE A . n 
A 1 122 ASP 122 95  95  ASP ASP A . n 
A 1 123 HIS 123 96  96  HIS HIS A . n 
A 1 124 ILE 124 97  97  ILE ILE A . n 
A 1 125 TYR 125 98  98  TYR TYR A . n 
A 1 126 THR 126 99  99  THR THR A . n 
A 1 127 GLY 127 100 100 GLY GLY A . n 
A 1 128 LYS 128 101 101 LYS LYS A . n 
A 1 129 THR 129 102 102 THR THR A . n 
A 1 130 LEU 130 103 103 LEU LEU A . n 
A 1 131 PHE 131 104 104 PHE PHE A . n 
A 1 132 LEU 132 105 105 LEU LEU A . n 
A 1 133 THR 133 106 106 THR THR A . n 
A 1 134 LYS 134 107 107 LYS LYS A . n 
A 1 135 GLU 135 108 108 GLU GLU A . n 
A 1 136 SER 136 109 109 SER SER A . n 
A 1 137 LEU 137 110 110 LEU LEU A . n 
A 1 138 GLU 138 111 111 GLU GLU A . n 
A 1 139 VAL 139 112 112 VAL VAL A . n 
A 1 140 PHE 140 113 113 PHE PHE A . n 
A 1 141 LYS 141 114 114 LYS LYS A . n 
A 1 142 LYS 142 115 115 LYS LYS A . n 
A 1 143 LYS 143 116 116 LYS LYS A . n 
A 1 144 MSE 144 117 117 MSE MSE A . n 
A 1 145 ASN 145 118 ?   ?   ?   A . n 
A 1 146 LYS 146 119 ?   ?   ?   A . n 
A 1 147 ASN 147 120 ?   ?   ?   A . n 
A 1 148 VAL 148 121 ?   ?   ?   A . n 
A 1 149 ARG 149 122 ?   ?   ?   A . n 
# 
loop_
_pdbx_nonpoly_scheme.asym_id 
_pdbx_nonpoly_scheme.entity_id 
_pdbx_nonpoly_scheme.mon_id 
_pdbx_nonpoly_scheme.ndb_seq_num 
_pdbx_nonpoly_scheme.pdb_seq_num 
_pdbx_nonpoly_scheme.auth_seq_num 
_pdbx_nonpoly_scheme.pdb_mon_id 
_pdbx_nonpoly_scheme.auth_mon_id 
_pdbx_nonpoly_scheme.pdb_strand_id 
_pdbx_nonpoly_scheme.pdb_ins_code 
B 2 HOH 1   201 365 HOH HOH A . 
B 2 HOH 2   202 415 HOH HOH A . 
B 2 HOH 3   203 267 HOH HOH A . 
B 2 HOH 4   204 310 HOH HOH A . 
B 2 HOH 5   205 269 HOH HOH A . 
B 2 HOH 6   206 274 HOH HOH A . 
B 2 HOH 7   207 342 HOH HOH A . 
B 2 HOH 8   208 306 HOH HOH A . 
B 2 HOH 9   209 299 HOH HOH A . 
B 2 HOH 10  210 206 HOH HOH A . 
B 2 HOH 11  211 239 HOH HOH A . 
B 2 HOH 12  212 368 HOH HOH A . 
B 2 HOH 13  213 251 HOH HOH A . 
B 2 HOH 14  214 320 HOH HOH A . 
B 2 HOH 15  215 315 HOH HOH A . 
B 2 HOH 16  216 328 HOH HOH A . 
B 2 HOH 17  217 282 HOH HOH A . 
B 2 HOH 18  218 335 HOH HOH A . 
B 2 HOH 19  219 374 HOH HOH A . 
B 2 HOH 20  220 302 HOH HOH A . 
B 2 HOH 21  221 323 HOH HOH A . 
B 2 HOH 22  222 372 HOH HOH A . 
B 2 HOH 23  223 224 HOH HOH A . 
B 2 HOH 24  224 293 HOH HOH A . 
B 2 HOH 25  225 334 HOH HOH A . 
B 2 HOH 26  226 208 HOH HOH A . 
B 2 HOH 27  227 230 HOH HOH A . 
B 2 HOH 28  228 275 HOH HOH A . 
B 2 HOH 29  229 214 HOH HOH A . 
B 2 HOH 30  230 371 HOH HOH A . 
B 2 HOH 31  231 384 HOH HOH A . 
B 2 HOH 32  232 345 HOH HOH A . 
B 2 HOH 33  233 362 HOH HOH A . 
B 2 HOH 34  234 385 HOH HOH A . 
B 2 HOH 35  235 207 HOH HOH A . 
B 2 HOH 36  236 394 HOH HOH A . 
B 2 HOH 37  237 226 HOH HOH A . 
B 2 HOH 38  238 360 HOH HOH A . 
B 2 HOH 39  239 343 HOH HOH A . 
B 2 HOH 40  240 272 HOH HOH A . 
B 2 HOH 41  241 292 HOH HOH A . 
B 2 HOH 42  242 319 HOH HOH A . 
B 2 HOH 43  243 233 HOH HOH A . 
B 2 HOH 44  244 219 HOH HOH A . 
B 2 HOH 45  245 203 HOH HOH A . 
B 2 HOH 46  246 376 HOH HOH A . 
B 2 HOH 47  247 311 HOH HOH A . 
B 2 HOH 48  248 397 HOH HOH A . 
B 2 HOH 49  249 317 HOH HOH A . 
B 2 HOH 50  250 393 HOH HOH A . 
B 2 HOH 51  251 280 HOH HOH A . 
B 2 HOH 52  252 243 HOH HOH A . 
B 2 HOH 53  253 324 HOH HOH A . 
B 2 HOH 54  254 231 HOH HOH A . 
B 2 HOH 55  255 369 HOH HOH A . 
B 2 HOH 56  256 211 HOH HOH A . 
B 2 HOH 57  257 202 HOH HOH A . 
B 2 HOH 58  258 210 HOH HOH A . 
B 2 HOH 59  259 332 HOH HOH A . 
B 2 HOH 60  260 273 HOH HOH A . 
B 2 HOH 61  261 245 HOH HOH A . 
B 2 HOH 62  262 350 HOH HOH A . 
B 2 HOH 63  263 221 HOH HOH A . 
B 2 HOH 64  264 220 HOH HOH A . 
B 2 HOH 65  265 381 HOH HOH A . 
B 2 HOH 66  266 296 HOH HOH A . 
B 2 HOH 67  267 235 HOH HOH A . 
B 2 HOH 68  268 212 HOH HOH A . 
B 2 HOH 69  269 223 HOH HOH A . 
B 2 HOH 70  270 276 HOH HOH A . 
B 2 HOH 71  271 253 HOH HOH A . 
B 2 HOH 72  272 222 HOH HOH A . 
B 2 HOH 73  273 373 HOH HOH A . 
B 2 HOH 74  274 248 HOH HOH A . 
B 2 HOH 75  275 256 HOH HOH A . 
B 2 HOH 76  276 270 HOH HOH A . 
B 2 HOH 77  277 217 HOH HOH A . 
B 2 HOH 78  278 201 HOH HOH A . 
B 2 HOH 79  279 314 HOH HOH A . 
B 2 HOH 80  280 289 HOH HOH A . 
B 2 HOH 81  281 348 HOH HOH A . 
B 2 HOH 82  282 262 HOH HOH A . 
B 2 HOH 83  283 403 HOH HOH A . 
B 2 HOH 84  284 336 HOH HOH A . 
B 2 HOH 85  285 283 HOH HOH A . 
B 2 HOH 86  286 297 HOH HOH A . 
B 2 HOH 87  287 401 HOH HOH A . 
B 2 HOH 88  288 395 HOH HOH A . 
B 2 HOH 89  289 375 HOH HOH A . 
B 2 HOH 90  290 370 HOH HOH A . 
B 2 HOH 91  291 379 HOH HOH A . 
B 2 HOH 92  292 284 HOH HOH A . 
B 2 HOH 93  293 271 HOH HOH A . 
B 2 HOH 94  294 409 HOH HOH A . 
B 2 HOH 95  295 278 HOH HOH A . 
B 2 HOH 96  296 354 HOH HOH A . 
B 2 HOH 97  297 407 HOH HOH A . 
B 2 HOH 98  298 325 HOH HOH A . 
B 2 HOH 99  299 356 HOH HOH A . 
B 2 HOH 100 300 367 HOH HOH A . 
B 2 HOH 101 301 279 HOH HOH A . 
B 2 HOH 102 302 364 HOH HOH A . 
B 2 HOH 103 303 339 HOH HOH A . 
B 2 HOH 104 304 355 HOH HOH A . 
B 2 HOH 105 305 277 HOH HOH A . 
B 2 HOH 106 306 244 HOH HOH A . 
B 2 HOH 107 307 352 HOH HOH A . 
B 2 HOH 108 308 387 HOH HOH A . 
B 2 HOH 109 309 268 HOH HOH A . 
B 2 HOH 110 310 399 HOH HOH A . 
B 2 HOH 111 311 377 HOH HOH A . 
B 2 HOH 112 312 361 HOH HOH A . 
B 2 HOH 113 313 259 HOH HOH A . 
B 2 HOH 114 314 391 HOH HOH A . 
B 2 HOH 115 315 396 HOH HOH A . 
B 2 HOH 116 316 412 HOH HOH A . 
B 2 HOH 117 317 266 HOH HOH A . 
B 2 HOH 118 318 388 HOH HOH A . 
B 2 HOH 119 319 398 HOH HOH A . 
B 2 HOH 120 320 303 HOH HOH A . 
B 2 HOH 121 321 386 HOH HOH A . 
B 2 HOH 122 322 257 HOH HOH A . 
B 2 HOH 123 323 298 HOH HOH A . 
B 2 HOH 124 324 414 HOH HOH A . 
B 2 HOH 125 325 308 HOH HOH A . 
B 2 HOH 126 326 321 HOH HOH A . 
B 2 HOH 127 327 234 HOH HOH A . 
B 2 HOH 128 328 327 HOH HOH A . 
B 2 HOH 129 329 337 HOH HOH A . 
B 2 HOH 130 330 389 HOH HOH A . 
B 2 HOH 131 331 359 HOH HOH A . 
B 2 HOH 132 332 204 HOH HOH A . 
B 2 HOH 133 333 205 HOH HOH A . 
B 2 HOH 134 334 209 HOH HOH A . 
B 2 HOH 135 335 213 HOH HOH A . 
B 2 HOH 136 336 215 HOH HOH A . 
B 2 HOH 137 337 216 HOH HOH A . 
B 2 HOH 138 338 218 HOH HOH A . 
B 2 HOH 139 339 225 HOH HOH A . 
B 2 HOH 140 340 227 HOH HOH A . 
B 2 HOH 141 341 228 HOH HOH A . 
B 2 HOH 142 342 229 HOH HOH A . 
B 2 HOH 143 343 232 HOH HOH A . 
B 2 HOH 144 344 236 HOH HOH A . 
B 2 HOH 145 345 237 HOH HOH A . 
B 2 HOH 146 346 238 HOH HOH A . 
B 2 HOH 147 347 240 HOH HOH A . 
B 2 HOH 148 348 241 HOH HOH A . 
B 2 HOH 149 349 242 HOH HOH A . 
B 2 HOH 150 350 246 HOH HOH A . 
B 2 HOH 151 351 247 HOH HOH A . 
B 2 HOH 152 352 249 HOH HOH A . 
B 2 HOH 153 353 250 HOH HOH A . 
B 2 HOH 154 354 252 HOH HOH A . 
B 2 HOH 155 355 254 HOH HOH A . 
B 2 HOH 156 356 255 HOH HOH A . 
B 2 HOH 157 357 258 HOH HOH A . 
B 2 HOH 158 358 260 HOH HOH A . 
B 2 HOH 159 359 261 HOH HOH A . 
B 2 HOH 160 360 263 HOH HOH A . 
B 2 HOH 161 361 264 HOH HOH A . 
B 2 HOH 162 362 265 HOH HOH A . 
B 2 HOH 163 363 281 HOH HOH A . 
B 2 HOH 164 364 285 HOH HOH A . 
B 2 HOH 165 365 286 HOH HOH A . 
B 2 HOH 166 366 287 HOH HOH A . 
B 2 HOH 167 367 288 HOH HOH A . 
B 2 HOH 168 368 290 HOH HOH A . 
B 2 HOH 169 369 291 HOH HOH A . 
B 2 HOH 170 370 294 HOH HOH A . 
B 2 HOH 171 371 295 HOH HOH A . 
B 2 HOH 172 372 300 HOH HOH A . 
B 2 HOH 173 373 301 HOH HOH A . 
B 2 HOH 174 374 304 HOH HOH A . 
B 2 HOH 175 375 305 HOH HOH A . 
B 2 HOH 176 376 307 HOH HOH A . 
B 2 HOH 177 377 309 HOH HOH A . 
B 2 HOH 178 378 312 HOH HOH A . 
B 2 HOH 179 379 313 HOH HOH A . 
B 2 HOH 180 380 316 HOH HOH A . 
B 2 HOH 181 381 318 HOH HOH A . 
B 2 HOH 182 382 322 HOH HOH A . 
B 2 HOH 183 383 326 HOH HOH A . 
B 2 HOH 184 384 329 HOH HOH A . 
B 2 HOH 185 385 330 HOH HOH A . 
B 2 HOH 186 386 331 HOH HOH A . 
B 2 HOH 187 387 333 HOH HOH A . 
B 2 HOH 188 388 338 HOH HOH A . 
B 2 HOH 189 389 340 HOH HOH A . 
B 2 HOH 190 390 341 HOH HOH A . 
B 2 HOH 191 391 344 HOH HOH A . 
B 2 HOH 192 392 346 HOH HOH A . 
B 2 HOH 193 393 347 HOH HOH A . 
B 2 HOH 194 394 349 HOH HOH A . 
B 2 HOH 195 395 351 HOH HOH A . 
B 2 HOH 196 396 353 HOH HOH A . 
B 2 HOH 197 397 357 HOH HOH A . 
B 2 HOH 198 398 358 HOH HOH A . 
B 2 HOH 199 399 363 HOH HOH A . 
B 2 HOH 200 400 366 HOH HOH A . 
B 2 HOH 201 401 378 HOH HOH A . 
B 2 HOH 202 402 380 HOH HOH A . 
B 2 HOH 203 403 382 HOH HOH A . 
B 2 HOH 204 404 383 HOH HOH A . 
B 2 HOH 205 405 390 HOH HOH A . 
B 2 HOH 206 406 392 HOH HOH A . 
B 2 HOH 207 407 400 HOH HOH A . 
B 2 HOH 208 408 402 HOH HOH A . 
B 2 HOH 209 409 404 HOH HOH A . 
B 2 HOH 210 410 405 HOH HOH A . 
B 2 HOH 211 411 406 HOH HOH A . 
B 2 HOH 212 412 408 HOH HOH A . 
B 2 HOH 213 413 410 HOH HOH A . 
B 2 HOH 214 414 411 HOH HOH A . 
B 2 HOH 215 415 413 HOH HOH A . 
# 
loop_
_software.citation_id 
_software.classification 
_software.compiler_name 
_software.compiler_version 
_software.contact_author 
_software.contact_author_email 
_software.date 
_software.description 
_software.dependencies 
_software.hardware 
_software.language 
_software.location 
_software.mods 
_software.name 
_software.os 
_software.os_version 
_software.type 
_software.version 
_software.pdbx_ordinal 
? 'data reduction' . . . . . . . . . . . MOSFLM . . . .        1 
? 'data scaling'   . . . . . . . . . . . SCALA  . . . .        2 
? refinement       . . . . . . . . . . . REFMAC . . . 5.6.0117 3 
? phasing          ? ? ? ? ? ? ? ? ? ? ? SHELXD ? ? ? .        4 
# 
_cell.entry_id           4P0Z 
_cell.length_a           33.150 
_cell.length_b           55.090 
_cell.length_c           35.520 
_cell.angle_alpha        90.00 
_cell.angle_beta         113.05 
_cell.angle_gamma        90.00 
_cell.Z_PDB              2 
_cell.pdbx_unique_axis   ? 
# 
_symmetry.entry_id                         4P0Z 
_symmetry.cell_setting                     . 
_symmetry.Int_Tables_number                4 
_symmetry.space_group_name_Hall            . 
_symmetry.space_group_name_H-M             'P 1 21 1' 
_symmetry.pdbx_full_space_group_name_H-M   . 
# 
_exptl.absorpt_coefficient_mu     . 
_exptl.absorpt_correction_T_max   . 
_exptl.absorpt_correction_T_min   . 
_exptl.absorpt_correction_type    . 
_exptl.absorpt_process_details    . 
_exptl.entry_id                   4P0Z 
_exptl.crystals_number            1 
_exptl.details                    . 
_exptl.method                     'X-RAY DIFFRACTION' 
_exptl.method_details             . 
# 
_exptl_crystal.colour                      . 
_exptl_crystal.density_diffrn              . 
_exptl_crystal.density_Matthews            1.68 
_exptl_crystal.density_method              . 
_exptl_crystal.density_percent_sol         26.69 
_exptl_crystal.description                 . 
_exptl_crystal.F_000                       . 
_exptl_crystal.id                          1 
_exptl_crystal.preparation                 . 
_exptl_crystal.size_max                    . 
_exptl_crystal.size_mid                    . 
_exptl_crystal.size_min                    . 
_exptl_crystal.size_rad                    . 
_exptl_crystal.colour_lustre               . 
_exptl_crystal.colour_modifier             . 
_exptl_crystal.colour_primary              . 
_exptl_crystal.density_meas                . 
_exptl_crystal.density_meas_esd            . 
_exptl_crystal.density_meas_gt             . 
_exptl_crystal.density_meas_lt             . 
_exptl_crystal.density_meas_temp           . 
_exptl_crystal.density_meas_temp_esd       . 
_exptl_crystal.density_meas_temp_gt        . 
_exptl_crystal.density_meas_temp_lt        . 
_exptl_crystal.pdbx_crystal_image_url      . 
_exptl_crystal.pdbx_crystal_image_format   . 
_exptl_crystal.pdbx_mosaicity              . 
_exptl_crystal.pdbx_mosaicity_esd          . 
# 
_exptl_crystal_grow.apparatus       . 
_exptl_crystal_grow.atmosphere      . 
_exptl_crystal_grow.crystal_id      1 
_exptl_crystal_grow.details         . 
_exptl_crystal_grow.method          'VAPOR DIFFUSION' 
_exptl_crystal_grow.method_ref      . 
_exptl_crystal_grow.pH              5.5 
_exptl_crystal_grow.pressure        . 
_exptl_crystal_grow.pressure_esd    . 
_exptl_crystal_grow.seeding         . 
_exptl_crystal_grow.seeding_ref     . 
_exptl_crystal_grow.temp            298 
_exptl_crystal_grow.temp_details    . 
_exptl_crystal_grow.temp_esd        . 
_exptl_crystal_grow.time            . 
_exptl_crystal_grow.pdbx_details    'BIS-TRIS, PEG 3.350, SEEDING STOCK 1:1' 
_exptl_crystal_grow.pdbx_pH_range   . 
# 
_diffrn.ambient_environment    . 
_diffrn.ambient_temp           100 
_diffrn.ambient_temp_details   . 
_diffrn.ambient_temp_esd       . 
_diffrn.crystal_id             1 
_diffrn.crystal_support        . 
_diffrn.crystal_treatment      . 
_diffrn.details                . 
_diffrn.id                     1 
_diffrn.ambient_pressure       . 
_diffrn.ambient_pressure_esd   . 
_diffrn.ambient_pressure_gt    . 
_diffrn.ambient_pressure_lt    . 
_diffrn.ambient_temp_gt        . 
_diffrn.ambient_temp_lt        . 
# 
_diffrn_detector.details                      
'TOROIDAL MIRROR (M2) TO VERTICALLY AND HORIZONTALLY FOCUS THE BEAM AT THE SAMPLE POSITION DEMAGNIFICATION)' 
_diffrn_detector.detector                     CCD 
_diffrn_detector.diffrn_id                    1 
_diffrn_detector.type                         'MARMOSAIC 225 mm CCD' 
_diffrn_detector.area_resol_mean              . 
_diffrn_detector.dtime                        . 
_diffrn_detector.pdbx_frames_total            . 
_diffrn_detector.pdbx_collection_time_total   . 
_diffrn_detector.pdbx_collection_date         2010-11-28 
# 
_diffrn_radiation.collimation                      . 
_diffrn_radiation.diffrn_id                        1 
_diffrn_radiation.filter_edge                      . 
_diffrn_radiation.inhomogeneity                    . 
_diffrn_radiation.monochromator                    'BARTELS MONOCROMATOR' 
_diffrn_radiation.polarisn_norm                    . 
_diffrn_radiation.polarisn_ratio                   . 
_diffrn_radiation.probe                            . 
_diffrn_radiation.type                             . 
_diffrn_radiation.xray_symbol                      . 
_diffrn_radiation.wavelength_id                    1 
_diffrn_radiation.pdbx_monochromatic_or_laue_m_l   . 
_diffrn_radiation.pdbx_wavelength_list             . 
_diffrn_radiation.pdbx_wavelength                  . 
_diffrn_radiation.pdbx_diffrn_protocol             'SINGLE WAVELENGTH' 
_diffrn_radiation.pdbx_analyzer                    . 
_diffrn_radiation.pdbx_scattering_type             x-ray 
# 
_diffrn_radiation_wavelength.id           1 
_diffrn_radiation_wavelength.wavelength   0.9794 
_diffrn_radiation_wavelength.wt           1.0 
# 
_diffrn_source.current                     . 
_diffrn_source.details                     . 
_diffrn_source.diffrn_id                   1 
_diffrn_source.power                       . 
_diffrn_source.size                        . 
_diffrn_source.source                      SYNCHROTRON 
_diffrn_source.target                      . 
_diffrn_source.type                        'SLS BEAMLINE X06DA' 
_diffrn_source.voltage                     . 
_diffrn_source.take-off_angle              . 
_diffrn_source.pdbx_wavelength_list        0.9794 
_diffrn_source.pdbx_wavelength             . 
_diffrn_source.pdbx_synchrotron_beamline   X06DA 
_diffrn_source.pdbx_synchrotron_site       SLS 
# 
_reflns.B_iso_Wilson_estimate            . 
_reflns.entry_id                         4P0Z 
_reflns.data_reduction_details           . 
_reflns.data_reduction_method            . 
_reflns.d_resolution_high                1.350 
_reflns.d_resolution_low                 32.684 
_reflns.details                          . 
_reflns.limit_h_max                      . 
_reflns.limit_h_min                      . 
_reflns.limit_k_max                      . 
_reflns.limit_k_min                      . 
_reflns.limit_l_max                      . 
_reflns.limit_l_min                      . 
_reflns.number_all                       . 
_reflns.number_obs                       25731 
_reflns.observed_criterion               . 
_reflns.observed_criterion_F_max         . 
_reflns.observed_criterion_F_min         . 
_reflns.observed_criterion_I_max         . 
_reflns.observed_criterion_I_min         . 
_reflns.observed_criterion_sigma_F       . 
_reflns.observed_criterion_sigma_I       0.000 
_reflns.percent_possible_obs             99.4 
_reflns.R_free_details                   . 
_reflns.Rmerge_F_all                     . 
_reflns.Rmerge_F_obs                     . 
_reflns.Friedel_coverage                 . 
_reflns.number_gt                        . 
_reflns.threshold_expression             . 
_reflns.pdbx_redundancy                  7.400 
_reflns.pdbx_Rmerge_I_obs                . 
_reflns.pdbx_Rmerge_I_all                . 
_reflns.pdbx_Rsym_value                  0.09200 
_reflns.pdbx_netI_over_av_sigmaI         . 
_reflns.pdbx_netI_over_sigmaI            10.9000 
_reflns.pdbx_res_netI_over_av_sigmaI_2   . 
_reflns.pdbx_res_netI_over_sigmaI_2      . 
_reflns.pdbx_chi_squared                 . 
_reflns.pdbx_scaling_rejects             . 
_reflns.pdbx_d_res_high_opt              . 
_reflns.pdbx_d_res_low_opt               . 
_reflns.pdbx_d_res_opt_method            . 
_reflns.phase_calculation_details        . 
_reflns.pdbx_Rrim_I_all                  . 
_reflns.pdbx_Rpim_I_all                  . 
_reflns.pdbx_d_opt                       . 
_reflns.pdbx_number_measured_all         . 
_reflns.pdbx_diffrn_id                   1 
_reflns.pdbx_ordinal                     1 
# 
_reflns_shell.d_res_high                  1.35 
_reflns_shell.d_res_low                   1.42 
_reflns_shell.meanI_over_sigI_all         . 
_reflns_shell.meanI_over_sigI_obs         1.200 
_reflns_shell.number_measured_all         . 
_reflns_shell.number_measured_obs         . 
_reflns_shell.number_possible             . 
_reflns_shell.number_unique_all           . 
_reflns_shell.number_unique_obs           . 
_reflns_shell.percent_possible_all        98.6 
_reflns_shell.percent_possible_obs        . 
_reflns_shell.Rmerge_F_all                . 
_reflns_shell.Rmerge_F_obs                . 
_reflns_shell.Rmerge_I_all                . 
_reflns_shell.Rmerge_I_obs                0.62900 
_reflns_shell.meanI_over_sigI_gt          . 
_reflns_shell.meanI_over_uI_all           . 
_reflns_shell.meanI_over_uI_gt            . 
_reflns_shell.number_measured_gt          . 
_reflns_shell.number_unique_gt            . 
_reflns_shell.percent_possible_gt         . 
_reflns_shell.Rmerge_F_gt                 . 
_reflns_shell.Rmerge_I_gt                 . 
_reflns_shell.pdbx_redundancy             7.30 
_reflns_shell.pdbx_Rsym_value             0.62900 
_reflns_shell.pdbx_chi_squared            . 
_reflns_shell.pdbx_netI_over_sigmaI_all   . 
_reflns_shell.pdbx_netI_over_sigmaI_obs   . 
_reflns_shell.pdbx_Rrim_I_all             . 
_reflns_shell.pdbx_Rpim_I_all             . 
_reflns_shell.pdbx_rejects                . 
_reflns_shell.pdbx_ordinal                1 
_reflns_shell.pdbx_diffrn_id              1 
# 
_refine.aniso_B[1][1]                            -0.62000 
_refine.aniso_B[1][2]                            0.00000 
_refine.aniso_B[1][3]                            0.22000 
_refine.aniso_B[2][2]                            -0.37000 
_refine.aniso_B[2][3]                            0.00000 
_refine.aniso_B[3][3]                            1.17000 
_refine.B_iso_max                                . 
_refine.B_iso_mean                               17.72 
_refine.B_iso_min                                . 
_refine.correlation_coeff_Fo_to_Fc               0.970 
_refine.correlation_coeff_Fo_to_Fc_free          0.963 
_refine.details                                  'HYDROGENS HAVE BEEN USED IF PRESENT IN' 
_refine.diff_density_max                         . 
_refine.diff_density_max_esd                     . 
_refine.diff_density_min                         . 
_refine.diff_density_min_esd                     . 
_refine.diff_density_rms                         . 
_refine.diff_density_rms_esd                     . 
_refine.entry_id                                 4P0Z 
_refine.pdbx_refine_id                           'X-RAY DIFFRACTION' 
_refine.ls_abs_structure_details                 . 
_refine.ls_abs_structure_Flack                   . 
_refine.ls_abs_structure_Flack_esd               . 
_refine.ls_abs_structure_Rogers                  . 
_refine.ls_abs_structure_Rogers_esd              . 
_refine.ls_d_res_high                            1.35 
_refine.ls_d_res_low                             32.68 
_refine.ls_extinction_coef                       . 
_refine.ls_extinction_coef_esd                   . 
_refine.ls_extinction_expression                 . 
_refine.ls_extinction_method                     . 
_refine.ls_goodness_of_fit_all                   . 
_refine.ls_goodness_of_fit_all_esd               . 
_refine.ls_goodness_of_fit_obs                   . 
_refine.ls_goodness_of_fit_obs_esd               . 
_refine.ls_hydrogen_treatment                    . 
_refine.ls_matrix_type                           . 
_refine.ls_number_constraints                    . 
_refine.ls_number_parameters                     . 
_refine.ls_number_reflns_all                     . 
_refine.ls_number_reflns_obs                     24392 
_refine.ls_number_reflns_R_free                  1311 
_refine.ls_number_reflns_R_work                  . 
_refine.ls_number_restraints                     . 
_refine.ls_percent_reflns_obs                    99.2 
_refine.ls_percent_reflns_R_free                 5.100 
_refine.ls_R_factor_all                          . 
_refine.ls_R_factor_obs                          0.170 
_refine.ls_R_factor_R_free                       0.202 
_refine.ls_R_factor_R_free_error                 . 
_refine.ls_R_factor_R_free_error_details         . 
_refine.ls_R_factor_R_work                       0.169 
_refine.ls_R_Fsqd_factor_obs                     . 
_refine.ls_R_I_factor_obs                        . 
_refine.ls_redundancy_reflns_all                 . 
_refine.ls_redundancy_reflns_obs                 . 
_refine.ls_restrained_S_all                      . 
_refine.ls_restrained_S_obs                      . 
_refine.ls_shift_over_esd_max                    . 
_refine.ls_shift_over_esd_mean                   . 
_refine.ls_structure_factor_coef                 . 
_refine.ls_weighting_details                     . 
_refine.ls_weighting_scheme                      . 
_refine.ls_wR_factor_all                         . 
_refine.ls_wR_factor_obs                         . 
_refine.ls_wR_factor_R_free                      . 
_refine.ls_wR_factor_R_work                      . 
_refine.occupancy_max                            . 
_refine.occupancy_min                            . 
_refine.overall_SU_B                             1.035 
_refine.overall_SU_ML                            0.043 
_refine.overall_SU_R_Cruickshank_DPI             . 
_refine.overall_SU_R_free                        . 
_refine.overall_FOM_free_R_set                   . 
_refine.overall_FOM_work_R_set                   . 
_refine.solvent_model_details                    MASK 
_refine.solvent_model_param_bsol                 . 
_refine.solvent_model_param_ksol                 . 
_refine.ls_R_factor_gt                           . 
_refine.ls_goodness_of_fit_gt                    . 
_refine.ls_goodness_of_fit_ref                   . 
_refine.ls_shift_over_su_max                     . 
_refine.ls_shift_over_su_max_lt                  . 
_refine.ls_shift_over_su_mean                    . 
_refine.ls_shift_over_su_mean_lt                 . 
_refine.pdbx_ls_sigma_I                          . 
_refine.pdbx_ls_sigma_F                          0.000 
_refine.pdbx_ls_sigma_Fsqd                       . 
_refine.pdbx_data_cutoff_high_absF               . 
_refine.pdbx_data_cutoff_high_rms_absF           . 
_refine.pdbx_data_cutoff_low_absF                . 
_refine.pdbx_isotropic_thermal_model             . 
_refine.pdbx_ls_cross_valid_method               THROUGHOUT 
_refine.pdbx_method_to_determine_struct          SAD 
_refine.pdbx_starting_model                      . 
_refine.pdbx_stereochemistry_target_values       'MAXIMUM LIKELIHOOD' 
_refine.pdbx_R_Free_selection_details            RANDOM 
_refine.pdbx_stereochem_target_val_spec_case     . 
_refine.pdbx_overall_ESU_R                       0.058 
_refine.pdbx_overall_ESU_R_Free                  0.063 
_refine.pdbx_solvent_vdw_probe_radii             1.20 
_refine.pdbx_solvent_ion_probe_radii             0.80 
_refine.pdbx_solvent_shrinkage_radii             0.80 
_refine.pdbx_real_space_R                        . 
_refine.pdbx_density_correlation                 . 
_refine.pdbx_pd_number_of_powder_patterns        . 
_refine.pdbx_pd_number_of_points                 . 
_refine.pdbx_pd_meas_number_of_points            . 
_refine.pdbx_pd_proc_ls_prof_R_factor            . 
_refine.pdbx_pd_proc_ls_prof_wR_factor           . 
_refine.pdbx_pd_Marquardt_correlation_coeff      . 
_refine.pdbx_pd_Fsqrd_R_factor                   . 
_refine.pdbx_pd_ls_matrix_band_width             . 
_refine.pdbx_overall_phase_error                 . 
_refine.pdbx_overall_SU_R_free_Cruickshank_DPI   . 
_refine.pdbx_overall_SU_R_free_Blow_DPI          . 
_refine.pdbx_overall_SU_R_Blow_DPI               . 
_refine.pdbx_TLS_residual_ADP_flag               . 
_refine.pdbx_diffrn_id                           1 
# 
_refine_hist.pdbx_refine_id                   'X-RAY DIFFRACTION' 
_refine_hist.cycle_id                         LAST 
_refine_hist.pdbx_number_atoms_protein        970 
_refine_hist.pdbx_number_atoms_nucleic_acid   0 
_refine_hist.pdbx_number_atoms_ligand         0 
_refine_hist.number_atoms_solvent             215 
_refine_hist.number_atoms_total               1185 
_refine_hist.d_res_high                       1.35 
_refine_hist.d_res_low                        32.68 
# 
loop_
_refine_ls_restr.pdbx_refine_id 
_refine_ls_restr.criterion 
_refine_ls_restr.dev_ideal 
_refine_ls_restr.dev_ideal_target 
_refine_ls_restr.number 
_refine_ls_restr.rejects 
_refine_ls_restr.type 
_refine_ls_restr.weight 
_refine_ls_restr.pdbx_restraint_function 
'X-RAY DIFFRACTION' . 0.025  0.020  1038 . r_bond_refined_d             . . 
'X-RAY DIFFRACTION' . .      .      .    . r_bond_other_d               . . 
'X-RAY DIFFRACTION' . 2.481  1.963  1396 . r_angle_refined_deg          . . 
'X-RAY DIFFRACTION' . .      .      .    . r_angle_other_deg            . . 
'X-RAY DIFFRACTION' . 6.339  5.000  126  . r_dihedral_angle_1_deg       . . 
'X-RAY DIFFRACTION' . 34.856 24.259 54   . r_dihedral_angle_2_deg       . . 
'X-RAY DIFFRACTION' . 12.546 15.000 199  . r_dihedral_angle_3_deg       . . 
'X-RAY DIFFRACTION' . 13.479 15.000 7    . r_dihedral_angle_4_deg       . . 
'X-RAY DIFFRACTION' . 0.165  0.200  145  . r_chiral_restr               . . 
'X-RAY DIFFRACTION' . 0.014  0.020  793  . r_gen_planes_refined         . . 
'X-RAY DIFFRACTION' . .      .      .    . r_gen_planes_other           . . 
'X-RAY DIFFRACTION' . .      .      .    . r_nbd_refined                . . 
'X-RAY DIFFRACTION' . .      .      .    . r_nbd_other                  . . 
'X-RAY DIFFRACTION' . .      .      .    . r_nbtor_refined              . . 
'X-RAY DIFFRACTION' . .      .      .    . r_nbtor_other                . . 
'X-RAY DIFFRACTION' . .      .      .    . r_xyhbond_nbd_refined        . . 
'X-RAY DIFFRACTION' . .      .      .    . r_xyhbond_nbd_other          . . 
'X-RAY DIFFRACTION' . .      .      .    . r_metal_ion_refined          . . 
'X-RAY DIFFRACTION' . .      .      .    . r_metal_ion_other            . . 
'X-RAY DIFFRACTION' . .      .      .    . r_symmetry_vdw_refined       . . 
'X-RAY DIFFRACTION' . .      .      .    . r_symmetry_vdw_other         . . 
'X-RAY DIFFRACTION' . .      .      .    . r_symmetry_hbond_refined     . . 
'X-RAY DIFFRACTION' . .      .      .    . r_symmetry_hbond_other       . . 
'X-RAY DIFFRACTION' . .      .      .    . r_symmetry_metal_ion_refined . . 
'X-RAY DIFFRACTION' . .      .      .    . r_symmetry_metal_ion_other   . . 
'X-RAY DIFFRACTION' . .      .      .    . r_mcbond_it                  . . 
'X-RAY DIFFRACTION' . .      .      .    . r_mcbond_other               . . 
'X-RAY DIFFRACTION' . .      .      .    . r_mcangle_it                 . . 
'X-RAY DIFFRACTION' . .      .      .    . r_mcangle_other              . . 
'X-RAY DIFFRACTION' . .      .      .    . r_scbond_it                  . . 
'X-RAY DIFFRACTION' . .      .      .    . r_scbond_other               . . 
'X-RAY DIFFRACTION' . .      .      .    . r_scangle_it                 . . 
'X-RAY DIFFRACTION' . .      .      .    . r_scangle_other              . . 
'X-RAY DIFFRACTION' . .      .      .    . r_long_range_B_refined       . . 
'X-RAY DIFFRACTION' . .      .      .    . r_long_range_B_other         . . 
'X-RAY DIFFRACTION' . .      .      .    . r_rigid_bond_restr           . . 
'X-RAY DIFFRACTION' . .      .      .    . r_sphericity_free            . . 
'X-RAY DIFFRACTION' . .      .      .    . r_sphericity_bonded          . . 
# 
_refine_ls_shell.pdbx_refine_id                   'X-RAY DIFFRACTION' 
_refine_ls_shell.d_res_high                       1.35 
_refine_ls_shell.d_res_low                        1.39 
_refine_ls_shell.number_reflns_all                . 
_refine_ls_shell.number_reflns_obs                . 
_refine_ls_shell.number_reflns_R_free             102 
_refine_ls_shell.number_reflns_R_work             1736 
_refine_ls_shell.percent_reflns_obs               97.97 
_refine_ls_shell.percent_reflns_R_free            . 
_refine_ls_shell.R_factor_all                     . 
_refine_ls_shell.R_factor_obs                     . 
_refine_ls_shell.R_factor_R_free                  0.2750 
_refine_ls_shell.R_factor_R_free_error            . 
_refine_ls_shell.R_factor_R_work                  0.2690 
_refine_ls_shell.redundancy_reflns_all            . 
_refine_ls_shell.redundancy_reflns_obs            . 
_refine_ls_shell.wR_factor_all                    . 
_refine_ls_shell.wR_factor_obs                    . 
_refine_ls_shell.wR_factor_R_free                 . 
_refine_ls_shell.wR_factor_R_work                 . 
_refine_ls_shell.pdbx_total_number_of_bins_used   20 
_refine_ls_shell.pdbx_phase_error                 . 
# 
_struct.entry_id                     4P0Z 
_struct.title                        
'Structure of the double stranded DNA binding type IV secretion protein TraN from Enterococcus' 
_struct.pdbx_model_details           . 
_struct.pdbx_formula_weight          . 
_struct.pdbx_formula_weight_method   . 
_struct.pdbx_model_type_details      . 
_struct.pdbx_CASP_flag               . 
# 
_struct_keywords.entry_id        4P0Z 
_struct_keywords.text            'GRAM-POSITIVE, CONJUGATION, HELIX-TURN-HELIX, DSDNA BINDING, DNA BINDING PROTEIN' 
_struct_keywords.pdbx_keywords   'DNA BINDING PROTEIN' 
# 
loop_
_struct_asym.id 
_struct_asym.pdbx_blank_PDB_chainid_flag 
_struct_asym.pdbx_modified 
_struct_asym.entity_id 
_struct_asym.details 
A N N 1 ? 
B N N 2 ? 
# 
_struct_ref.id                         1 
_struct_ref.db_name                    UNP 
_struct_ref.db_code                    Q7BVV5_ENTFL 
_struct_ref.pdbx_db_accession          Q7BVV5 
_struct_ref.entity_id                  1 
_struct_ref.pdbx_seq_one_letter_code   
;GKINLNQIYTAKEMSERIGKNRNYLSQAYRNNKHEILKNFNYRKIGGTIIFSDNPNNDLSQLITAKEASQLLGKNDEYFA
HIYKRFPHRLEGIDHIYTGKTLFLTKESLEVFKKKMNKNVR
;
_struct_ref.pdbx_align_begin           2 
_struct_ref.pdbx_db_isoform            ? 
# 
_struct_ref_seq.align_id                      1 
_struct_ref_seq.ref_id                        1 
_struct_ref_seq.pdbx_PDB_id_code              4P0Z 
_struct_ref_seq.pdbx_strand_id                A 
_struct_ref_seq.seq_align_beg                 29 
_struct_ref_seq.pdbx_seq_align_beg_ins_code   ? 
_struct_ref_seq.seq_align_end                 149 
_struct_ref_seq.pdbx_seq_align_end_ins_code   ? 
_struct_ref_seq.pdbx_db_accession             Q7BVV5 
_struct_ref_seq.db_align_beg                  2 
_struct_ref_seq.pdbx_db_align_beg_ins_code    ? 
_struct_ref_seq.db_align_end                  122 
_struct_ref_seq.pdbx_db_align_end_ins_code    ? 
_struct_ref_seq.pdbx_auth_seq_align_beg       2 
_struct_ref_seq.pdbx_auth_seq_align_end       122 
# 
loop_
_struct_ref_seq_dif.align_id 
_struct_ref_seq_dif.pdbx_pdb_id_code 
_struct_ref_seq_dif.mon_id 
_struct_ref_seq_dif.pdbx_pdb_strand_id 
_struct_ref_seq_dif.seq_num 
_struct_ref_seq_dif.pdbx_pdb_ins_code 
_struct_ref_seq_dif.pdbx_seq_db_name 
_struct_ref_seq_dif.pdbx_seq_db_accession_code 
_struct_ref_seq_dif.db_mon_id 
_struct_ref_seq_dif.pdbx_seq_db_seq_num 
_struct_ref_seq_dif.details 
_struct_ref_seq_dif.pdbx_auth_seq_num 
_struct_ref_seq_dif.pdbx_ordinal 
1 4P0Z MSE A 1  ? UNP Q7BVV5 ? ? 'initiating methionine' -26 1  
1 4P0Z LYS A 2  ? UNP Q7BVV5 ? ? 'expression tag'        -25 2  
1 4P0Z HIS A 3  ? UNP Q7BVV5 ? ? 'expression tag'        -24 3  
1 4P0Z HIS A 4  ? UNP Q7BVV5 ? ? 'expression tag'        -23 4  
1 4P0Z HIS A 5  ? UNP Q7BVV5 ? ? 'expression tag'        -22 5  
1 4P0Z HIS A 6  ? UNP Q7BVV5 ? ? 'expression tag'        -21 6  
1 4P0Z HIS A 7  ? UNP Q7BVV5 ? ? 'expression tag'        -20 7  
1 4P0Z HIS A 8  ? UNP Q7BVV5 ? ? 'expression tag'        -19 8  
1 4P0Z HIS A 9  ? UNP Q7BVV5 ? ? 'expression tag'        -18 9  
1 4P0Z SER A 10 ? UNP Q7BVV5 ? ? 'expression tag'        -17 10 
1 4P0Z ASP A 11 ? UNP Q7BVV5 ? ? 'expression tag'        -16 11 
1 4P0Z TYR A 12 ? UNP Q7BVV5 ? ? 'expression tag'        -15 12 
1 4P0Z ASP A 13 ? UNP Q7BVV5 ? ? 'expression tag'        -14 13 
1 4P0Z ILE A 14 ? UNP Q7BVV5 ? ? 'expression tag'        -13 14 
1 4P0Z PRO A 15 ? UNP Q7BVV5 ? ? 'expression tag'        -12 15 
1 4P0Z THR A 16 ? UNP Q7BVV5 ? ? 'expression tag'        -11 16 
1 4P0Z THR A 17 ? UNP Q7BVV5 ? ? 'expression tag'        -10 17 
1 4P0Z GLU A 18 ? UNP Q7BVV5 ? ? 'expression tag'        -9  18 
1 4P0Z ASN A 19 ? UNP Q7BVV5 ? ? 'expression tag'        -8  19 
1 4P0Z LEU A 20 ? UNP Q7BVV5 ? ? 'expression tag'        -7  20 
1 4P0Z TYR A 21 ? UNP Q7BVV5 ? ? 'expression tag'        -6  21 
1 4P0Z PHE A 22 ? UNP Q7BVV5 ? ? 'expression tag'        -5  22 
1 4P0Z GLN A 23 ? UNP Q7BVV5 ? ? 'expression tag'        -4  23 
1 4P0Z GLY A 24 ? UNP Q7BVV5 ? ? 'expression tag'        -3  24 
1 4P0Z SER A 25 ? UNP Q7BVV5 ? ? 'expression tag'        -2  25 
1 4P0Z GLY A 26 ? UNP Q7BVV5 ? ? 'expression tag'        -1  26 
1 4P0Z SER A 27 ? UNP Q7BVV5 ? ? 'expression tag'        0   27 
1 4P0Z MSE A 28 ? UNP Q7BVV5 ? ? 'expression tag'        1   28 
# 
_pdbx_struct_assembly.id                   1 
_pdbx_struct_assembly.details              author_and_software_defined_assembly 
_pdbx_struct_assembly.method_details       PISA 
_pdbx_struct_assembly.oligomeric_details   monomeric 
_pdbx_struct_assembly.oligomeric_count     1 
# 
loop_
_pdbx_struct_assembly_prop.biol_id 
_pdbx_struct_assembly_prop.type 
_pdbx_struct_assembly_prop.value 
_pdbx_struct_assembly_prop.details 
1 'ABSA (A^2)' 0    ? 
1 MORE         0    ? 
1 'SSA (A^2)'  7530 ? 
# 
_pdbx_struct_assembly_gen.assembly_id       1 
_pdbx_struct_assembly_gen.oper_expression   1 
_pdbx_struct_assembly_gen.asym_id_list      A,B 
# 
_pdbx_struct_oper_list.id                   1 
_pdbx_struct_oper_list.type                 'identity operation' 
_pdbx_struct_oper_list.name                 1_555 
_pdbx_struct_oper_list.symmetry_operation   x,y,z 
_pdbx_struct_oper_list.matrix[1][1]         1.0000000000 
_pdbx_struct_oper_list.matrix[1][2]         0.0000000000 
_pdbx_struct_oper_list.matrix[1][3]         0.0000000000 
_pdbx_struct_oper_list.vector[1]            0.0000000000 
_pdbx_struct_oper_list.matrix[2][1]         0.0000000000 
_pdbx_struct_oper_list.matrix[2][2]         1.0000000000 
_pdbx_struct_oper_list.matrix[2][3]         0.0000000000 
_pdbx_struct_oper_list.vector[2]            0.0000000000 
_pdbx_struct_oper_list.matrix[3][1]         0.0000000000 
_pdbx_struct_oper_list.matrix[3][2]         0.0000000000 
_pdbx_struct_oper_list.matrix[3][3]         1.0000000000 
_pdbx_struct_oper_list.vector[3]            0.0000000000 
# 
loop_
_struct_conf.conf_type_id 
_struct_conf.id 
_struct_conf.pdbx_PDB_helix_id 
_struct_conf.beg_label_comp_id 
_struct_conf.beg_label_asym_id 
_struct_conf.beg_label_seq_id 
_struct_conf.pdbx_beg_PDB_ins_code 
_struct_conf.end_label_comp_id 
_struct_conf.end_label_asym_id 
_struct_conf.end_label_seq_id 
_struct_conf.pdbx_end_PDB_ins_code 
_struct_conf.beg_auth_comp_id 
_struct_conf.beg_auth_asym_id 
_struct_conf.beg_auth_seq_id 
_struct_conf.end_auth_comp_id 
_struct_conf.end_auth_asym_id 
_struct_conf.end_auth_seq_id 
_struct_conf.pdbx_PDB_helix_class 
_struct_conf.details 
_struct_conf.pdbx_PDB_helix_length 
HELX_P HELX_P1 AA1 ASN A 32  ? ILE A 36  ? ASN A 5   ILE A 9   5 ? 5  
HELX_P HELX_P2 AA2 ALA A 39  ? ILE A 46  ? ALA A 12  ILE A 19  1 ? 8  
HELX_P HELX_P3 AA3 ASN A 51  ? ASN A 59  ? ASN A 24  ASN A 32  1 ? 9  
HELX_P HELX_P4 AA4 LYS A 61  ? LYS A 66  ? LYS A 34  LYS A 39  1 ? 6  
HELX_P HELX_P5 AA5 ASP A 86  ? SER A 88  ? ASP A 59  SER A 61  5 ? 3  
HELX_P HELX_P6 AA6 ALA A 93  ? LEU A 100 ? ALA A 66  LEU A 73  1 ? 8  
HELX_P HELX_P7 AA7 GLU A 105 ? PHE A 114 ? GLU A 78  PHE A 87  1 ? 10 
HELX_P HELX_P8 AA8 PRO A 115 ? GLU A 119 ? PRO A 88  GLU A 92  5 ? 5  
HELX_P HELX_P9 AA9 LYS A 134 ? MSE A 144 ? LYS A 107 MSE A 117 1 ? 11 
# 
_struct_conf_type.id          HELX_P 
_struct_conf_type.criteria    ? 
_struct_conf_type.reference   ? 
# 
loop_
_struct_conn.id 
_struct_conn.conn_type_id 
_struct_conn.pdbx_leaving_atom_flag 
_struct_conn.pdbx_PDB_id 
_struct_conn.ptnr1_label_asym_id 
_struct_conn.ptnr1_label_comp_id 
_struct_conn.ptnr1_label_seq_id 
_struct_conn.ptnr1_label_atom_id 
_struct_conn.pdbx_ptnr1_label_alt_id 
_struct_conn.pdbx_ptnr1_PDB_ins_code 
_struct_conn.pdbx_ptnr1_standard_comp_id 
_struct_conn.ptnr1_symmetry 
_struct_conn.ptnr2_label_asym_id 
_struct_conn.ptnr2_label_comp_id 
_struct_conn.ptnr2_label_seq_id 
_struct_conn.ptnr2_label_atom_id 
_struct_conn.pdbx_ptnr2_label_alt_id 
_struct_conn.pdbx_ptnr2_PDB_ins_code 
_struct_conn.ptnr1_auth_asym_id 
_struct_conn.ptnr1_auth_comp_id 
_struct_conn.ptnr1_auth_seq_id 
_struct_conn.ptnr2_auth_asym_id 
_struct_conn.ptnr2_auth_comp_id 
_struct_conn.ptnr2_auth_seq_id 
_struct_conn.ptnr2_symmetry 
_struct_conn.pdbx_ptnr3_label_atom_id 
_struct_conn.pdbx_ptnr3_label_seq_id 
_struct_conn.pdbx_ptnr3_label_comp_id 
_struct_conn.pdbx_ptnr3_label_asym_id 
_struct_conn.pdbx_ptnr3_label_alt_id 
_struct_conn.pdbx_ptnr3_PDB_ins_code 
_struct_conn.details 
_struct_conn.pdbx_dist_value 
_struct_conn.pdbx_value_order 
_struct_conn.pdbx_role 
covale1 covale both ? A MSE 28  C ? ? ? 1_555 A GLY 29  N ? ? A MSE 1   A GLY 2   1_555 ? ? ? ? ? ? ? 1.347 ? ? 
covale2 covale both ? A GLU 41  C ? ? ? 1_555 A MSE 42  N ? ? A GLU 14  A MSE 15  1_555 ? ? ? ? ? ? ? 1.344 ? ? 
covale3 covale both ? A MSE 42  C ? ? ? 1_555 A SER 43  N ? ? A MSE 15  A SER 16  1_555 ? ? ? ? ? ? ? 1.340 ? ? 
covale4 covale both ? A LYS 143 C ? ? ? 1_555 A MSE 144 N ? ? A LYS 116 A MSE 117 1_555 ? ? ? ? ? ? ? 1.345 ? ? 
# 
_struct_conn_type.id          covale 
_struct_conn_type.criteria    ? 
_struct_conn_type.reference   ? 
# 
loop_
_pdbx_modification_feature.ordinal 
_pdbx_modification_feature.label_comp_id 
_pdbx_modification_feature.label_asym_id 
_pdbx_modification_feature.label_seq_id 
_pdbx_modification_feature.label_alt_id 
_pdbx_modification_feature.modified_residue_label_comp_id 
_pdbx_modification_feature.modified_residue_label_asym_id 
_pdbx_modification_feature.modified_residue_label_seq_id 
_pdbx_modification_feature.modified_residue_label_alt_id 
_pdbx_modification_feature.auth_comp_id 
_pdbx_modification_feature.auth_asym_id 
_pdbx_modification_feature.auth_seq_id 
_pdbx_modification_feature.PDB_ins_code 
_pdbx_modification_feature.symmetry 
_pdbx_modification_feature.modified_residue_auth_comp_id 
_pdbx_modification_feature.modified_residue_auth_asym_id 
_pdbx_modification_feature.modified_residue_auth_seq_id 
_pdbx_modification_feature.modified_residue_PDB_ins_code 
_pdbx_modification_feature.modified_residue_symmetry 
_pdbx_modification_feature.comp_id_linking_atom 
_pdbx_modification_feature.modified_residue_id_linking_atom 
_pdbx_modification_feature.modified_residue_id 
_pdbx_modification_feature.ref_pcm_id 
_pdbx_modification_feature.ref_comp_id 
_pdbx_modification_feature.type 
_pdbx_modification_feature.category 
1 MSE A 28  ? . . . . MSE A 1   ? 1_555 . . . . . . . MET 1 MSE Selenomethionine 'Named protein modification' 
2 MSE A 42  ? . . . . MSE A 15  ? 1_555 . . . . . . . MET 1 MSE Selenomethionine 'Named protein modification' 
3 MSE A 144 ? . . . . MSE A 117 ? 1_555 . . . . . . . MET 1 MSE Selenomethionine 'Named protein modification' 
# 
loop_
_struct_sheet.id 
_struct_sheet.type 
_struct_sheet.number_strands 
_struct_sheet.details 
AA1 ? 3 ? 
AA2 ? 3 ? 
# 
loop_
_struct_sheet_order.sheet_id 
_struct_sheet_order.range_id_1 
_struct_sheet_order.range_id_2 
_struct_sheet_order.offset 
_struct_sheet_order.sense 
AA1 1 2 ? anti-parallel 
AA1 2 3 ? anti-parallel 
AA2 1 2 ? anti-parallel 
AA2 2 3 ? anti-parallel 
# 
loop_
_struct_sheet_range.sheet_id 
_struct_sheet_range.id 
_struct_sheet_range.beg_label_comp_id 
_struct_sheet_range.beg_label_asym_id 
_struct_sheet_range.beg_label_seq_id 
_struct_sheet_range.pdbx_beg_PDB_ins_code 
_struct_sheet_range.end_label_comp_id 
_struct_sheet_range.end_label_asym_id 
_struct_sheet_range.end_label_seq_id 
_struct_sheet_range.pdbx_end_PDB_ins_code 
_struct_sheet_range.beg_auth_comp_id 
_struct_sheet_range.beg_auth_asym_id 
_struct_sheet_range.beg_auth_seq_id 
_struct_sheet_range.end_auth_comp_id 
_struct_sheet_range.end_auth_asym_id 
_struct_sheet_range.end_auth_seq_id 
AA1 1 TYR A 37  ? THR A 38  ? TYR A 10  THR A 11  
AA1 2 THR A 76  ? SER A 80  ? THR A 49  SER A 53  
AA1 3 ASN A 69  ? ILE A 73  ? ASN A 42  ILE A 46  
AA2 1 LEU A 90  ? THR A 92  ? LEU A 63  THR A 65  
AA2 2 THR A 129 ? THR A 133 ? THR A 102 THR A 106 
AA2 3 HIS A 123 ? THR A 126 ? HIS A 96  THR A 99  
# 
loop_
_pdbx_struct_sheet_hbond.sheet_id 
_pdbx_struct_sheet_hbond.range_id_1 
_pdbx_struct_sheet_hbond.range_id_2 
_pdbx_struct_sheet_hbond.range_1_label_atom_id 
_pdbx_struct_sheet_hbond.range_1_label_comp_id 
_pdbx_struct_sheet_hbond.range_1_label_asym_id 
_pdbx_struct_sheet_hbond.range_1_label_seq_id 
_pdbx_struct_sheet_hbond.range_1_PDB_ins_code 
_pdbx_struct_sheet_hbond.range_1_auth_atom_id 
_pdbx_struct_sheet_hbond.range_1_auth_comp_id 
_pdbx_struct_sheet_hbond.range_1_auth_asym_id 
_pdbx_struct_sheet_hbond.range_1_auth_seq_id 
_pdbx_struct_sheet_hbond.range_2_label_atom_id 
_pdbx_struct_sheet_hbond.range_2_label_comp_id 
_pdbx_struct_sheet_hbond.range_2_label_asym_id 
_pdbx_struct_sheet_hbond.range_2_label_seq_id 
_pdbx_struct_sheet_hbond.range_2_PDB_ins_code 
_pdbx_struct_sheet_hbond.range_2_auth_atom_id 
_pdbx_struct_sheet_hbond.range_2_auth_comp_id 
_pdbx_struct_sheet_hbond.range_2_auth_asym_id 
_pdbx_struct_sheet_hbond.range_2_auth_seq_id 
AA1 1 2 N TYR A 37  ? N TYR A 10  O PHE A 79  ? O PHE A 52  
AA1 2 3 O THR A 76  ? O THR A 49  N ILE A 73  ? N ILE A 46  
AA2 1 2 N ILE A 91  ? N ILE A 64  O LEU A 132 ? O LEU A 105 
AA2 2 3 O PHE A 131 ? O PHE A 104 N ILE A 124 ? N ILE A 97  
# 
_pdbx_entry_details.entry_id                   4P0Z 
_pdbx_entry_details.compound_details           ? 
_pdbx_entry_details.source_details             ? 
_pdbx_entry_details.nonpolymer_details         ? 
_pdbx_entry_details.sequence_details           ? 
_pdbx_entry_details.has_ligand_of_interest     ? 
_pdbx_entry_details.has_protein_modification   Y 
# 
loop_
_pdbx_validate_close_contact.id 
_pdbx_validate_close_contact.PDB_model_num 
_pdbx_validate_close_contact.auth_atom_id_1 
_pdbx_validate_close_contact.auth_asym_id_1 
_pdbx_validate_close_contact.auth_comp_id_1 
_pdbx_validate_close_contact.auth_seq_id_1 
_pdbx_validate_close_contact.PDB_ins_code_1 
_pdbx_validate_close_contact.label_alt_id_1 
_pdbx_validate_close_contact.auth_atom_id_2 
_pdbx_validate_close_contact.auth_asym_id_2 
_pdbx_validate_close_contact.auth_comp_id_2 
_pdbx_validate_close_contact.auth_seq_id_2 
_pdbx_validate_close_contact.PDB_ins_code_2 
_pdbx_validate_close_contact.label_alt_id_2 
_pdbx_validate_close_contact.dist 
1 1 O A HOH 366 ? ? O A HOH 374 ? ? 2.03 
2 1 O A HOH 343 ? ? O A HOH 407 ? ? 2.04 
3 1 O A HOH 246 ? ? O A HOH 304 ? ? 2.07 
4 1 O A HOH 206 ? ? O A HOH 231 ? ? 2.12 
# 
_pdbx_validate_symm_contact.id                1 
_pdbx_validate_symm_contact.PDB_model_num     1 
_pdbx_validate_symm_contact.auth_atom_id_1    OE1 
_pdbx_validate_symm_contact.auth_asym_id_1    A 
_pdbx_validate_symm_contact.auth_comp_id_1    GLU 
_pdbx_validate_symm_contact.auth_seq_id_1     17 
_pdbx_validate_symm_contact.PDB_ins_code_1    ? 
_pdbx_validate_symm_contact.label_alt_id_1    ? 
_pdbx_validate_symm_contact.site_symmetry_1   1_555 
_pdbx_validate_symm_contact.auth_atom_id_2    NH1 
_pdbx_validate_symm_contact.auth_asym_id_2    A 
_pdbx_validate_symm_contact.auth_comp_id_2    ARG 
_pdbx_validate_symm_contact.auth_seq_id_2     90 
_pdbx_validate_symm_contact.PDB_ins_code_2    ? 
_pdbx_validate_symm_contact.label_alt_id_2    ? 
_pdbx_validate_symm_contact.site_symmetry_2   2_446 
_pdbx_validate_symm_contact.dist              2.14 
# 
loop_
_pdbx_validate_rmsd_angle.id 
_pdbx_validate_rmsd_angle.PDB_model_num 
_pdbx_validate_rmsd_angle.auth_atom_id_1 
_pdbx_validate_rmsd_angle.auth_asym_id_1 
_pdbx_validate_rmsd_angle.auth_comp_id_1 
_pdbx_validate_rmsd_angle.auth_seq_id_1 
_pdbx_validate_rmsd_angle.PDB_ins_code_1 
_pdbx_validate_rmsd_angle.label_alt_id_1 
_pdbx_validate_rmsd_angle.auth_atom_id_2 
_pdbx_validate_rmsd_angle.auth_asym_id_2 
_pdbx_validate_rmsd_angle.auth_comp_id_2 
_pdbx_validate_rmsd_angle.auth_seq_id_2 
_pdbx_validate_rmsd_angle.PDB_ins_code_2 
_pdbx_validate_rmsd_angle.label_alt_id_2 
_pdbx_validate_rmsd_angle.auth_atom_id_3 
_pdbx_validate_rmsd_angle.auth_asym_id_3 
_pdbx_validate_rmsd_angle.auth_comp_id_3 
_pdbx_validate_rmsd_angle.auth_seq_id_3 
_pdbx_validate_rmsd_angle.PDB_ins_code_3 
_pdbx_validate_rmsd_angle.label_alt_id_3 
_pdbx_validate_rmsd_angle.angle_value 
_pdbx_validate_rmsd_angle.angle_target_value 
_pdbx_validate_rmsd_angle.angle_deviation 
_pdbx_validate_rmsd_angle.angle_standard_deviation 
_pdbx_validate_rmsd_angle.linker_flag 
1 1 CB A TYR 43  ? ? CG A TYR 43  ? ? CD1 A TYR 43  ? ? 117.21 121.00 -3.79  0.60 N 
2 1 NE A ARG 44  ? B CZ A ARG 44  ? B NH1 A ARG 44  ? B 124.60 120.30 4.30   0.50 N 
3 1 NE A ARG 44  ? A CZ A ARG 44  ? A NH2 A ARG 44  ? A 116.86 120.30 -3.44  0.50 N 
4 1 NE A ARG 86  ? ? CZ A ARG 86  ? ? NH1 A ARG 86  ? ? 123.72 120.30 3.42   0.50 N 
5 1 NE A ARG 90  ? ? CZ A ARG 90  ? ? NH1 A ARG 90  ? ? 117.02 120.30 -3.28  0.50 N 
6 1 CA A MSE 117 ? ? CB A MSE 117 ? ? CG  A MSE 117 ? ? 97.65  113.30 -15.65 1.70 N 
# 
_pdbx_validate_torsion.id              1 
_pdbx_validate_torsion.PDB_model_num   1 
_pdbx_validate_torsion.auth_comp_id    ASN 
_pdbx_validate_torsion.auth_asym_id    A 
_pdbx_validate_torsion.auth_seq_id     76 
_pdbx_validate_torsion.PDB_ins_code    ? 
_pdbx_validate_torsion.label_alt_id    ? 
_pdbx_validate_torsion.phi             -49.27 
_pdbx_validate_torsion.psi             151.41 
# 
loop_
_pdbx_struct_mod_residue.id 
_pdbx_struct_mod_residue.label_asym_id 
_pdbx_struct_mod_residue.label_comp_id 
_pdbx_struct_mod_residue.label_seq_id 
_pdbx_struct_mod_residue.auth_asym_id 
_pdbx_struct_mod_residue.auth_comp_id 
_pdbx_struct_mod_residue.auth_seq_id 
_pdbx_struct_mod_residue.PDB_ins_code 
_pdbx_struct_mod_residue.parent_comp_id 
_pdbx_struct_mod_residue.details 
1 A MSE 42  A MSE 15  ? MET 'modified residue' 
2 A MSE 144 A MSE 117 ? MET 'modified residue' 
# 
loop_
_pdbx_distant_solvent_atoms.id 
_pdbx_distant_solvent_atoms.PDB_model_num 
_pdbx_distant_solvent_atoms.auth_atom_id 
_pdbx_distant_solvent_atoms.label_alt_id 
_pdbx_distant_solvent_atoms.auth_asym_id 
_pdbx_distant_solvent_atoms.auth_comp_id 
_pdbx_distant_solvent_atoms.auth_seq_id 
_pdbx_distant_solvent_atoms.PDB_ins_code 
_pdbx_distant_solvent_atoms.neighbor_macromolecule_distance 
_pdbx_distant_solvent_atoms.neighbor_ligand_distance 
1 1 O ? A HOH 410 ? 6.87 . 
2 1 O ? A HOH 413 ? 7.93 . 
# 
loop_
_pdbx_unobs_or_zero_occ_residues.id 
_pdbx_unobs_or_zero_occ_residues.PDB_model_num 
_pdbx_unobs_or_zero_occ_residues.polymer_flag 
_pdbx_unobs_or_zero_occ_residues.occupancy_flag 
_pdbx_unobs_or_zero_occ_residues.auth_asym_id 
_pdbx_unobs_or_zero_occ_residues.auth_comp_id 
_pdbx_unobs_or_zero_occ_residues.auth_seq_id 
_pdbx_unobs_or_zero_occ_residues.PDB_ins_code 
_pdbx_unobs_or_zero_occ_residues.label_asym_id 
_pdbx_unobs_or_zero_occ_residues.label_comp_id 
_pdbx_unobs_or_zero_occ_residues.label_seq_id 
1  1 Y 1 A MSE -26 ? A MSE 1   
2  1 Y 1 A LYS -25 ? A LYS 2   
3  1 Y 1 A HIS -24 ? A HIS 3   
4  1 Y 1 A HIS -23 ? A HIS 4   
5  1 Y 1 A HIS -22 ? A HIS 5   
6  1 Y 1 A HIS -21 ? A HIS 6   
7  1 Y 1 A HIS -20 ? A HIS 7   
8  1 Y 1 A HIS -19 ? A HIS 8   
9  1 Y 1 A HIS -18 ? A HIS 9   
10 1 Y 1 A SER -17 ? A SER 10  
11 1 Y 1 A ASP -16 ? A ASP 11  
12 1 Y 1 A TYR -15 ? A TYR 12  
13 1 Y 1 A ASP -14 ? A ASP 13  
14 1 Y 1 A ILE -13 ? A ILE 14  
15 1 Y 1 A PRO -12 ? A PRO 15  
16 1 Y 1 A THR -11 ? A THR 16  
17 1 Y 1 A THR -10 ? A THR 17  
18 1 Y 1 A GLU -9  ? A GLU 18  
19 1 Y 1 A ASN -8  ? A ASN 19  
20 1 Y 1 A LEU -7  ? A LEU 20  
21 1 Y 1 A TYR -6  ? A TYR 21  
22 1 Y 1 A PHE -5  ? A PHE 22  
23 1 Y 1 A GLN -4  ? A GLN 23  
24 1 Y 1 A GLY -3  ? A GLY 24  
25 1 Y 1 A SER -2  ? A SER 25  
26 1 Y 1 A GLY -1  ? A GLY 26  
27 1 Y 1 A SER 0   ? A SER 27  
28 1 Y 1 A ASN 118 ? A ASN 145 
29 1 Y 1 A LYS 119 ? A LYS 146 
30 1 Y 1 A ASN 120 ? A ASN 147 
31 1 Y 1 A VAL 121 ? A VAL 148 
32 1 Y 1 A ARG 122 ? A ARG 149 
# 
loop_
_chem_comp_atom.comp_id 
_chem_comp_atom.atom_id 
_chem_comp_atom.type_symbol 
_chem_comp_atom.pdbx_aromatic_flag 
_chem_comp_atom.pdbx_stereo_config 
_chem_comp_atom.pdbx_ordinal 
ALA N    N  N N 1   
ALA CA   C  N S 2   
ALA C    C  N N 3   
ALA O    O  N N 4   
ALA CB   C  N N 5   
ALA OXT  O  N N 6   
ALA H    H  N N 7   
ALA H2   H  N N 8   
ALA HA   H  N N 9   
ALA HB1  H  N N 10  
ALA HB2  H  N N 11  
ALA HB3  H  N N 12  
ALA HXT  H  N N 13  
ARG N    N  N N 14  
ARG CA   C  N S 15  
ARG C    C  N N 16  
ARG O    O  N N 17  
ARG CB   C  N N 18  
ARG CG   C  N N 19  
ARG CD   C  N N 20  
ARG NE   N  N N 21  
ARG CZ   C  N N 22  
ARG NH1  N  N N 23  
ARG NH2  N  N N 24  
ARG OXT  O  N N 25  
ARG H    H  N N 26  
ARG H2   H  N N 27  
ARG HA   H  N N 28  
ARG HB2  H  N N 29  
ARG HB3  H  N N 30  
ARG HG2  H  N N 31  
ARG HG3  H  N N 32  
ARG HD2  H  N N 33  
ARG HD3  H  N N 34  
ARG HE   H  N N 35  
ARG HH11 H  N N 36  
ARG HH12 H  N N 37  
ARG HH21 H  N N 38  
ARG HH22 H  N N 39  
ARG HXT  H  N N 40  
ASN N    N  N N 41  
ASN CA   C  N S 42  
ASN C    C  N N 43  
ASN O    O  N N 44  
ASN CB   C  N N 45  
ASN CG   C  N N 46  
ASN OD1  O  N N 47  
ASN ND2  N  N N 48  
ASN OXT  O  N N 49  
ASN H    H  N N 50  
ASN H2   H  N N 51  
ASN HA   H  N N 52  
ASN HB2  H  N N 53  
ASN HB3  H  N N 54  
ASN HD21 H  N N 55  
ASN HD22 H  N N 56  
ASN HXT  H  N N 57  
ASP N    N  N N 58  
ASP CA   C  N S 59  
ASP C    C  N N 60  
ASP O    O  N N 61  
ASP CB   C  N N 62  
ASP CG   C  N N 63  
ASP OD1  O  N N 64  
ASP OD2  O  N N 65  
ASP OXT  O  N N 66  
ASP H    H  N N 67  
ASP H2   H  N N 68  
ASP HA   H  N N 69  
ASP HB2  H  N N 70  
ASP HB3  H  N N 71  
ASP HD2  H  N N 72  
ASP HXT  H  N N 73  
GLN N    N  N N 74  
GLN CA   C  N S 75  
GLN C    C  N N 76  
GLN O    O  N N 77  
GLN CB   C  N N 78  
GLN CG   C  N N 79  
GLN CD   C  N N 80  
GLN OE1  O  N N 81  
GLN NE2  N  N N 82  
GLN OXT  O  N N 83  
GLN H    H  N N 84  
GLN H2   H  N N 85  
GLN HA   H  N N 86  
GLN HB2  H  N N 87  
GLN HB3  H  N N 88  
GLN HG2  H  N N 89  
GLN HG3  H  N N 90  
GLN HE21 H  N N 91  
GLN HE22 H  N N 92  
GLN HXT  H  N N 93  
GLU N    N  N N 94  
GLU CA   C  N S 95  
GLU C    C  N N 96  
GLU O    O  N N 97  
GLU CB   C  N N 98  
GLU CG   C  N N 99  
GLU CD   C  N N 100 
GLU OE1  O  N N 101 
GLU OE2  O  N N 102 
GLU OXT  O  N N 103 
GLU H    H  N N 104 
GLU H2   H  N N 105 
GLU HA   H  N N 106 
GLU HB2  H  N N 107 
GLU HB3  H  N N 108 
GLU HG2  H  N N 109 
GLU HG3  H  N N 110 
GLU HE2  H  N N 111 
GLU HXT  H  N N 112 
GLY N    N  N N 113 
GLY CA   C  N N 114 
GLY C    C  N N 115 
GLY O    O  N N 116 
GLY OXT  O  N N 117 
GLY H    H  N N 118 
GLY H2   H  N N 119 
GLY HA2  H  N N 120 
GLY HA3  H  N N 121 
GLY HXT  H  N N 122 
HIS N    N  N N 123 
HIS CA   C  N S 124 
HIS C    C  N N 125 
HIS O    O  N N 126 
HIS CB   C  N N 127 
HIS CG   C  Y N 128 
HIS ND1  N  Y N 129 
HIS CD2  C  Y N 130 
HIS CE1  C  Y N 131 
HIS NE2  N  Y N 132 
HIS OXT  O  N N 133 
HIS H    H  N N 134 
HIS H2   H  N N 135 
HIS HA   H  N N 136 
HIS HB2  H  N N 137 
HIS HB3  H  N N 138 
HIS HD1  H  N N 139 
HIS HD2  H  N N 140 
HIS HE1  H  N N 141 
HIS HE2  H  N N 142 
HIS HXT  H  N N 143 
HOH O    O  N N 144 
HOH H1   H  N N 145 
HOH H2   H  N N 146 
ILE N    N  N N 147 
ILE CA   C  N S 148 
ILE C    C  N N 149 
ILE O    O  N N 150 
ILE CB   C  N S 151 
ILE CG1  C  N N 152 
ILE CG2  C  N N 153 
ILE CD1  C  N N 154 
ILE OXT  O  N N 155 
ILE H    H  N N 156 
ILE H2   H  N N 157 
ILE HA   H  N N 158 
ILE HB   H  N N 159 
ILE HG12 H  N N 160 
ILE HG13 H  N N 161 
ILE HG21 H  N N 162 
ILE HG22 H  N N 163 
ILE HG23 H  N N 164 
ILE HD11 H  N N 165 
ILE HD12 H  N N 166 
ILE HD13 H  N N 167 
ILE HXT  H  N N 168 
LEU N    N  N N 169 
LEU CA   C  N S 170 
LEU C    C  N N 171 
LEU O    O  N N 172 
LEU CB   C  N N 173 
LEU CG   C  N N 174 
LEU CD1  C  N N 175 
LEU CD2  C  N N 176 
LEU OXT  O  N N 177 
LEU H    H  N N 178 
LEU H2   H  N N 179 
LEU HA   H  N N 180 
LEU HB2  H  N N 181 
LEU HB3  H  N N 182 
LEU HG   H  N N 183 
LEU HD11 H  N N 184 
LEU HD12 H  N N 185 
LEU HD13 H  N N 186 
LEU HD21 H  N N 187 
LEU HD22 H  N N 188 
LEU HD23 H  N N 189 
LEU HXT  H  N N 190 
LYS N    N  N N 191 
LYS CA   C  N S 192 
LYS C    C  N N 193 
LYS O    O  N N 194 
LYS CB   C  N N 195 
LYS CG   C  N N 196 
LYS CD   C  N N 197 
LYS CE   C  N N 198 
LYS NZ   N  N N 199 
LYS OXT  O  N N 200 
LYS H    H  N N 201 
LYS H2   H  N N 202 
LYS HA   H  N N 203 
LYS HB2  H  N N 204 
LYS HB3  H  N N 205 
LYS HG2  H  N N 206 
LYS HG3  H  N N 207 
LYS HD2  H  N N 208 
LYS HD3  H  N N 209 
LYS HE2  H  N N 210 
LYS HE3  H  N N 211 
LYS HZ1  H  N N 212 
LYS HZ2  H  N N 213 
LYS HZ3  H  N N 214 
LYS HXT  H  N N 215 
MSE N    N  N N 216 
MSE CA   C  N S 217 
MSE C    C  N N 218 
MSE O    O  N N 219 
MSE OXT  O  N N 220 
MSE CB   C  N N 221 
MSE CG   C  N N 222 
MSE SE   SE N N 223 
MSE CE   C  N N 224 
MSE H    H  N N 225 
MSE H2   H  N N 226 
MSE HA   H  N N 227 
MSE HXT  H  N N 228 
MSE HB2  H  N N 229 
MSE HB3  H  N N 230 
MSE HG2  H  N N 231 
MSE HG3  H  N N 232 
MSE HE1  H  N N 233 
MSE HE2  H  N N 234 
MSE HE3  H  N N 235 
PHE N    N  N N 236 
PHE CA   C  N S 237 
PHE C    C  N N 238 
PHE O    O  N N 239 
PHE CB   C  N N 240 
PHE CG   C  Y N 241 
PHE CD1  C  Y N 242 
PHE CD2  C  Y N 243 
PHE CE1  C  Y N 244 
PHE CE2  C  Y N 245 
PHE CZ   C  Y N 246 
PHE OXT  O  N N 247 
PHE H    H  N N 248 
PHE H2   H  N N 249 
PHE HA   H  N N 250 
PHE HB2  H  N N 251 
PHE HB3  H  N N 252 
PHE HD1  H  N N 253 
PHE HD2  H  N N 254 
PHE HE1  H  N N 255 
PHE HE2  H  N N 256 
PHE HZ   H  N N 257 
PHE HXT  H  N N 258 
PRO N    N  N N 259 
PRO CA   C  N S 260 
PRO C    C  N N 261 
PRO O    O  N N 262 
PRO CB   C  N N 263 
PRO CG   C  N N 264 
PRO CD   C  N N 265 
PRO OXT  O  N N 266 
PRO H    H  N N 267 
PRO HA   H  N N 268 
PRO HB2  H  N N 269 
PRO HB3  H  N N 270 
PRO HG2  H  N N 271 
PRO HG3  H  N N 272 
PRO HD2  H  N N 273 
PRO HD3  H  N N 274 
PRO HXT  H  N N 275 
SER N    N  N N 276 
SER CA   C  N S 277 
SER C    C  N N 278 
SER O    O  N N 279 
SER CB   C  N N 280 
SER OG   O  N N 281 
SER OXT  O  N N 282 
SER H    H  N N 283 
SER H2   H  N N 284 
SER HA   H  N N 285 
SER HB2  H  N N 286 
SER HB3  H  N N 287 
SER HG   H  N N 288 
SER HXT  H  N N 289 
THR N    N  N N 290 
THR CA   C  N S 291 
THR C    C  N N 292 
THR O    O  N N 293 
THR CB   C  N R 294 
THR OG1  O  N N 295 
THR CG2  C  N N 296 
THR OXT  O  N N 297 
THR H    H  N N 298 
THR H2   H  N N 299 
THR HA   H  N N 300 
THR HB   H  N N 301 
THR HG1  H  N N 302 
THR HG21 H  N N 303 
THR HG22 H  N N 304 
THR HG23 H  N N 305 
THR HXT  H  N N 306 
TYR N    N  N N 307 
TYR CA   C  N S 308 
TYR C    C  N N 309 
TYR O    O  N N 310 
TYR CB   C  N N 311 
TYR CG   C  Y N 312 
TYR CD1  C  Y N 313 
TYR CD2  C  Y N 314 
TYR CE1  C  Y N 315 
TYR CE2  C  Y N 316 
TYR CZ   C  Y N 317 
TYR OH   O  N N 318 
TYR OXT  O  N N 319 
TYR H    H  N N 320 
TYR H2   H  N N 321 
TYR HA   H  N N 322 
TYR HB2  H  N N 323 
TYR HB3  H  N N 324 
TYR HD1  H  N N 325 
TYR HD2  H  N N 326 
TYR HE1  H  N N 327 
TYR HE2  H  N N 328 
TYR HH   H  N N 329 
TYR HXT  H  N N 330 
VAL N    N  N N 331 
VAL CA   C  N S 332 
VAL C    C  N N 333 
VAL O    O  N N 334 
VAL CB   C  N N 335 
VAL CG1  C  N N 336 
VAL CG2  C  N N 337 
VAL OXT  O  N N 338 
VAL H    H  N N 339 
VAL H2   H  N N 340 
VAL HA   H  N N 341 
VAL HB   H  N N 342 
VAL HG11 H  N N 343 
VAL HG12 H  N N 344 
VAL HG13 H  N N 345 
VAL HG21 H  N N 346 
VAL HG22 H  N N 347 
VAL HG23 H  N N 348 
VAL HXT  H  N N 349 
# 
loop_
_chem_comp_bond.comp_id 
_chem_comp_bond.atom_id_1 
_chem_comp_bond.atom_id_2 
_chem_comp_bond.value_order 
_chem_comp_bond.pdbx_aromatic_flag 
_chem_comp_bond.pdbx_stereo_config 
_chem_comp_bond.pdbx_ordinal 
ALA N   CA   sing N N 1   
ALA N   H    sing N N 2   
ALA N   H2   sing N N 3   
ALA CA  C    sing N N 4   
ALA CA  CB   sing N N 5   
ALA CA  HA   sing N N 6   
ALA C   O    doub N N 7   
ALA C   OXT  sing N N 8   
ALA CB  HB1  sing N N 9   
ALA CB  HB2  sing N N 10  
ALA CB  HB3  sing N N 11  
ALA OXT HXT  sing N N 12  
ARG N   CA   sing N N 13  
ARG N   H    sing N N 14  
ARG N   H2   sing N N 15  
ARG CA  C    sing N N 16  
ARG CA  CB   sing N N 17  
ARG CA  HA   sing N N 18  
ARG C   O    doub N N 19  
ARG C   OXT  sing N N 20  
ARG CB  CG   sing N N 21  
ARG CB  HB2  sing N N 22  
ARG CB  HB3  sing N N 23  
ARG CG  CD   sing N N 24  
ARG CG  HG2  sing N N 25  
ARG CG  HG3  sing N N 26  
ARG CD  NE   sing N N 27  
ARG CD  HD2  sing N N 28  
ARG CD  HD3  sing N N 29  
ARG NE  CZ   sing N N 30  
ARG NE  HE   sing N N 31  
ARG CZ  NH1  sing N N 32  
ARG CZ  NH2  doub N N 33  
ARG NH1 HH11 sing N N 34  
ARG NH1 HH12 sing N N 35  
ARG NH2 HH21 sing N N 36  
ARG NH2 HH22 sing N N 37  
ARG OXT HXT  sing N N 38  
ASN N   CA   sing N N 39  
ASN N   H    sing N N 40  
ASN N   H2   sing N N 41  
ASN CA  C    sing N N 42  
ASN CA  CB   sing N N 43  
ASN CA  HA   sing N N 44  
ASN C   O    doub N N 45  
ASN C   OXT  sing N N 46  
ASN CB  CG   sing N N 47  
ASN CB  HB2  sing N N 48  
ASN CB  HB3  sing N N 49  
ASN CG  OD1  doub N N 50  
ASN CG  ND2  sing N N 51  
ASN ND2 HD21 sing N N 52  
ASN ND2 HD22 sing N N 53  
ASN OXT HXT  sing N N 54  
ASP N   CA   sing N N 55  
ASP N   H    sing N N 56  
ASP N   H2   sing N N 57  
ASP CA  C    sing N N 58  
ASP CA  CB   sing N N 59  
ASP CA  HA   sing N N 60  
ASP C   O    doub N N 61  
ASP C   OXT  sing N N 62  
ASP CB  CG   sing N N 63  
ASP CB  HB2  sing N N 64  
ASP CB  HB3  sing N N 65  
ASP CG  OD1  doub N N 66  
ASP CG  OD2  sing N N 67  
ASP OD2 HD2  sing N N 68  
ASP OXT HXT  sing N N 69  
GLN N   CA   sing N N 70  
GLN N   H    sing N N 71  
GLN N   H2   sing N N 72  
GLN CA  C    sing N N 73  
GLN CA  CB   sing N N 74  
GLN CA  HA   sing N N 75  
GLN C   O    doub N N 76  
GLN C   OXT  sing N N 77  
GLN CB  CG   sing N N 78  
GLN CB  HB2  sing N N 79  
GLN CB  HB3  sing N N 80  
GLN CG  CD   sing N N 81  
GLN CG  HG2  sing N N 82  
GLN CG  HG3  sing N N 83  
GLN CD  OE1  doub N N 84  
GLN CD  NE2  sing N N 85  
GLN NE2 HE21 sing N N 86  
GLN NE2 HE22 sing N N 87  
GLN OXT HXT  sing N N 88  
GLU N   CA   sing N N 89  
GLU N   H    sing N N 90  
GLU N   H2   sing N N 91  
GLU CA  C    sing N N 92  
GLU CA  CB   sing N N 93  
GLU CA  HA   sing N N 94  
GLU C   O    doub N N 95  
GLU C   OXT  sing N N 96  
GLU CB  CG   sing N N 97  
GLU CB  HB2  sing N N 98  
GLU CB  HB3  sing N N 99  
GLU CG  CD   sing N N 100 
GLU CG  HG2  sing N N 101 
GLU CG  HG3  sing N N 102 
GLU CD  OE1  doub N N 103 
GLU CD  OE2  sing N N 104 
GLU OE2 HE2  sing N N 105 
GLU OXT HXT  sing N N 106 
GLY N   CA   sing N N 107 
GLY N   H    sing N N 108 
GLY N   H2   sing N N 109 
GLY CA  C    sing N N 110 
GLY CA  HA2  sing N N 111 
GLY CA  HA3  sing N N 112 
GLY C   O    doub N N 113 
GLY C   OXT  sing N N 114 
GLY OXT HXT  sing N N 115 
HIS N   CA   sing N N 116 
HIS N   H    sing N N 117 
HIS N   H2   sing N N 118 
HIS CA  C    sing N N 119 
HIS CA  CB   sing N N 120 
HIS CA  HA   sing N N 121 
HIS C   O    doub N N 122 
HIS C   OXT  sing N N 123 
HIS CB  CG   sing N N 124 
HIS CB  HB2  sing N N 125 
HIS CB  HB3  sing N N 126 
HIS CG  ND1  sing Y N 127 
HIS CG  CD2  doub Y N 128 
HIS ND1 CE1  doub Y N 129 
HIS ND1 HD1  sing N N 130 
HIS CD2 NE2  sing Y N 131 
HIS CD2 HD2  sing N N 132 
HIS CE1 NE2  sing Y N 133 
HIS CE1 HE1  sing N N 134 
HIS NE2 HE2  sing N N 135 
HIS OXT HXT  sing N N 136 
HOH O   H1   sing N N 137 
HOH O   H2   sing N N 138 
ILE N   CA   sing N N 139 
ILE N   H    sing N N 140 
ILE N   H2   sing N N 141 
ILE CA  C    sing N N 142 
ILE CA  CB   sing N N 143 
ILE CA  HA   sing N N 144 
ILE C   O    doub N N 145 
ILE C   OXT  sing N N 146 
ILE CB  CG1  sing N N 147 
ILE CB  CG2  sing N N 148 
ILE CB  HB   sing N N 149 
ILE CG1 CD1  sing N N 150 
ILE CG1 HG12 sing N N 151 
ILE CG1 HG13 sing N N 152 
ILE CG2 HG21 sing N N 153 
ILE CG2 HG22 sing N N 154 
ILE CG2 HG23 sing N N 155 
ILE CD1 HD11 sing N N 156 
ILE CD1 HD12 sing N N 157 
ILE CD1 HD13 sing N N 158 
ILE OXT HXT  sing N N 159 
LEU N   CA   sing N N 160 
LEU N   H    sing N N 161 
LEU N   H2   sing N N 162 
LEU CA  C    sing N N 163 
LEU CA  CB   sing N N 164 
LEU CA  HA   sing N N 165 
LEU C   O    doub N N 166 
LEU C   OXT  sing N N 167 
LEU CB  CG   sing N N 168 
LEU CB  HB2  sing N N 169 
LEU CB  HB3  sing N N 170 
LEU CG  CD1  sing N N 171 
LEU CG  CD2  sing N N 172 
LEU CG  HG   sing N N 173 
LEU CD1 HD11 sing N N 174 
LEU CD1 HD12 sing N N 175 
LEU CD1 HD13 sing N N 176 
LEU CD2 HD21 sing N N 177 
LEU CD2 HD22 sing N N 178 
LEU CD2 HD23 sing N N 179 
LEU OXT HXT  sing N N 180 
LYS N   CA   sing N N 181 
LYS N   H    sing N N 182 
LYS N   H2   sing N N 183 
LYS CA  C    sing N N 184 
LYS CA  CB   sing N N 185 
LYS CA  HA   sing N N 186 
LYS C   O    doub N N 187 
LYS C   OXT  sing N N 188 
LYS CB  CG   sing N N 189 
LYS CB  HB2  sing N N 190 
LYS CB  HB3  sing N N 191 
LYS CG  CD   sing N N 192 
LYS CG  HG2  sing N N 193 
LYS CG  HG3  sing N N 194 
LYS CD  CE   sing N N 195 
LYS CD  HD2  sing N N 196 
LYS CD  HD3  sing N N 197 
LYS CE  NZ   sing N N 198 
LYS CE  HE2  sing N N 199 
LYS CE  HE3  sing N N 200 
LYS NZ  HZ1  sing N N 201 
LYS NZ  HZ2  sing N N 202 
LYS NZ  HZ3  sing N N 203 
LYS OXT HXT  sing N N 204 
MSE N   CA   sing N N 205 
MSE N   H    sing N N 206 
MSE N   H2   sing N N 207 
MSE CA  C    sing N N 208 
MSE CA  CB   sing N N 209 
MSE CA  HA   sing N N 210 
MSE C   O    doub N N 211 
MSE C   OXT  sing N N 212 
MSE OXT HXT  sing N N 213 
MSE CB  CG   sing N N 214 
MSE CB  HB2  sing N N 215 
MSE CB  HB3  sing N N 216 
MSE CG  SE   sing N N 217 
MSE CG  HG2  sing N N 218 
MSE CG  HG3  sing N N 219 
MSE SE  CE   sing N N 220 
MSE CE  HE1  sing N N 221 
MSE CE  HE2  sing N N 222 
MSE CE  HE3  sing N N 223 
PHE N   CA   sing N N 224 
PHE N   H    sing N N 225 
PHE N   H2   sing N N 226 
PHE CA  C    sing N N 227 
PHE CA  CB   sing N N 228 
PHE CA  HA   sing N N 229 
PHE C   O    doub N N 230 
PHE C   OXT  sing N N 231 
PHE CB  CG   sing N N 232 
PHE CB  HB2  sing N N 233 
PHE CB  HB3  sing N N 234 
PHE CG  CD1  doub Y N 235 
PHE CG  CD2  sing Y N 236 
PHE CD1 CE1  sing Y N 237 
PHE CD1 HD1  sing N N 238 
PHE CD2 CE2  doub Y N 239 
PHE CD2 HD2  sing N N 240 
PHE CE1 CZ   doub Y N 241 
PHE CE1 HE1  sing N N 242 
PHE CE2 CZ   sing Y N 243 
PHE CE2 HE2  sing N N 244 
PHE CZ  HZ   sing N N 245 
PHE OXT HXT  sing N N 246 
PRO N   CA   sing N N 247 
PRO N   CD   sing N N 248 
PRO N   H    sing N N 249 
PRO CA  C    sing N N 250 
PRO CA  CB   sing N N 251 
PRO CA  HA   sing N N 252 
PRO C   O    doub N N 253 
PRO C   OXT  sing N N 254 
PRO CB  CG   sing N N 255 
PRO CB  HB2  sing N N 256 
PRO CB  HB3  sing N N 257 
PRO CG  CD   sing N N 258 
PRO CG  HG2  sing N N 259 
PRO CG  HG3  sing N N 260 
PRO CD  HD2  sing N N 261 
PRO CD  HD3  sing N N 262 
PRO OXT HXT  sing N N 263 
SER N   CA   sing N N 264 
SER N   H    sing N N 265 
SER N   H2   sing N N 266 
SER CA  C    sing N N 267 
SER CA  CB   sing N N 268 
SER CA  HA   sing N N 269 
SER C   O    doub N N 270 
SER C   OXT  sing N N 271 
SER CB  OG   sing N N 272 
SER CB  HB2  sing N N 273 
SER CB  HB3  sing N N 274 
SER OG  HG   sing N N 275 
SER OXT HXT  sing N N 276 
THR N   CA   sing N N 277 
THR N   H    sing N N 278 
THR N   H2   sing N N 279 
THR CA  C    sing N N 280 
THR CA  CB   sing N N 281 
THR CA  HA   sing N N 282 
THR C   O    doub N N 283 
THR C   OXT  sing N N 284 
THR CB  OG1  sing N N 285 
THR CB  CG2  sing N N 286 
THR CB  HB   sing N N 287 
THR OG1 HG1  sing N N 288 
THR CG2 HG21 sing N N 289 
THR CG2 HG22 sing N N 290 
THR CG2 HG23 sing N N 291 
THR OXT HXT  sing N N 292 
TYR N   CA   sing N N 293 
TYR N   H    sing N N 294 
TYR N   H2   sing N N 295 
TYR CA  C    sing N N 296 
TYR CA  CB   sing N N 297 
TYR CA  HA   sing N N 298 
TYR C   O    doub N N 299 
TYR C   OXT  sing N N 300 
TYR CB  CG   sing N N 301 
TYR CB  HB2  sing N N 302 
TYR CB  HB3  sing N N 303 
TYR CG  CD1  doub Y N 304 
TYR CG  CD2  sing Y N 305 
TYR CD1 CE1  sing Y N 306 
TYR CD1 HD1  sing N N 307 
TYR CD2 CE2  doub Y N 308 
TYR CD2 HD2  sing N N 309 
TYR CE1 CZ   doub Y N 310 
TYR CE1 HE1  sing N N 311 
TYR CE2 CZ   sing Y N 312 
TYR CE2 HE2  sing N N 313 
TYR CZ  OH   sing N N 314 
TYR OH  HH   sing N N 315 
TYR OXT HXT  sing N N 316 
VAL N   CA   sing N N 317 
VAL N   H    sing N N 318 
VAL N   H2   sing N N 319 
VAL CA  C    sing N N 320 
VAL CA  CB   sing N N 321 
VAL CA  HA   sing N N 322 
VAL C   O    doub N N 323 
VAL C   OXT  sing N N 324 
VAL CB  CG1  sing N N 325 
VAL CB  CG2  sing N N 326 
VAL CB  HB   sing N N 327 
VAL CG1 HG11 sing N N 328 
VAL CG1 HG12 sing N N 329 
VAL CG1 HG13 sing N N 330 
VAL CG2 HG21 sing N N 331 
VAL CG2 HG22 sing N N 332 
VAL CG2 HG23 sing N N 333 
VAL OXT HXT  sing N N 334 
# 
_atom_sites.entry_id                    4P0Z 
_atom_sites.fract_transf_matrix[1][1]   0.00055365 
_atom_sites.fract_transf_matrix[1][2]   0.00053295 
_atom_sites.fract_transf_matrix[1][3]   -0.03277438 
_atom_sites.fract_transf_matrix[2][1]   0.01768638 
_atom_sites.fract_transf_matrix[2][2]   -0.00407836 
_atom_sites.fract_transf_matrix[2][3]   0.00023245 
_atom_sites.fract_transf_matrix[3][1]   -0.00611551 
_atom_sites.fract_transf_matrix[3][2]   -0.02723489 
_atom_sites.fract_transf_matrix[3][3]   -0.01252902 
_atom_sites.fract_transf_vector[1]      -0.297755 
_atom_sites.fract_transf_vector[2]      -0.000477 
_atom_sites.fract_transf_vector[3]      0.398462 
# 
loop_
_atom_type.symbol 
C  
N  
O  
SE 
# 
loop_
_atom_site.group_PDB 
_atom_site.id 
_atom_site.type_symbol 
_atom_site.label_atom_id 
_atom_site.label_alt_id 
_atom_site.label_comp_id 
_atom_site.label_asym_id 
_atom_site.label_entity_id 
_atom_site.label_seq_id 
_atom_site.pdbx_PDB_ins_code 
_atom_site.Cartn_x 
_atom_site.Cartn_y 
_atom_site.Cartn_z 
_atom_site.occupancy 
_atom_site.B_iso_or_equiv 
_atom_site.pdbx_formal_charge 
_atom_site.auth_seq_id 
_atom_site.auth_comp_id 
_atom_site.auth_asym_id 
_atom_site.auth_atom_id 
_atom_site.pdbx_PDB_model_num 
HETATM 1    N  N   . MSE A 1 28  ? -4.849  14.824  7.422   1.00 30.18 ? 1   MSE A N   1 
HETATM 2    C  CA  . MSE A 1 28  ? -3.734  15.811  7.474   1.00 30.43 ? 1   MSE A CA  1 
HETATM 3    C  C   . MSE A 1 28  ? -2.476  15.297  6.821   1.00 32.04 ? 1   MSE A C   1 
HETATM 4    O  O   . MSE A 1 28  ? -1.614  16.100  6.487   1.00 29.68 ? 1   MSE A O   1 
HETATM 5    C  CB  . MSE A 1 28  ? -3.443  16.232  8.934   1.00 25.05 ? 1   MSE A CB  1 
HETATM 6    C  CG  . MSE A 1 28  ? -4.674  16.988  9.453   1.00 26.05 ? 1   MSE A CG  1 
HETATM 7    SE SE  . MSE A 1 28  ? -4.235  17.677  11.248  1.00 25.67 ? 1   MSE A SE  1 
HETATM 8    C  CE  . MSE A 1 28  ? -5.945  18.594  11.539  1.00 24.27 ? 1   MSE A CE  1 
ATOM   9    N  N   . GLY A 1 29  ? -2.340  13.969  6.646   1.00 28.40 ? 2   GLY A N   1 
ATOM   10   C  CA  . GLY A 1 29  ? -1.073  13.400  6.225   1.00 27.16 ? 2   GLY A CA  1 
ATOM   11   C  C   . GLY A 1 29  ? -0.717  13.348  4.748   1.00 24.33 ? 2   GLY A C   1 
ATOM   12   O  O   . GLY A 1 29  ? -1.469  13.764  3.887   1.00 28.52 ? 2   GLY A O   1 
ATOM   13   N  N   . LYS A 1 30  ? 0.486   12.911  4.473   1.00 21.45 ? 3   LYS A N   1 
ATOM   14   C  CA  . LYS A 1 30  ? 0.960   12.655  3.074   1.00 21.99 ? 3   LYS A CA  1 
ATOM   15   C  C   . LYS A 1 30  ? 0.205   11.507  2.449   1.00 18.94 ? 3   LYS A C   1 
ATOM   16   O  O   . LYS A 1 30  ? 0.059   11.500  1.177   1.00 19.68 ? 3   LYS A O   1 
ATOM   17   C  CB  . LYS A 1 30  ? 2.426   12.264  3.069   1.00 20.48 ? 3   LYS A CB  1 
ATOM   18   C  CG  . LYS A 1 30  ? 3.409   13.370  3.442   1.00 25.50 ? 3   LYS A CG  1 
ATOM   19   C  CD  . LYS A 1 30  ? 4.800   12.778  3.286   1.00 26.99 ? 3   LYS A CD  1 
ATOM   20   C  CE  . LYS A 1 30  ? 5.929   13.721  3.694   1.00 30.59 ? 3   LYS A CE  1 
ATOM   21   N  NZ  . LYS A 1 30  ? 5.635   14.377  4.988   1.00 34.10 ? 3   LYS A NZ  1 
ATOM   22   N  N   . ILE A 1 31  ? -0.257  10.547  3.271   1.00 19.08 ? 4   ILE A N   1 
ATOM   23   C  CA  . ILE A 1 31  ? -1.056  9.418   2.824   1.00 18.25 ? 4   ILE A CA  1 
ATOM   24   C  C   . ILE A 1 31  ? -2.150  9.009   3.782   1.00 16.70 ? 4   ILE A C   1 
ATOM   25   O  O   . ILE A 1 31  ? -1.871  8.788   4.972   1.00 20.61 ? 4   ILE A O   1 
ATOM   26   C  CB  . ILE A 1 31  ? -0.135  8.241   2.417   1.00 18.61 ? 4   ILE A CB  1 
ATOM   27   C  CG1 . ILE A 1 31  ? -0.904  7.087   1.762   1.00 18.29 ? 4   ILE A CG1 1 
ATOM   28   C  CG2 . ILE A 1 31  ? 0.614   7.753   3.649   1.00 20.40 ? 4   ILE A CG2 1 
ATOM   29   C  CD1 . ILE A 1 31  ? 0.003   6.022   1.137   1.00 17.16 ? 4   ILE A CD1 1 
ATOM   30   N  N   . ASN A 1 32  ? -3.385  8.834   3.382   1.00 16.46 ? 5   ASN A N   1 
ATOM   31   C  CA  . ASN A 1 32  ? -4.442  8.355   4.186   1.00 17.26 ? 5   ASN A CA  1 
ATOM   32   C  C   . ASN A 1 32  ? -4.567  6.870   3.882   1.00 18.40 ? 5   ASN A C   1 
ATOM   33   O  O   . ASN A 1 32  ? -5.093  6.459   2.825   1.00 17.23 ? 5   ASN A O   1 
ATOM   34   C  CB  . ASN A 1 32  ? -5.708  9.100   3.817   1.00 18.03 ? 5   ASN A CB  1 
ATOM   35   C  CG  . ASN A 1 32  ? -6.894  8.709   4.628   1.00 20.62 ? 5   ASN A CG  1 
ATOM   36   O  OD1 . ASN A 1 32  ? -6.970  7.644   5.260   1.00 20.33 ? 5   ASN A OD1 1 
ATOM   37   N  ND2 . ASN A 1 32  ? -7.929  9.583   4.558   1.00 23.44 ? 5   ASN A ND2 1 
ATOM   38   N  N   . LEU A 1 33  ? -4.176  6.038   4.854   1.00 14.25 ? 6   LEU A N   1 
ATOM   39   C  CA  . LEU A 1 33  ? -4.212  4.622   4.666   1.00 15.25 ? 6   LEU A CA  1 
ATOM   40   C  C   . LEU A 1 33  ? -5.622  4.083   4.563   1.00 13.55 ? 6   LEU A C   1 
ATOM   41   O  O   . LEU A 1 33  ? -5.730  2.931   4.132   1.00 15.63 ? 6   LEU A O   1 
ATOM   42   C  CB  . LEU A 1 33  ? -3.359  3.903   5.745   1.00 14.22 ? 6   LEU A CB  1 
ATOM   43   C  CG  . LEU A 1 33  ? -1.883  4.273   5.613   1.00 13.09 ? 6   LEU A CG  1 
ATOM   44   C  CD1 . LEU A 1 33  ? -1.055  3.562   6.695   1.00 15.89 ? 6   LEU A CD1 1 
ATOM   45   C  CD2 . LEU A 1 33  ? -1.260  3.991   4.272   1.00 16.53 ? 6   LEU A CD2 1 
ATOM   46   N  N   . ASN A 1 34  ? -6.705  4.859   4.859   1.00 16.13 ? 7   ASN A N   1 
ATOM   47   C  CA  . ASN A 1 34  ? -8.027  4.326   4.722   1.00 19.06 ? 7   ASN A CA  1 
ATOM   48   C  C   . ASN A 1 34  ? -8.544  4.327   3.298   1.00 19.04 ? 7   ASN A C   1 
ATOM   49   O  O   . ASN A 1 34  ? -9.612  3.681   3.031   1.00 18.74 ? 7   ASN A O   1 
ATOM   50   C  CB  . ASN A 1 34  ? -9.000  5.041   5.632   1.00 22.49 ? 7   ASN A CB  1 
ATOM   51   C  CG  . ASN A 1 34  ? -8.598  4.918   7.075   1.00 26.96 ? 7   ASN A CG  1 
ATOM   52   O  OD1 . ASN A 1 34  ? -8.716  3.848   7.644   1.00 31.17 ? 7   ASN A OD1 1 
ATOM   53   N  ND2 . ASN A 1 34  ? -8.102  6.006   7.650   1.00 30.14 ? 7   ASN A ND2 1 
ATOM   54   N  N   . GLN A 1 35  ? -7.713  4.894   2.398   1.00 18.13 ? 8   GLN A N   1 
ATOM   55   C  CA  . GLN A 1 35  ? -8.075  5.143   0.977   1.00 15.72 ? 8   GLN A CA  1 
ATOM   56   C  C   . GLN A 1 35  ? -7.114  4.429   0.061   1.00 15.17 ? 8   GLN A C   1 
ATOM   57   O  O   . GLN A 1 35  ? -6.797  4.923   -1.045  1.00 15.96 ? 8   GLN A O   1 
ATOM   58   C  CB  . GLN A 1 35  ? -7.973  6.590   0.728   1.00 16.35 ? 8   GLN A CB  1 
ATOM   59   C  CG  . GLN A 1 35  ? -9.028  7.302   1.599   1.00 19.59 ? 8   GLN A CG  1 
ATOM   60   C  CD  . GLN A 1 35  ? -8.974  8.774   1.327   1.00 18.83 ? 8   GLN A CD  1 
ATOM   61   O  OE1 . GLN A 1 35  ? -7.937  9.371   1.093   1.00 19.87 ? 8   GLN A OE1 1 
ATOM   62   N  NE2 . GLN A 1 35  ? -10.163 9.415   1.388   1.00 28.17 ? 8   GLN A NE2 1 
ATOM   63   N  N   . ILE A 1 36  ? -6.744  3.232   0.505   1.00 13.55 ? 9   ILE A N   1 
ATOM   64   C  CA  . ILE A 1 36  ? -5.739  2.446   -0.225  1.00 12.19 ? 9   ILE A CA  1 
ATOM   65   C  C   . ILE A 1 36  ? -6.337  1.097   -0.492  1.00 13.63 ? 9   ILE A C   1 
ATOM   66   O  O   . ILE A 1 36  ? -6.804  0.328   0.427   1.00 13.26 ? 9   ILE A O   1 
ATOM   67   C  CB  . ILE A 1 36  ? -4.490  2.291   0.741   1.00 13.89 ? 9   ILE A CB  1 
ATOM   68   C  CG1 . ILE A 1 36  ? -3.803  3.610   0.995   1.00 15.37 ? 9   ILE A CG1 1 
ATOM   69   C  CG2 . ILE A 1 36  ? -3.482  1.294   0.199   1.00 14.21 ? 9   ILE A CG2 1 
ATOM   70   C  CD1 . ILE A 1 36  ? -3.311  4.279   -0.229  1.00 14.07 ? 9   ILE A CD1 1 
ATOM   71   N  N   . TYR A 1 37  ? -6.317  0.652   -1.781  1.00 11.09 ? 10  TYR A N   1 
ATOM   72   C  CA  . TYR A 1 37  ? -6.991  -0.546  -2.217  1.00 11.65 ? 10  TYR A CA  1 
ATOM   73   C  C   . TYR A 1 37  ? -6.187  -1.326  -3.197  1.00 9.74  ? 10  TYR A C   1 
ATOM   74   O  O   . TYR A 1 37  ? -5.340  -0.745  -3.957  1.00 10.24 ? 10  TYR A O   1 
ATOM   75   C  CB  . TYR A 1 37  ? -8.303  -0.186  -2.941  1.00 14.17 ? 10  TYR A CB  1 
ATOM   76   C  CG  . TYR A 1 37  ? -9.061  0.920   -2.301  1.00 12.47 ? 10  TYR A CG  1 
ATOM   77   C  CD1 . TYR A 1 37  ? -9.841  0.701   -1.134  1.00 11.06 ? 10  TYR A CD1 1 
ATOM   78   C  CD2 . TYR A 1 37  ? -8.992  2.177   -2.749  1.00 14.66 ? 10  TYR A CD2 1 
ATOM   79   C  CE1 . TYR A 1 37  ? -10.473 1.765   -0.501  1.00 12.20 ? 10  TYR A CE1 1 
ATOM   80   C  CE2 . TYR A 1 37  ? -9.570  3.236   -2.138  1.00 16.86 ? 10  TYR A CE2 1 
ATOM   81   C  CZ  . TYR A 1 37  ? -10.356 3.038   -1.009  1.00 14.72 ? 10  TYR A CZ  1 
ATOM   82   O  OH  . TYR A 1 37  ? -11.082 3.929   -0.171  1.00 19.94 ? 10  TYR A OH  1 
ATOM   83   N  N   . THR A 1 38  ? -6.301  -2.599  -3.267  1.00 10.66 ? 11  THR A N   1 
ATOM   84   C  CA  . THR A 1 38  ? -5.767  -3.386  -4.346  1.00 11.42 ? 11  THR A CA  1 
ATOM   85   C  C   . THR A 1 38  ? -6.489  -3.017  -5.672  1.00 10.21 ? 11  THR A C   1 
ATOM   86   O  O   . THR A 1 38  ? -7.556  -2.389  -5.689  1.00 10.09 ? 11  THR A O   1 
ATOM   87   C  CB  . THR A 1 38  ? -5.991  -4.883  -4.134  1.00 12.71 ? 11  THR A CB  1 
ATOM   88   O  OG1 . THR A 1 38  ? -7.401  -5.110  -4.123  1.00 15.78 ? 11  THR A OG1 1 
ATOM   89   C  CG2 . THR A 1 38  ? -5.445  -5.365  -2.698  1.00 16.85 ? 11  THR A CG2 1 
ATOM   90   N  N   . ALA A 1 39  ? -5.872  -3.475  -6.765  1.00 9.79  ? 12  ALA A N   1 
ATOM   91   C  CA  . ALA A 1 39  ? -6.515  -3.245  -8.092  1.00 10.49 ? 12  ALA A CA  1 
ATOM   92   C  C   . ALA A 1 39  ? -7.877  -3.906  -8.101  1.00 10.37 ? 12  ALA A C   1 
ATOM   93   O  O   . ALA A 1 39  ? -8.848  -3.336  -8.644  1.00 9.35  ? 12  ALA A O   1 
ATOM   94   C  CB  . ALA A 1 39  ? -5.646  -3.890  -9.204  1.00 9.67  ? 12  ALA A CB  1 
ATOM   95   N  N   . LYS A 1 40  ? -8.038  -5.084  -7.564  1.00 11.05 ? 13  LYS A N   1 
ATOM   96   C  CA  . LYS A 1 40  ? -9.377  -5.765  -7.597  1.00 11.60 ? 13  LYS A CA  1 
ATOM   97   C  C   . LYS A 1 40  ? -10.366 -4.966  -6.785  1.00 11.33 ? 13  LYS A C   1 
ATOM   98   O  O   . LYS A 1 40  ? -11.564 -4.793  -7.172  1.00 12.08 ? 13  LYS A O   1 
ATOM   99   C  CB  . LYS A 1 40  ? -9.280  -7.187  -7.022  1.00 17.47 ? 13  LYS A CB  1 
ATOM   100  C  CG  . LYS A 1 40  ? -8.656  -8.102  -7.984  1.00 20.01 ? 13  LYS A CG  1 
ATOM   101  C  CD  . LYS A 1 40  ? -8.869  -9.559  -7.453  1.00 27.13 ? 13  LYS A CD  1 
ATOM   102  C  CE  . LYS A 1 40  ? -7.638  -10.391 -7.686  1.00 35.02 ? 13  LYS A CE  1 
ATOM   103  N  NZ  . LYS A 1 40  ? -7.300  -10.594 -9.131  1.00 41.64 ? 13  LYS A NZ  1 
ATOM   104  N  N   . GLU A 1 41  ? -10.000 -4.481  -5.590  1.00 10.80 ? 14  GLU A N   1 
ATOM   105  C  CA  . GLU A 1 41  ? -10.947 -3.674  -4.839  1.00 10.56 ? 14  GLU A CA  1 
ATOM   106  C  C   . GLU A 1 41  ? -11.277 -2.408  -5.487  1.00 9.95  ? 14  GLU A C   1 
ATOM   107  O  O   . GLU A 1 41  ? -12.455 -1.968  -5.548  1.00 12.36 ? 14  GLU A O   1 
ATOM   108  C  CB  . GLU A 1 41  ? -10.423 -3.466  -3.400  1.00 15.69 ? 14  GLU A CB  1 
ATOM   109  C  CG  . GLU A 1 41  ? -11.574 -3.012  -2.540  1.00 16.27 ? 14  GLU A CG  1 
ATOM   110  C  CD  . GLU A 1 41  ? -11.305 -3.009  -1.020  1.00 16.75 ? 14  GLU A CD  1 
ATOM   111  O  OE1 . GLU A 1 41  ? -10.183 -3.322  -0.471  1.00 16.11 ? 14  GLU A OE1 1 
ATOM   112  O  OE2 . GLU A 1 41  ? -12.295 -2.618  -0.405  1.00 16.28 ? 14  GLU A OE2 1 
HETATM 113  N  N   . MSE A 1 42  ? -10.297 -1.686  -6.056  1.00 9.83  ? 15  MSE A N   1 
HETATM 114  C  CA  . MSE A 1 42  ? -10.530 -0.389  -6.703  1.00 9.40  ? 15  MSE A CA  1 
HETATM 115  C  C   . MSE A 1 42  ? -11.429 -0.642  -7.955  1.00 8.39  ? 15  MSE A C   1 
HETATM 116  O  O   . MSE A 1 42  ? -12.288 0.209   -8.243  1.00 8.36  ? 15  MSE A O   1 
HETATM 117  C  CB  . MSE A 1 42  ? -9.164  0.196   -7.166  1.00 8.60  ? 15  MSE A CB  1 
HETATM 118  C  CG  . MSE A 1 42  ? -9.326  1.532   -7.813  1.00 10.69 ? 15  MSE A CG  1 
HETATM 119  SE SE  . MSE A 1 42  ? -9.781  2.915   -6.490  1.00 11.01 ? 15  MSE A SE  1 
HETATM 120  C  CE  . MSE A 1 42  ? -10.011 4.421   -7.715  1.00 14.91 ? 15  MSE A CE  1 
ATOM   121  N  N   . SER A 1 43  ? -11.295 -1.803  -8.611  1.00 8.25  ? 16  SER A N   1 
ATOM   122  C  CA  . SER A 1 43  ? -12.103 -2.160  -9.788  1.00 8.98  ? 16  SER A CA  1 
ATOM   123  C  C   . SER A 1 43  ? -13.565 -2.172  -9.354  1.00 10.72 ? 16  SER A C   1 
ATOM   124  O  O   . SER A 1 43  ? -14.464 -1.628  -10.038 1.00 10.46 ? 16  SER A O   1 
ATOM   125  C  CB  . SER A 1 43  ? -11.760 -3.485  -10.434 1.00 8.74  ? 16  SER A CB  1 
ATOM   126  O  OG  . SER A 1 43  ? -10.460 -3.295  -11.028 1.00 9.53  ? 16  SER A OG  1 
ATOM   127  N  N   . GLU A 1 44  ? -13.851 -2.803  -8.217  1.00 10.49 ? 17  GLU A N   1 
ATOM   128  C  CA  . GLU A 1 44  ? -15.233 -2.818  -7.731  1.00 12.51 ? 17  GLU A CA  1 
ATOM   129  C  C   . GLU A 1 44  ? -15.680 -1.479  -7.291  1.00 12.22 ? 17  GLU A C   1 
ATOM   130  O  O   . GLU A 1 44  ? -16.865 -1.133  -7.459  1.00 12.16 ? 17  GLU A O   1 
ATOM   131  C  CB  . GLU A 1 44  ? -15.364 -3.859  -6.629  1.00 14.14 ? 17  GLU A CB  1 
ATOM   132  C  CG  . GLU A 1 44  ? -14.925 -5.268  -7.066  1.00 20.71 ? 17  GLU A CG  1 
ATOM   133  C  CD  . GLU A 1 44  ? -15.723 -6.294  -6.333  1.00 24.84 ? 17  GLU A CD  1 
ATOM   134  O  OE1 . GLU A 1 44  ? -16.970 -6.074  -6.370  1.00 34.29 ? 17  GLU A OE1 1 
ATOM   135  O  OE2 . GLU A 1 44  ? -15.125 -7.239  -5.794  1.00 25.25 ? 17  GLU A OE2 1 
ATOM   136  N  N   . ARG A 1 45  ? -14.847 -0.624  -6.711  1.00 12.56 ? 18  ARG A N   1 
ATOM   137  C  CA  . ARG A 1 45  ? -15.189 0.675   -6.352  1.00 12.12 ? 18  ARG A CA  1 
ATOM   138  C  C   . ARG A 1 45  ? -15.618 1.624   -7.484  1.00 14.38 ? 18  ARG A C   1 
ATOM   139  O  O   . ARG A 1 45  ? -16.288 2.659   -7.298  1.00 14.00 ? 18  ARG A O   1 
ATOM   140  C  CB  . ARG A 1 45  ? -14.036 1.372   -5.525  1.00 12.85 ? 18  ARG A CB  1 
ATOM   141  C  CG  . ARG A 1 45  ? -13.839 0.822   -4.159  1.00 14.44 ? 18  ARG A CG  1 
ATOM   142  C  CD  . ARG A 1 45  ? -12.795 1.590   -3.355  1.00 14.50 ? 18  ARG A CD  1 
ATOM   143  N  NE  . ARG A 1 45  ? -13.054 2.960   -3.081  1.00 15.05 ? 18  ARG A NE  1 
ATOM   144  C  CZ  . ARG A 1 45  ? -13.702 3.393   -1.979  1.00 14.16 ? 18  ARG A CZ  1 
ATOM   145  N  NH1 . ARG A 1 45  ? -14.074 2.479   -1.088  1.00 16.09 ? 18  ARG A NH1 1 
ATOM   146  N  NH2 . ARG A 1 45  ? -13.816 4.671   -1.767  1.00 16.26 ? 18  ARG A NH2 1 
ATOM   147  N  N   . ILE A 1 46  ? -15.161 1.311   -8.711  1.00 11.41 ? 19  ILE A N   1 
ATOM   148  C  CA  . ILE A 1 46  ? -15.525 2.085   -9.888  1.00 12.85 ? 19  ILE A CA  1 
ATOM   149  C  C   . ILE A 1 46  ? -16.582 1.295   -10.671 1.00 12.02 ? 19  ILE A C   1 
ATOM   150  O  O   . ILE A 1 46  ? -16.931 1.683   -11.792 1.00 15.49 ? 19  ILE A O   1 
ATOM   151  C  CB  . ILE A 1 46  ? -14.276 2.495   -10.743 1.00 12.85 ? 19  ILE A CB  1 
ATOM   152  C  CG1 . ILE A 1 46  ? -13.555 1.217   -11.325 1.00 12.09 ? 19  ILE A CG1 1 
ATOM   153  C  CG2 . ILE A 1 46  ? -13.288 3.293   -9.899  1.00 16.08 ? 19  ILE A CG2 1 
ATOM   154  C  CD1 . ILE A 1 46  ? -12.592 1.624   -12.483 1.00 12.87 ? 19  ILE A CD1 1 
ATOM   155  N  N   . GLY A 1 47  ? -17.150 0.258   -10.093 1.00 12.41 ? 20  GLY A N   1 
ATOM   156  C  CA  . GLY A 1 47  ? -18.333 -0.387  -10.618 1.00 13.05 ? 20  GLY A CA  1 
ATOM   157  C  C   . GLY A 1 47  ? -18.032 -1.275  -11.781 1.00 13.92 ? 20  GLY A C   1 
ATOM   158  O  O   . GLY A 1 47  ? -18.936 -1.516  -12.630 1.00 15.26 ? 20  GLY A O   1 
ATOM   159  N  N   . LYS A 1 48  ? -16.833 -1.849  -11.825 1.00 11.70 ? 21  LYS A N   1 
ATOM   160  C  CA  . LYS A 1 48  ? -16.447 -2.757  -12.888 1.00 12.24 ? 21  LYS A CA  1 
ATOM   161  C  C   . LYS A 1 48  ? -16.208 -4.180  -12.412 1.00 11.54 ? 21  LYS A C   1 
ATOM   162  O  O   . LYS A 1 48  ? -16.150 -4.379  -11.141 1.00 13.31 ? 21  LYS A O   1 
ATOM   163  C  CB  . LYS A 1 48  ? -15.113 -2.289  -13.525 1.00 11.44 ? 21  LYS A CB  1 
ATOM   164  C  CG  . LYS A 1 48  ? -15.169 -0.884  -14.121 1.00 12.79 ? 21  LYS A CG  1 
ATOM   165  C  CD  . LYS A 1 48  ? -16.237 -0.768  -15.218 1.00 13.31 ? 21  LYS A CD  1 
ATOM   166  C  CE  . LYS A 1 48  ? -16.383 0.626   -15.855 1.00 15.44 ? 21  LYS A CE  1 
ATOM   167  N  NZ  . LYS A 1 48  ? -17.431 0.571   -16.974 1.00 17.75 ? 21  LYS A NZ  1 
ATOM   168  N  N   . ASN A 1 49  ? -16.084 -5.157  -13.287 1.00 13.46 ? 22  ASN A N   1 
ATOM   169  C  CA  . ASN A 1 49  ? -15.636 -6.486  -12.877 1.00 14.82 ? 22  ASN A CA  1 
ATOM   170  C  C   . ASN A 1 49  ? -14.328 -6.351  -12.079 1.00 13.98 ? 22  ASN A C   1 
ATOM   171  O  O   . ASN A 1 49  ? -13.487 -5.485  -12.395 1.00 12.89 ? 22  ASN A O   1 
ATOM   172  C  CB  . ASN A 1 49  ? -15.408 -7.262  -14.171 1.00 18.96 ? 22  ASN A CB  1 
ATOM   173  C  CG  . ASN A 1 49  ? -14.808 -8.656  -13.959 1.00 25.94 ? 22  ASN A CG  1 
ATOM   174  O  OD1 . ASN A 1 49  ? -13.591 -8.804  -13.864 1.00 28.68 ? 22  ASN A OD1 1 
ATOM   175  N  ND2 . ASN A 1 49  ? -15.652 -9.683  -13.949 1.00 28.28 ? 22  ASN A ND2 1 
ATOM   176  N  N   . ARG A 1 50  ? -14.096 -7.213  -11.100 1.00 13.57 ? 23  ARG A N   1 
ATOM   177  C  CA  . ARG A 1 50  ? -12.918 -7.130  -10.257 1.00 13.54 ? 23  ARG A CA  1 
ATOM   178  C  C   . ARG A 1 50  ? -11.612 -7.208  -11.032 1.00 13.08 ? 23  ARG A C   1 
ATOM   179  O  O   . ARG A 1 50  ? -10.581 -6.681  -10.461 1.00 12.32 ? 23  ARG A O   1 
ATOM   180  C  CB  . ARG A 1 50  ? -12.969 -8.167  -9.139  1.00 18.92 ? 23  ARG A CB  1 
ATOM   181  C  CG  . ARG A 1 50  ? -12.916 -9.577  -9.609  1.00 21.52 ? 23  ARG A CG  1 
ATOM   182  C  CD  . ARG A 1 50  ? -12.971 -10.398 -8.314  1.00 33.14 ? 23  ARG A CD  1 
ATOM   183  N  NE  . ARG A 1 50  ? -12.590 -11.793 -8.458  1.00 41.42 ? 23  ARG A NE  1 
ATOM   184  C  CZ  . ARG A 1 50  ? -13.462 -12.798 -8.503  1.00 48.30 ? 23  ARG A CZ  1 
ATOM   185  N  NH1 . ARG A 1 50  ? -14.773 -12.561 -8.460  1.00 53.53 ? 23  ARG A NH1 1 
ATOM   186  N  NH2 . ARG A 1 50  ? -13.028 -14.045 -8.597  1.00 51.66 ? 23  ARG A NH2 1 
ATOM   187  N  N   . ASN A 1 51  ? -11.598 -7.772  -12.229 1.00 12.32 ? 24  ASN A N   1 
ATOM   188  C  CA  . ASN A 1 51  ? -10.343 -7.796  -12.949 1.00 11.67 ? 24  ASN A CA  1 
ATOM   189  C  C   . ASN A 1 51  ? -10.018 -6.611  -13.860 1.00 11.56 ? 24  ASN A C   1 
ATOM   190  O  O   . ASN A 1 51  ? -9.005  -6.616  -14.584 1.00 12.25 ? 24  ASN A O   1 
ATOM   191  C  CB  . ASN A 1 51  ? -10.201 -9.098  -13.719 1.00 17.77 ? 24  ASN A CB  1 
ATOM   192  C  CG  . ASN A 1 51  ? -10.162 -10.299 -12.757 1.00 24.33 ? 24  ASN A CG  1 
ATOM   193  O  OD1 . ASN A 1 51  ? -9.374  -10.308 -11.799 1.00 28.40 ? 24  ASN A OD1 1 
ATOM   194  N  ND2 . ASN A 1 51  ? -11.075 -11.259 -12.960 1.00 32.74 ? 24  ASN A ND2 1 
ATOM   195  N  N   . TYR A 1 52  ? -10.884 -5.617  -13.861 1.00 10.68 ? 25  TYR A N   1 
ATOM   196  C  CA  . TYR A 1 52  ? -10.790 -4.539  -14.862 1.00 8.92  ? 25  TYR A CA  1 
ATOM   197  C  C   . TYR A 1 52  ? -9.440  -3.809  -14.810 1.00 9.17  ? 25  TYR A C   1 
ATOM   198  O  O   . TYR A 1 52  ? -8.774  -3.672  -15.848 1.00 9.98  ? 25  TYR A O   1 
ATOM   199  C  CB  . TYR A 1 52  ? -11.970 -3.613  -14.574 1.00 9.22  ? 25  TYR A CB  1 
ATOM   200  C  CG  . TYR A 1 52  ? -12.067 -2.408  -15.529 1.00 9.04  ? 25  TYR A CG  1 
ATOM   201  C  CD1 . TYR A 1 52  ? -12.967 -2.401  -16.571 1.00 9.94  ? 25  TYR A CD1 1 
ATOM   202  C  CD2 . TYR A 1 52  ? -11.398 -1.188  -15.249 1.00 9.45  ? 25  TYR A CD2 1 
ATOM   203  C  CE1 . TYR A 1 52  ? -13.061 -1.258  -17.357 1.00 10.32 ? 25  TYR A CE1 1 
ATOM   204  C  CE2 . TYR A 1 52  ? -11.530 -0.053  -16.054 1.00 10.62 ? 25  TYR A CE2 1 
ATOM   205  C  CZ  . TYR A 1 52  ? -12.398 -0.104  -17.039 1.00 9.88  ? 25  TYR A CZ  1 
ATOM   206  O  OH  . TYR A 1 52  ? -12.534 1.051   -17.773 1.00 11.44 ? 25  TYR A OH  1 
ATOM   207  N  N   . LEU A 1 53  ? -9.052  -3.319  -13.644 1.00 8.62  ? 26  LEU A N   1 
ATOM   208  C  CA  . LEU A 1 53  ? -7.795  -2.578  -13.596 1.00 8.20  ? 26  LEU A CA  1 
ATOM   209  C  C   . LEU A 1 53  ? -6.557  -3.455  -13.739 1.00 9.93  ? 26  LEU A C   1 
ATOM   210  O  O   . LEU A 1 53  ? -5.566  -2.979  -14.368 1.00 9.47  ? 26  LEU A O   1 
ATOM   211  C  CB  . LEU A 1 53  ? -7.742  -1.767  -12.313 1.00 7.96  ? 26  LEU A CB  1 
ATOM   212  C  CG  . LEU A 1 53  ? -8.796  -0.571  -12.261 1.00 9.06  ? 26  LEU A CG  1 
ATOM   213  C  CD1 . LEU A 1 53  ? -8.831  -0.038  -10.812 1.00 9.65  ? 26  LEU A CD1 1 
ATOM   214  C  CD2 . LEU A 1 53  ? -8.470  0.472   -13.289 1.00 10.04 ? 26  LEU A CD2 1 
ATOM   215  N  N   . SER A 1 54  ? -6.580  -4.680  -13.253 1.00 10.15 ? 27  SER A N   1 
ATOM   216  C  CA  . SER A 1 54  ? -5.462  -5.608  -13.486 1.00 11.02 ? 27  SER A CA  1 
ATOM   217  C  C   . SER A 1 54  ? -5.327  -5.857  -14.939 1.00 10.14 ? 27  SER A C   1 
ATOM   218  O  O   . SER A 1 54  ? -4.163  -5.943  -15.420 1.00 10.60 ? 27  SER A O   1 
ATOM   219  C  CB  . SER A 1 54  ? -5.731  -6.936  -12.741 1.00 14.53 ? 27  SER A CB  1 
ATOM   220  O  OG  . SER A 1 54  ? -5.778  -6.673  -11.312 1.00 17.61 ? 27  SER A OG  1 
ATOM   221  N  N   . GLN A 1 55  ? -6.418  -6.005  -15.663 1.00 10.80 ? 28  GLN A N   1 
ATOM   222  C  CA  . GLN A 1 55  ? -6.325  -6.276  -17.119 1.00 12.56 ? 28  GLN A CA  1 
ATOM   223  C  C   . GLN A 1 55  ? -5.878  -5.032  -17.847 1.00 11.26 ? 28  GLN A C   1 
ATOM   224  O  O   . GLN A 1 55  ? -5.093  -5.069  -18.797 1.00 11.78 ? 28  GLN A O   1 
ATOM   225  C  CB  . GLN A 1 55  ? -7.709  -6.662  -17.665 1.00 16.32 ? 28  GLN A CB  1 
ATOM   226  C  CG  . GLN A 1 55  ? -7.983  -8.095  -17.243 1.00 24.91 ? 28  GLN A CG  1 
ATOM   227  C  CD  . GLN A 1 55  ? -7.085  -9.024  -18.032 1.00 34.22 ? 28  GLN A CD  1 
ATOM   228  O  OE1 . GLN A 1 55  ? -6.078  -9.569  -17.524 1.00 42.10 ? 28  GLN A OE1 1 
ATOM   229  N  NE2 . GLN A 1 55  ? -7.404  -9.158  -19.315 1.00 35.30 ? 28  GLN A NE2 1 
ATOM   230  N  N   . ALA A 1 56  ? -6.295  -3.838  -17.421 1.00 10.20 ? 29  ALA A N   1 
ATOM   231  C  CA  . ALA A 1 56  ? -5.842  -2.579  -18.029 1.00 10.41 ? 29  ALA A CA  1 
ATOM   232  C  C   . ALA A 1 56  ? -4.363  -2.495  -17.847 1.00 9.51  ? 29  ALA A C   1 
ATOM   233  O  O   . ALA A 1 56  ? -3.621  -2.049  -18.790 1.00 11.04 ? 29  ALA A O   1 
ATOM   234  C  CB  . ALA A 1 56  ? -6.575  -1.382  -17.402 1.00 9.47  ? 29  ALA A CB  1 
ATOM   235  N  N   . TYR A 1 57  ? -3.824  -2.805  -16.665 1.00 9.56  ? 30  TYR A N   1 
ATOM   236  C  CA  . TYR A 1 57  ? -2.397  -2.761  -16.430 1.00 10.57 ? 30  TYR A CA  1 
ATOM   237  C  C   . TYR A 1 57  ? -1.629  -3.784  -17.257 1.00 10.75 ? 30  TYR A C   1 
ATOM   238  O  O   . TYR A 1 57  ? -0.649  -3.419  -17.944 1.00 11.02 ? 30  TYR A O   1 
ATOM   239  C  CB  . TYR A 1 57  ? -2.155  -2.948  -14.889 1.00 10.86 ? 30  TYR A CB  1 
ATOM   240  C  CG  . TYR A 1 57  ? -0.709  -2.864  -14.516 1.00 10.67 ? 30  TYR A CG  1 
ATOM   241  C  CD1 . TYR A 1 57  ? -0.156  -1.644  -14.209 1.00 10.59 ? 30  TYR A CD1 1 
ATOM   242  C  CD2 . TYR A 1 57  ? 0.078   -4.064  -14.380 1.00 10.94 ? 30  TYR A CD2 1 
ATOM   243  C  CE1 . TYR A 1 57  ? 1.143   -1.543  -13.821 1.00 13.90 ? 30  TYR A CE1 1 
ATOM   244  C  CE2 . TYR A 1 57  ? 1.421   -3.958  -13.949 1.00 10.77 ? 30  TYR A CE2 1 
ATOM   245  C  CZ  . TYR A 1 57  ? 1.914   -2.687  -13.685 1.00 11.12 ? 30  TYR A CZ  1 
ATOM   246  O  OH  . TYR A 1 57  ? 3.270   -2.551  -13.281 1.00 15.86 ? 30  TYR A OH  1 
ATOM   247  N  N   . ARG A 1 58  ? -2.106  -5.025  -17.268 1.00 11.30 ? 31  ARG A N   1 
ATOM   248  C  CA  . ARG A 1 58  ? -1.383  -6.091  -18.042 1.00 13.25 ? 31  ARG A CA  1 
ATOM   249  C  C   . ARG A 1 58  ? -1.411  -5.776  -19.517 1.00 14.79 ? 31  ARG A C   1 
ATOM   250  O  O   . ARG A 1 58  ? -0.417  -6.060  -20.238 1.00 16.16 ? 31  ARG A O   1 
ATOM   251  C  CB  . ARG A 1 58  ? -2.146  -7.401  -17.825 1.00 15.77 ? 31  ARG A CB  1 
ATOM   252  C  CG  . ARG A 1 58  ? -1.437  -8.628  -18.379 1.00 26.43 ? 31  ARG A CG  1 
ATOM   253  C  CD  . ARG A 1 58  ? -2.211  -9.887  -17.970 1.00 28.86 ? 31  ARG A CD  1 
ATOM   254  N  NE  . ARG A 1 58  ? -3.490  -9.933  -18.679 1.00 40.34 ? 31  ARG A NE  1 
ATOM   255  C  CZ  . ARG A 1 58  ? -3.670  -10.384 -19.938 1.00 56.38 ? 31  ARG A CZ  1 
ATOM   256  N  NH1 . ARG A 1 58  ? -2.656  -10.865 -20.650 1.00 62.20 ? 31  ARG A NH1 1 
ATOM   257  N  NH2 . ARG A 1 58  ? -4.882  -10.359 -20.507 1.00 60.63 ? 31  ARG A NH2 1 
ATOM   258  N  N   . ASN A 1 59  ? -2.459  -5.105  -19.979 1.00 13.96 ? 32  ASN A N   1 
ATOM   259  C  CA  . ASN A 1 59  ? -2.600  -4.845  -21.447 1.00 14.51 ? 32  ASN A CA  1 
ATOM   260  C  C   . ASN A 1 59  ? -2.232  -3.445  -21.800 1.00 13.49 ? 32  ASN A C   1 
ATOM   261  O  O   . ASN A 1 59  ? -2.518  -3.008  -22.947 1.00 15.94 ? 32  ASN A O   1 
ATOM   262  C  CB  . ASN A 1 59  ? -3.980  -5.211  -21.867 1.00 16.28 ? 32  ASN A CB  1 
ATOM   263  C  CG  . ASN A 1 59  ? -4.238  -6.725  -21.660 1.00 17.86 ? 32  ASN A CG  1 
ATOM   264  O  OD1 . ASN A 1 59  ? -5.167  -7.163  -21.063 1.00 26.28 ? 32  ASN A OD1 1 
ATOM   265  N  ND2 . ASN A 1 59  ? -3.373  -7.506  -22.284 1.00 23.32 ? 32  ASN A ND2 1 
ATOM   266  N  N   . ASN A 1 60  ? -1.532  -2.674  -20.956 1.00 12.57 ? 33  ASN A N   1 
ATOM   267  C  CA  . ASN A 1 60  ? -0.997  -1.395  -21.257 1.00 13.26 ? 33  ASN A CA  1 
ATOM   268  C  C   . ASN A 1 60  ? -2.063  -0.434  -21.764 1.00 13.43 ? 33  ASN A C   1 
ATOM   269  O  O   . ASN A 1 60  ? -1.868  0.383   -22.696 1.00 15.27 ? 33  ASN A O   1 
ATOM   270  C  CB  . ASN A 1 60  ? 0.199   -1.509  -22.238 1.00 14.40 ? 33  ASN A CB  1 
ATOM   271  C  CG  . ASN A 1 60  ? 1.257   -2.422  -21.676 1.00 17.11 ? 33  ASN A CG  1 
ATOM   272  O  OD1 . ASN A 1 60  ? 1.592   -2.334  -20.470 1.00 17.75 ? 33  ASN A OD1 1 
ATOM   273  N  ND2 . ASN A 1 60  ? 1.774   -3.320  -22.496 1.00 23.07 ? 33  ASN A ND2 1 
ATOM   274  N  N   . LYS A 1 61  ? -3.246  -0.485  -21.156 1.00 11.61 ? 34  LYS A N   1 
ATOM   275  C  CA  . LYS A 1 61  ? -4.359  0.421   -21.561 1.00 11.42 ? 34  LYS A CA  1 
ATOM   276  C  C   . LYS A 1 61  ? -4.165  1.770   -20.858 1.00 10.39 ? 34  LYS A C   1 
ATOM   277  O  O   . LYS A 1 61  ? -4.880  2.142   -19.897 1.00 9.48  ? 34  LYS A O   1 
ATOM   278  C  CB  . LYS A 1 61  ? -5.661  -0.207  -21.214 1.00 11.14 ? 34  LYS A CB  1 
ATOM   279  C  CG  . LYS A 1 61  ? -5.824  -1.600  -21.869 1.00 15.11 ? 34  LYS A CG  1 
ATOM   280  C  CD  . LYS A 1 61  ? -6.078  -1.538  -23.340 1.00 22.78 ? 34  LYS A CD  1 
ATOM   281  C  CE  . LYS A 1 61  ? -7.549  -1.153  -23.550 1.00 27.94 ? 34  LYS A CE  1 
ATOM   282  N  NZ  . LYS A 1 61  ? -7.622  -0.853  -24.967 1.00 27.68 ? 34  LYS A NZ  1 
ATOM   283  N  N   . HIS A 1 62  ? -3.178  2.572   -21.310 1.00 9.86  ? 35  HIS A N   1 
ATOM   284  C  CA  . HIS A 1 62  ? -2.834  3.774   -20.664 1.00 9.87  ? 35  HIS A CA  1 
ATOM   285  C  C   . HIS A 1 62  ? -3.877  4.874   -20.684 1.00 9.00  ? 35  HIS A C   1 
ATOM   286  O  O   . HIS A 1 62  ? -3.948  5.712   -19.809 1.00 10.59 ? 35  HIS A O   1 
ATOM   287  C  CB  . HIS A 1 62  ? -1.465  4.254   -21.159 1.00 12.37 ? 35  HIS A CB  1 
ATOM   288  C  CG  . HIS A 1 62  ? -0.347  3.315   -20.655 1.00 14.50 ? 35  HIS A CG  1 
ATOM   289  N  ND1 . HIS A 1 62  ? 0.064   3.309   -19.314 1.00 15.76 ? 35  HIS A ND1 1 
ATOM   290  C  CD2 . HIS A 1 62  ? 0.315   2.272   -21.290 1.00 16.58 ? 35  HIS A CD2 1 
ATOM   291  C  CE1 . HIS A 1 62  ? 1.033   2.355   -19.162 1.00 16.45 ? 35  HIS A CE1 1 
ATOM   292  N  NE2 . HIS A 1 62  ? 1.184   1.694   -20.311 1.00 16.27 ? 35  HIS A NE2 1 
ATOM   293  N  N   . GLU A 1 63  ? -4.727  4.790   -21.731 1.00 10.33 ? 36  GLU A N   1 
ATOM   294  C  CA  . GLU A 1 63  ? -5.815  5.781   -21.789 1.00 8.96  ? 36  GLU A CA  1 
ATOM   295  C  C   . GLU A 1 63  ? -6.840  5.604   -20.650 1.00 8.40  ? 36  GLU A C   1 
ATOM   296  O  O   . GLU A 1 63  ? -7.444  6.556   -20.234 1.00 9.47  ? 36  GLU A O   1 
ATOM   297  C  CB  . GLU A 1 63  ? -6.576  5.691   -23.102 1.00 9.25  ? 36  GLU A CB  1 
ATOM   298  C  CG  . GLU A 1 63  ? -5.702  6.116   -24.325 1.00 10.09 ? 36  GLU A CG  1 
ATOM   299  C  CD  . GLU A 1 63  ? -4.785  5.006   -24.889 1.00 10.05 ? 36  GLU A CD  1 
ATOM   300  O  OE1 . GLU A 1 63  ? -4.697  3.882   -24.378 1.00 10.72 ? 36  GLU A OE1 1 
ATOM   301  O  OE2 . GLU A 1 63  ? -4.063  5.320   -25.849 1.00 12.42 ? 36  GLU A OE2 1 
ATOM   302  N  N   A ILE A 1 64  ? -6.871  4.410   -20.092 0.50 9.63  ? 37  ILE A N   1 
ATOM   303  N  N   B ILE A 1 64  ? -6.915  4.361   -20.159 0.50 8.81  ? 37  ILE A N   1 
ATOM   304  C  CA  A ILE A 1 64  ? -7.623  4.174   -18.855 0.50 9.82  ? 37  ILE A CA  1 
ATOM   305  C  CA  B ILE A 1 64  ? -7.662  3.976   -18.921 0.50 8.44  ? 37  ILE A CA  1 
ATOM   306  C  C   A ILE A 1 64  ? -6.765  4.461   -17.628 0.50 8.95  ? 37  ILE A C   1 
ATOM   307  C  C   B ILE A 1 64  ? -6.823  4.334   -17.657 0.50 8.38  ? 37  ILE A C   1 
ATOM   308  O  O   A ILE A 1 64  ? -7.155  5.225   -16.698 0.50 10.31 ? 37  ILE A O   1 
ATOM   309  O  O   B ILE A 1 64  ? -7.288  5.024   -16.727 0.50 10.34 ? 37  ILE A O   1 
ATOM   310  C  CB  A ILE A 1 64  ? -8.047  2.727   -18.751 0.50 9.48  ? 37  ILE A CB  1 
ATOM   311  C  CB  B ILE A 1 64  ? -8.068  2.470   -18.952 0.50 7.49  ? 37  ILE A CB  1 
ATOM   312  C  CG1 A ILE A 1 64  ? -9.099  2.457   -19.809 0.50 9.85  ? 37  ILE A CG1 1 
ATOM   313  C  CG1 B ILE A 1 64  ? -9.052  2.197   -20.092 0.50 7.68  ? 37  ILE A CG1 1 
ATOM   314  C  CG2 A ILE A 1 64  ? -8.590  2.498   -17.344 0.50 10.21 ? 37  ILE A CG2 1 
ATOM   315  C  CG2 B ILE A 1 64  ? -8.742  2.009   -17.649 0.50 7.86  ? 37  ILE A CG2 1 
ATOM   316  C  CD1 A ILE A 1 64  ? -9.168  1.017   -20.121 0.50 11.30 ? 37  ILE A CD1 1 
ATOM   317  C  CD1 B ILE A 1 64  ? -10.429 2.850   -19.934 0.50 6.88  ? 37  ILE A CD1 1 
ATOM   318  N  N   . LEU A 1 65  ? -5.573  3.845   -17.609 1.00 9.32  ? 38  LEU A N   1 
ATOM   319  C  CA  . LEU A 1 65  ? -4.730  3.948   -16.411 1.00 9.90  ? 38  LEU A CA  1 
ATOM   320  C  C   . LEU A 1 65  ? -4.381  5.368   -16.031 1.00 9.45  ? 38  LEU A C   1 
ATOM   321  O  O   . LEU A 1 65  ? -4.219  5.663   -14.841 1.00 10.29 ? 38  LEU A O   1 
ATOM   322  C  CB  . LEU A 1 65  ? -3.452  3.122   -16.544 1.00 12.03 ? 38  LEU A CB  1 
ATOM   323  C  CG  . LEU A 1 65  ? -3.554  1.597   -16.716 1.00 13.69 ? 38  LEU A CG  1 
ATOM   324  C  CD1 . LEU A 1 65  ? -2.280  1.062   -17.297 1.00 15.49 ? 38  LEU A CD1 1 
ATOM   325  C  CD2 . LEU A 1 65  ? -3.973  0.923   -15.392 1.00 16.01 ? 38  LEU A CD2 1 
ATOM   326  N  N   A LYS A 1 66  ? -4.304  6.266   -16.998 0.50 9.82  ? 39  LYS A N   1 
ATOM   327  N  N   B LYS A 1 66  ? -4.295  6.278   -16.993 0.50 9.94  ? 39  LYS A N   1 
ATOM   328  C  CA  A LYS A 1 66  ? -3.875  7.598   -16.735 0.50 10.09 ? 39  LYS A CA  1 
ATOM   329  C  CA  B LYS A 1 66  ? -3.871  7.621   -16.703 0.50 10.30 ? 39  LYS A CA  1 
ATOM   330  C  C   A LYS A 1 66  ? -4.798  8.389   -15.830 0.50 10.43 ? 39  LYS A C   1 
ATOM   331  C  C   B LYS A 1 66  ? -4.803  8.392   -15.805 0.50 10.58 ? 39  LYS A C   1 
ATOM   332  O  O   A LYS A 1 66  ? -4.415  9.430   -15.309 0.50 13.48 ? 39  LYS A O   1 
ATOM   333  O  O   B LYS A 1 66  ? -4.440  9.438   -15.280 0.50 13.59 ? 39  LYS A O   1 
ATOM   334  C  CB  A LYS A 1 66  ? -3.655  8.329   -18.090 0.50 10.25 ? 39  LYS A CB  1 
ATOM   335  C  CB  B LYS A 1 66  ? -3.686  8.409   -18.024 0.50 10.84 ? 39  LYS A CB  1 
ATOM   336  C  CG  A LYS A 1 66  ? -5.009  8.748   -18.766 0.50 9.62  ? 39  LYS A CG  1 
ATOM   337  C  CG  B LYS A 1 66  ? -5.074  8.728   -18.663 0.50 10.07 ? 39  LYS A CG  1 
ATOM   338  C  CD  A LYS A 1 66  ? -4.774  9.209   -20.216 0.50 9.12  ? 39  LYS A CD  1 
ATOM   339  C  CD  B LYS A 1 66  ? -4.999  9.757   -19.788 0.50 9.48  ? 39  LYS A CD  1 
ATOM   340  C  CE  A LYS A 1 66  ? -6.048  9.697   -20.877 0.50 8.87  ? 39  LYS A CE  1 
ATOM   341  C  CE  B LYS A 1 66  ? -6.383  9.913   -20.424 0.50 10.04 ? 39  LYS A CE  1 
ATOM   342  N  NZ  A LYS A 1 66  ? -6.867  10.633  -20.015 0.50 9.77  ? 39  LYS A NZ  1 
ATOM   343  N  NZ  B LYS A 1 66  ? -6.459  10.990  -21.468 0.50 12.47 ? 39  LYS A NZ  1 
ATOM   344  N  N   . ASN A 1 67  ? -6.010  7.924   -15.630 1.00 10.42 ? 40  ASN A N   1 
ATOM   345  C  CA  . ASN A 1 67  ? -7.013  8.590   -14.798 1.00 12.31 ? 40  ASN A CA  1 
ATOM   346  C  C   . ASN A 1 67  ? -6.957  8.179   -13.347 1.00 11.74 ? 40  ASN A C   1 
ATOM   347  O  O   . ASN A 1 67  ? -7.736  8.699   -12.534 1.00 14.36 ? 40  ASN A O   1 
ATOM   348  C  CB  . ASN A 1 67  ? -8.391  8.234   -15.345 1.00 12.84 ? 40  ASN A CB  1 
ATOM   349  C  CG  . ASN A 1 67  ? -8.484  8.560   -16.863 1.00 15.34 ? 40  ASN A CG  1 
ATOM   350  O  OD1 . ASN A 1 67  ? -8.296  9.784   -17.240 1.00 19.00 ? 40  ASN A OD1 1 
ATOM   351  N  ND2 . ASN A 1 67  ? -8.515  7.544   -17.680 1.00 12.91 ? 40  ASN A ND2 1 
ATOM   352  N  N   . PHE A 1 68  ? -6.015  7.253   -13.000 1.00 10.79 ? 41  PHE A N   1 
ATOM   353  C  CA  . PHE A 1 68  ? -5.952  6.743   -11.613 1.00 9.62  ? 41  PHE A CA  1 
ATOM   354  C  C   . PHE A 1 68  ? -4.663  7.070   -10.942 1.00 9.22  ? 41  PHE A C   1 
ATOM   355  O  O   . PHE A 1 68  ? -3.596  7.109   -11.540 1.00 10.86 ? 41  PHE A O   1 
ATOM   356  C  CB  . PHE A 1 68  ? -6.164  5.234   -11.697 1.00 11.99 ? 41  PHE A CB  1 
ATOM   357  C  CG  . PHE A 1 68  ? -7.536  4.867   -12.229 1.00 11.76 ? 41  PHE A CG  1 
ATOM   358  C  CD1 . PHE A 1 68  ? -8.666  4.884   -11.414 1.00 13.84 ? 41  PHE A CD1 1 
ATOM   359  C  CD2 . PHE A 1 68  ? -7.724  4.576   -13.566 1.00 10.30 ? 41  PHE A CD2 1 
ATOM   360  C  CE1 . PHE A 1 68  ? -9.957  4.602   -11.924 1.00 14.42 ? 41  PHE A CE1 1 
ATOM   361  C  CE2 . PHE A 1 68  ? -9.025  4.264   -14.064 1.00 11.46 ? 41  PHE A CE2 1 
ATOM   362  C  CZ  . PHE A 1 68  ? -10.140 4.273   -13.247 1.00 11.61 ? 41  PHE A CZ  1 
ATOM   363  N  N   . ASN A 1 69  ? -4.764  7.214   -9.578  1.00 10.17 ? 42  ASN A N   1 
ATOM   364  C  CA  . ASN A 1 69  ? -3.587  7.242   -8.731  1.00 9.59  ? 42  ASN A CA  1 
ATOM   365  C  C   . ASN A 1 69  ? -3.218  5.841   -8.293  1.00 8.25  ? 42  ASN A C   1 
ATOM   366  O  O   . ASN A 1 69  ? -3.958  5.188   -7.547  1.00 9.21  ? 42  ASN A O   1 
ATOM   367  C  CB  . ASN A 1 69  ? -3.924  8.083   -7.495  1.00 9.88  ? 42  ASN A CB  1 
ATOM   368  C  CG  . ASN A 1 69  ? -2.746  8.293   -6.571  1.00 9.40  ? 42  ASN A CG  1 
ATOM   369  O  OD1 . ASN A 1 69  ? -1.637  8.022   -6.901  1.00 9.66  ? 42  ASN A OD1 1 
ATOM   370  N  ND2 . ASN A 1 69  ? -3.043  8.843   -5.355  1.00 11.02 ? 42  ASN A ND2 1 
ATOM   371  N  N   . TYR A 1 70  ? -2.151  5.336   -8.902  1.00 7.85  ? 43  TYR A N   1 
ATOM   372  C  CA  . TYR A 1 70  ? -1.764  3.952   -8.572  1.00 7.74  ? 43  TYR A CA  1 
ATOM   373  C  C   . TYR A 1 70  ? -0.243  3.863   -8.632  1.00 8.63  ? 43  TYR A C   1 
ATOM   374  O  O   . TYR A 1 70  ? 0.439   4.758   -9.181  1.00 8.61  ? 43  TYR A O   1 
ATOM   375  C  CB  . TYR A 1 70  ? -2.383  2.906   -9.522  1.00 7.94  ? 43  TYR A CB  1 
ATOM   376  C  CG  . TYR A 1 70  ? -1.802  2.932   -10.882 1.00 7.33  ? 43  TYR A CG  1 
ATOM   377  C  CD1 . TYR A 1 70  ? -0.784  2.037   -11.151 1.00 8.72  ? 43  TYR A CD1 1 
ATOM   378  C  CD2 . TYR A 1 70  ? -2.221  3.794   -11.905 1.00 7.43  ? 43  TYR A CD2 1 
ATOM   379  C  CE1 . TYR A 1 70  ? -0.158  2.010   -12.419 1.00 9.42  ? 43  TYR A CE1 1 
ATOM   380  C  CE2 . TYR A 1 70  ? -1.625  3.789   -13.135 1.00 8.09  ? 43  TYR A CE2 1 
ATOM   381  C  CZ  . TYR A 1 70  ? -0.602  2.868   -13.404 1.00 8.07  ? 43  TYR A CZ  1 
ATOM   382  O  OH  . TYR A 1 70  ? 0.071   2.937   -14.645 1.00 10.36 ? 43  TYR A OH  1 
ATOM   383  N  N   A ARG A 1 71  ? 0.262   2.767   -8.067  0.50 8.47  ? 44  ARG A N   1 
ATOM   384  N  N   B ARG A 1 71  ? 0.306   2.832   -7.997  0.50 8.83  ? 44  ARG A N   1 
ATOM   385  C  CA  A ARG A 1 71  ? 1.718   2.487   -8.040  0.50 9.04  ? 44  ARG A CA  1 
ATOM   386  C  CA  B ARG A 1 71  ? 1.787   2.585   -8.007  0.50 9.89  ? 44  ARG A CA  1 
ATOM   387  C  C   A ARG A 1 71  ? 1.966   1.016   -7.887  0.50 9.65  ? 44  ARG A C   1 
ATOM   388  C  C   B ARG A 1 71  ? 2.026   1.111   -7.812  0.50 10.21 ? 44  ARG A C   1 
ATOM   389  O  O   A ARG A 1 71  ? 1.250   0.311   -7.171  0.50 9.55  ? 44  ARG A O   1 
ATOM   390  O  O   B ARG A 1 71  ? 1.307   0.511   -6.970  0.50 10.38 ? 44  ARG A O   1 
ATOM   391  C  CB  A ARG A 1 71  ? 2.320   3.230   -6.844  0.50 9.27  ? 44  ARG A CB  1 
ATOM   392  C  CB  B ARG A 1 71  ? 2.399   3.351   -6.829  0.50 11.06 ? 44  ARG A CB  1 
ATOM   393  C  CG  A ARG A 1 71  ? 3.833   3.071   -6.712  0.50 9.41  ? 44  ARG A CG  1 
ATOM   394  C  CG  B ARG A 1 71  ? 3.901   3.614   -6.985  0.50 12.02 ? 44  ARG A CG  1 
ATOM   395  C  CD  A ARG A 1 71  ? 4.406   4.050   -5.619  0.50 10.07 ? 44  ARG A CD  1 
ATOM   396  C  CD  B ARG A 1 71  ? 4.467   4.523   -5.874  0.50 14.03 ? 44  ARG A CD  1 
ATOM   397  N  NE  A ARG A 1 71  ? 5.912   4.205   -5.666  0.50 10.25 ? 44  ARG A NE  1 
ATOM   398  N  NE  B ARG A 1 71  ? 5.675   5.256   -6.333  0.50 18.09 ? 44  ARG A NE  1 
ATOM   399  C  CZ  A ARG A 1 71  ? 6.555   5.135   -6.336  0.50 10.21 ? 44  ARG A CZ  1 
ATOM   400  C  CZ  B ARG A 1 71  ? 6.958   4.945   -6.188  0.50 21.83 ? 44  ARG A CZ  1 
ATOM   401  N  NH1 A ARG A 1 71  ? 5.934   6.077   -7.039  0.50 11.51 ? 44  ARG A NH1 1 
ATOM   402  N  NH1 B ARG A 1 71  ? 7.406   3.884   -5.535  0.50 18.89 ? 44  ARG A NH1 1 
ATOM   403  N  NH2 A ARG A 1 71  ? 7.925   5.104   -6.280  0.50 10.71 ? 44  ARG A NH2 1 
ATOM   404  N  NH2 B ARG A 1 71  ? 7.856   5.769   -6.725  0.50 21.93 ? 44  ARG A NH2 1 
ATOM   405  N  N   . LYS A 1 72  ? 2.973   0.510   -8.554  1.00 10.51 ? 45  LYS A N   1 
ATOM   406  C  CA  . LYS A 1 72  ? 3.465   -0.855  -8.251  1.00 12.18 ? 45  LYS A CA  1 
ATOM   407  C  C   . LYS A 1 72  ? 4.268   -0.791  -6.905  1.00 13.97 ? 45  LYS A C   1 
ATOM   408  O  O   . LYS A 1 72  ? 5.189   -0.027  -6.709  1.00 15.19 ? 45  LYS A O   1 
ATOM   409  C  CB  . LYS A 1 72  ? 4.460   -1.220  -9.349  1.00 11.92 ? 45  LYS A CB  1 
ATOM   410  C  CG  . LYS A 1 72  ? 4.958   -2.618  -9.006  1.00 17.63 ? 45  LYS A CG  1 
ATOM   411  C  CD  . LYS A 1 72  ? 5.875   -3.086  -10.090 1.00 21.30 ? 45  LYS A CD  1 
ATOM   412  C  CE  . LYS A 1 72  ? 6.017   -4.590  -9.948  1.00 27.99 ? 45  LYS A CE  1 
ATOM   413  N  NZ  . LYS A 1 72  ? 6.952   -4.734  -8.811  1.00 29.47 ? 45  LYS A NZ  1 
ATOM   414  N  N   . ILE A 1 73  ? 3.797   -1.582  -5.948  1.00 13.89 ? 46  ILE A N   1 
ATOM   415  C  CA  . ILE A 1 73  ? 4.411   -1.661  -4.566  1.00 16.60 ? 46  ILE A CA  1 
ATOM   416  C  C   . ILE A 1 73  ? 4.652   -3.152  -4.329  1.00 16.79 ? 46  ILE A C   1 
ATOM   417  O  O   . ILE A 1 73  ? 3.734   -3.934  -4.139  1.00 18.10 ? 46  ILE A O   1 
ATOM   418  C  CB  . ILE A 1 73  ? 3.616   -0.988  -3.445  1.00 17.53 ? 46  ILE A CB  1 
ATOM   419  C  CG1 . ILE A 1 73  ? 3.206   0.476   -3.817  1.00 20.58 ? 46  ILE A CG1 1 
ATOM   420  C  CG2 . ILE A 1 73  ? 4.357   -1.089  -2.046  1.00 17.04 ? 46  ILE A CG2 1 
ATOM   421  C  CD1 . ILE A 1 73  ? 2.365   1.053   -2.752  1.00 24.54 ? 46  ILE A CD1 1 
ATOM   422  N  N   . GLY A 1 74  ? 5.906   -3.584  -4.462  1.00 20.56 ? 47  GLY A N   1 
ATOM   423  C  CA  . GLY A 1 74  ? 6.183   -5.018  -4.521  1.00 25.64 ? 47  GLY A CA  1 
ATOM   424  C  C   . GLY A 1 74  ? 5.395   -5.747  -5.625  1.00 25.49 ? 47  GLY A C   1 
ATOM   425  O  O   . GLY A 1 74  ? 5.185   -5.219  -6.759  1.00 26.46 ? 47  GLY A O   1 
ATOM   426  N  N   . GLY A 1 75  ? 4.782   -6.849  -5.278  1.00 25.32 ? 48  GLY A N   1 
ATOM   427  C  CA  . GLY A 1 75  ? 3.871   -7.548  -6.251  1.00 26.59 ? 48  GLY A CA  1 
ATOM   428  C  C   . GLY A 1 75  ? 2.384   -7.130  -6.192  1.00 29.09 ? 48  GLY A C   1 
ATOM   429  O  O   . GLY A 1 75  ? 1.506   -7.880  -6.556  1.00 28.61 ? 48  GLY A O   1 
ATOM   430  N  N   . THR A 1 76  ? 2.072   -5.944  -5.697  1.00 24.95 ? 49  THR A N   1 
ATOM   431  C  CA  . THR A 1 76  ? 0.668   -5.543  -5.605  1.00 21.54 ? 49  THR A CA  1 
ATOM   432  C  C   . THR A 1 76  ? 0.682   -4.196  -6.444  1.00 18.46 ? 49  THR A C   1 
ATOM   433  O  O   . THR A 1 76  ? 1.512   -3.322  -6.191  1.00 19.01 ? 49  THR A O   1 
ATOM   434  C  CB  . THR A 1 76  ? 0.255   -5.250  -4.167  1.00 23.36 ? 49  THR A CB  1 
ATOM   435  O  OG1 . THR A 1 76  ? 0.498   -6.407  -3.320  1.00 24.29 ? 49  THR A OG1 1 
ATOM   436  C  CG2 . THR A 1 76  ? -1.213  -4.853  -4.061  1.00 20.14 ? 49  THR A CG2 1 
ATOM   437  N  N   . ILE A 1 77  ? -0.314  -4.023  -7.334  1.00 16.39 ? 50  ILE A N   1 
ATOM   438  C  CA  . ILE A 1 77  ? -0.581  -2.659  -7.840  1.00 13.67 ? 50  ILE A CA  1 
ATOM   439  C  C   . ILE A 1 77  ? -1.556  -2.049  -6.852  1.00 10.22 ? 50  ILE A C   1 
ATOM   440  O  O   . ILE A 1 77  ? -2.744  -2.543  -6.700  1.00 14.47 ? 50  ILE A O   1 
ATOM   441  C  CB  . ILE A 1 77  ? -1.183  -2.733  -9.271  1.00 15.54 ? 50  ILE A CB  1 
ATOM   442  C  CG1 . ILE A 1 77  ? -0.370  -3.705  -10.172 1.00 19.10 ? 50  ILE A CG1 1 
ATOM   443  C  CG2 . ILE A 1 77  ? -1.219  -1.305  -9.765  1.00 16.29 ? 50  ILE A CG2 1 
ATOM   444  C  CD1 . ILE A 1 77  ? 1.105   -3.385  -10.216 1.00 22.70 ? 50  ILE A CD1 1 
ATOM   445  N  N   . ILE A 1 78  ? -1.199  -0.942  -6.272  1.00 8.60  ? 51  ILE A N   1 
ATOM   446  C  CA  . ILE A 1 78  ? -2.033  -0.361  -5.253  1.00 9.07  ? 51  ILE A CA  1 
ATOM   447  C  C   . ILE A 1 78  ? -2.643  0.902   -5.834  1.00 8.73  ? 51  ILE A C   1 
ATOM   448  O  O   . ILE A 1 78  ? -1.915  1.715   -6.521  1.00 8.58  ? 51  ILE A O   1 
ATOM   449  C  CB  . ILE A 1 78  ? -1.152  0.017   -3.994  1.00 10.20 ? 51  ILE A CB  1 
ATOM   450  C  CG1 . ILE A 1 78  ? -0.669  -1.267  -3.294  1.00 11.32 ? 51  ILE A CG1 1 
ATOM   451  C  CG2 . ILE A 1 78  ? -1.885  0.962   -3.041  1.00 12.73 ? 51  ILE A CG2 1 
ATOM   452  C  CD1 . ILE A 1 78  ? -1.839  -2.028  -2.612  1.00 16.38 ? 51  ILE A CD1 1 
ATOM   453  N  N   . PHE A 1 79  ? -3.925  1.132   -5.554  1.00 8.26  ? 52  PHE A N   1 
ATOM   454  C  CA  . PHE A 1 79  ? -4.649  2.297   -6.008  1.00 8.24  ? 52  PHE A CA  1 
ATOM   455  C  C   . PHE A 1 79  ? -5.202  3.152   -4.891  1.00 9.16  ? 52  PHE A C   1 
ATOM   456  O  O   . PHE A 1 79  ? -5.432  2.623   -3.747  1.00 10.80 ? 52  PHE A O   1 
ATOM   457  C  CB  . PHE A 1 79  ? -5.912  1.863   -6.841  1.00 8.94  ? 52  PHE A CB  1 
ATOM   458  C  CG  . PHE A 1 79  ? -5.594  1.372   -8.217  1.00 7.98  ? 52  PHE A CG  1 
ATOM   459  C  CD1 . PHE A 1 79  ? -5.858  2.177   -9.307  1.00 8.13  ? 52  PHE A CD1 1 
ATOM   460  C  CD2 . PHE A 1 79  ? -5.039  0.129   -8.422  1.00 8.17  ? 52  PHE A CD2 1 
ATOM   461  C  CE1 . PHE A 1 79  ? -5.544  1.794   -10.607 1.00 9.08  ? 52  PHE A CE1 1 
ATOM   462  C  CE2 . PHE A 1 79  ? -4.715  -0.290  -9.698  1.00 9.91  ? 52  PHE A CE2 1 
ATOM   463  C  CZ  . PHE A 1 79  ? -4.955  0.552   -10.776 1.00 9.31  ? 52  PHE A CZ  1 
ATOM   464  N  N   . SER A 1 80  ? -5.455  4.398   -5.142  1.00 10.19 ? 53  SER A N   1 
ATOM   465  C  CA  . SER A 1 80  ? -6.264  5.239   -4.232  1.00 11.75 ? 53  SER A CA  1 
ATOM   466  C  C   . SER A 1 80  ? -7.218  6.038   -5.048  1.00 12.82 ? 53  SER A C   1 
ATOM   467  O  O   . SER A 1 80  ? -6.847  6.471   -6.177  1.00 13.70 ? 53  SER A O   1 
ATOM   468  C  CB  . SER A 1 80  ? -5.368  6.181   -3.502  1.00 12.29 ? 53  SER A CB  1 
ATOM   469  O  OG  . SER A 1 80  ? -6.181  6.973   -2.538  1.00 14.42 ? 53  SER A OG  1 
ATOM   470  N  N   A ASP A 1 81  ? -8.417  6.268   -4.477  0.50 11.80 ? 54  ASP A N   1 
ATOM   471  N  N   B ASP A 1 81  ? -8.414  6.369   -4.510  0.50 12.61 ? 54  ASP A N   1 
ATOM   472  C  CA  A ASP A 1 81  ? -9.412  7.143   -5.081  0.50 13.33 ? 54  ASP A CA  1 
ATOM   473  C  CA  B ASP A 1 81  ? -9.319  7.336   -5.225  0.50 14.67 ? 54  ASP A CA  1 
ATOM   474  C  C   A ASP A 1 81  ? -9.163  8.615   -4.708  0.50 13.85 ? 54  ASP A C   1 
ATOM   475  C  C   B ASP A 1 81  ? -8.955  8.770   -4.942  0.50 14.79 ? 54  ASP A C   1 
ATOM   476  O  O   A ASP A 1 81  ? -10.023 9.438   -5.105  0.50 13.98 ? 54  ASP A O   1 
ATOM   477  O  O   B ASP A 1 81  ? -9.533  9.703   -5.533  0.50 14.21 ? 54  ASP A O   1 
ATOM   478  C  CB  A ASP A 1 81  ? -10.825 6.657   -4.729  0.50 14.09 ? 54  ASP A CB  1 
ATOM   479  C  CB  B ASP A 1 81  ? -10.777 7.099   -4.905  0.50 17.33 ? 54  ASP A CB  1 
ATOM   480  C  CG  A ASP A 1 81  ? -11.073 6.656   -3.229  0.50 13.99 ? 54  ASP A CG  1 
ATOM   481  C  CG  B ASP A 1 81  ? -10.986 6.744   -3.475  0.50 19.72 ? 54  ASP A CG  1 
ATOM   482  O  OD1 A ASP A 1 81  ? -10.257 6.109   -2.480  0.50 11.59 ? 54  ASP A OD1 1 
ATOM   483  O  OD1 B ASP A 1 81  ? -10.185 7.226   -2.611  0.50 15.96 ? 54  ASP A OD1 1 
ATOM   484  O  OD2 A ASP A 1 81  ? -12.138 7.185   -2.834  0.50 13.71 ? 54  ASP A OD2 1 
ATOM   485  O  OD2 B ASP A 1 81  ? -11.982 5.982   -3.275  0.50 23.90 ? 54  ASP A OD2 1 
ATOM   486  N  N   . ASN A 1 82  ? -8.052  8.995   -4.008  1.00 13.17 ? 55  ASN A N   1 
ATOM   487  C  CA  . ASN A 1 82  ? -7.748  10.347  -3.677  1.00 14.40 ? 55  ASN A CA  1 
ATOM   488  C  C   . ASN A 1 82  ? -6.460  10.706  -4.382  1.00 17.03 ? 55  ASN A C   1 
ATOM   489  O  O   . ASN A 1 82  ? -5.432  10.062  -4.055  1.00 14.41 ? 55  ASN A O   1 
ATOM   490  C  CB  . ASN A 1 82  ? -7.647  10.407  -2.181  1.00 17.93 ? 55  ASN A CB  1 
ATOM   491  C  CG  . ASN A 1 82  ? -7.242  11.744  -1.665  1.00 20.78 ? 55  ASN A CG  1 
ATOM   492  O  OD1 . ASN A 1 82  ? -6.817  12.665  -2.410  1.00 22.81 ? 55  ASN A OD1 1 
ATOM   493  N  ND2 . ASN A 1 82  ? -7.406  11.856  -0.324  1.00 22.41 ? 55  ASN A ND2 1 
ATOM   494  N  N   . PRO A 1 83  ? -6.450  11.630  -5.360  1.00 15.16 ? 56  PRO A N   1 
ATOM   495  C  CA  . PRO A 1 83  ? -5.210  11.935  -6.098  1.00 16.74 ? 56  PRO A CA  1 
ATOM   496  C  C   . PRO A 1 83  ? -4.103  12.510  -5.252  1.00 18.11 ? 56  PRO A C   1 
ATOM   497  O  O   . PRO A 1 83  ? -2.946  12.497  -5.669  1.00 21.82 ? 56  PRO A O   1 
ATOM   498  C  CB  . PRO A 1 83  ? -5.639  12.971  -7.173  1.00 16.98 ? 56  PRO A CB  1 
ATOM   499  C  CG  . PRO A 1 83  ? -6.837  13.582  -6.562  1.00 17.75 ? 56  PRO A CG  1 
ATOM   500  C  CD  . PRO A 1 83  ? -7.600  12.527  -5.778  1.00 18.09 ? 56  PRO A CD  1 
ATOM   501  N  N   . ASN A 1 84  ? -4.507  13.023  -4.086  1.00 21.66 ? 57  ASN A N   1 
ATOM   502  C  CA  . ASN A 1 84  ? -3.544  13.641  -3.161  1.00 24.12 ? 57  ASN A CA  1 
ATOM   503  C  C   . ASN A 1 84  ? -2.814  12.672  -2.245  1.00 20.94 ? 57  ASN A C   1 
ATOM   504  O  O   . ASN A 1 84  ? -1.945  13.089  -1.486  1.00 22.62 ? 57  ASN A O   1 
ATOM   505  C  CB  . ASN A 1 84  ? -4.215  14.661  -2.234  1.00 27.23 ? 57  ASN A CB  1 
ATOM   506  C  CG  . ASN A 1 84  ? -5.018  15.699  -2.983  1.00 35.71 ? 57  ASN A CG  1 
ATOM   507  O  OD1 . ASN A 1 84  ? -4.525  16.328  -3.932  1.00 38.74 ? 57  ASN A OD1 1 
ATOM   508  N  ND2 . ASN A 1 84  ? -6.288  15.880  -2.550  1.00 37.15 ? 57  ASN A ND2 1 
ATOM   509  N  N   A ASN A 1 85  ? -3.200  11.395  -2.260  0.50 17.00 ? 58  ASN A N   1 
ATOM   510  N  N   B ASN A 1 85  ? -3.163  11.389  -2.284  0.50 16.83 ? 58  ASN A N   1 
ATOM   511  C  CA  A ASN A 1 85  ? -2.471  10.372  -1.528  0.50 15.90 ? 58  ASN A CA  1 
ATOM   512  C  CA  B ASN A 1 85  ? -2.422  10.429  -1.484  0.50 15.47 ? 58  ASN A CA  1 
ATOM   513  C  C   A ASN A 1 85  ? -1.121  10.116  -2.230  0.50 14.95 ? 58  ASN A C   1 
ATOM   514  C  C   B ASN A 1 85  ? -1.148  10.025  -2.168  0.50 14.22 ? 58  ASN A C   1 
ATOM   515  O  O   A ASN A 1 85  ? -1.043  9.808   -3.440  0.50 15.40 ? 58  ASN A O   1 
ATOM   516  O  O   B ASN A 1 85  ? -1.169  9.487   -3.294  0.50 13.92 ? 58  ASN A O   1 
ATOM   517  C  CB  A ASN A 1 85  ? -3.319  9.108   -1.547  0.50 15.76 ? 58  ASN A CB  1 
ATOM   518  C  CB  B ASN A 1 85  ? -3.260  9.200   -1.280  0.50 15.41 ? 58  ASN A CB  1 
ATOM   519  C  CG  A ASN A 1 85  ? -3.973  8.766   -0.206  0.50 15.88 ? 58  ASN A CG  1 
ATOM   520  C  CG  B ASN A 1 85  ? -4.186  9.327   -0.126  0.50 16.99 ? 58  ASN A CG  1 
ATOM   521  O  OD1 A ASN A 1 85  ? -4.482  9.630   0.591   0.50 16.64 ? 58  ASN A OD1 1 
ATOM   522  O  OD1 B ASN A 1 85  ? -3.824  9.954   0.914   0.50 17.08 ? 58  ASN A OD1 1 
ATOM   523  N  ND2 A ASN A 1 85  ? -4.073  7.505   0.025   0.50 16.35 ? 58  ASN A ND2 1 
ATOM   524  N  ND2 B ASN A 1 85  ? -5.366  8.701   -0.237  0.50 14.09 ? 58  ASN A ND2 1 
ATOM   525  N  N   . ASP A 1 86  ? -0.020  10.278  -1.520  1.00 13.42 ? 59  ASP A N   1 
ATOM   526  C  CA  . ASP A 1 86  ? 1.279   10.016  -2.060  1.00 12.22 ? 59  ASP A CA  1 
ATOM   527  C  C   . ASP A 1 86  ? 1.631   8.554   -1.844  1.00 11.69 ? 59  ASP A C   1 
ATOM   528  O  O   . ASP A 1 86  ? 2.152   8.165   -0.805  1.00 11.91 ? 59  ASP A O   1 
ATOM   529  C  CB  . ASP A 1 86  ? 2.331   10.891  -1.428  1.00 13.95 ? 59  ASP A CB  1 
ATOM   530  C  CG  . ASP A 1 86  ? 3.725   10.680  -2.060  1.00 12.18 ? 59  ASP A CG  1 
ATOM   531  O  OD1 . ASP A 1 86  ? 3.939   9.864   -2.971  1.00 14.05 ? 59  ASP A OD1 1 
ATOM   532  O  OD2 . ASP A 1 86  ? 4.702   11.310  -1.535  1.00 17.00 ? 59  ASP A OD2 1 
ATOM   533  N  N   . LEU A 1 87  ? 1.402   7.749   -2.855  1.00 10.87 ? 60  LEU A N   1 
ATOM   534  C  CA  . LEU A 1 87  ? 1.563   6.309   -2.756  1.00 10.29 ? 60  LEU A CA  1 
ATOM   535  C  C   . LEU A 1 87  ? 3.034   5.937   -2.684  1.00 10.27 ? 60  LEU A C   1 
ATOM   536  O  O   . LEU A 1 87  ? 3.362   4.775   -2.271  1.00 10.26 ? 60  LEU A O   1 
ATOM   537  C  CB  . LEU A 1 87  ? 0.898   5.579   -3.945  1.00 9.52  ? 60  LEU A CB  1 
ATOM   538  C  CG  . LEU A 1 87  ? -0.620  5.797   -4.027  1.00 10.20 ? 60  LEU A CG  1 
ATOM   539  C  CD1 . LEU A 1 87  ? -1.099  4.974   -5.231  1.00 11.18 ? 60  LEU A CD1 1 
ATOM   540  C  CD2 . LEU A 1 87  ? -1.368  5.360   -2.786  1.00 10.89 ? 60  LEU A CD2 1 
ATOM   541  N  N   . SER A 1 88  ? 3.976   6.866   -3.062  1.00 10.22 ? 61  SER A N   1 
ATOM   542  C  CA  . SER A 1 88  ? 5.380   6.594   -2.910  1.00 10.81 ? 61  SER A CA  1 
ATOM   543  C  C   . SER A 1 88  ? 5.818   6.506   -1.434  1.00 9.99  ? 61  SER A C   1 
ATOM   544  O  O   . SER A 1 88  ? 6.893   5.972   -1.156  1.00 12.02 ? 61  SER A O   1 
ATOM   545  C  CB  . SER A 1 88  ? 6.226   7.670   -3.633  1.00 11.62 ? 61  SER A CB  1 
ATOM   546  O  OG  . SER A 1 88  ? 6.298   8.827   -2.869  1.00 14.16 ? 61  SER A OG  1 
ATOM   547  N  N   . GLN A 1 89  ? 4.913   6.889   -0.541  1.00 9.76  ? 62  GLN A N   1 
ATOM   548  C  CA  . GLN A 1 89  ? 5.263   6.727   0.873   1.00 9.88  ? 62  GLN A CA  1 
ATOM   549  C  C   . GLN A 1 89  ? 5.074   5.278   1.328   1.00 10.14 ? 62  GLN A C   1 
ATOM   550  O  O   . GLN A 1 89  ? 5.561   4.943   2.461   1.00 10.08 ? 62  GLN A O   1 
ATOM   551  C  CB  . GLN A 1 89  ? 4.371   7.641   1.712   1.00 11.51 ? 62  GLN A CB  1 
ATOM   552  C  CG  . GLN A 1 89  ? 4.558   9.147   1.408   1.00 15.22 ? 62  GLN A CG  1 
ATOM   553  C  CD  . GLN A 1 89  ? 5.942   9.665   1.598   1.00 14.48 ? 62  GLN A CD  1 
ATOM   554  O  OE1 . GLN A 1 89  ? 6.574   9.329   2.617   1.00 14.11 ? 62  GLN A OE1 1 
ATOM   555  N  NE2 . GLN A 1 89  ? 6.489   10.415  0.600   1.00 18.90 ? 62  GLN A NE2 1 
ATOM   556  N  N   . LEU A 1 90  ? 4.344   4.416   0.594   1.00 9.14  ? 63  LEU A N   1 
ATOM   557  C  CA  . LEU A 1 90  ? 4.057   3.082   1.077   1.00 10.79 ? 63  LEU A CA  1 
ATOM   558  C  C   . LEU A 1 90  ? 5.203   2.224   0.858   1.00 11.72 ? 63  LEU A C   1 
ATOM   559  O  O   . LEU A 1 90  ? 5.761   2.196   -0.272  1.00 14.79 ? 63  LEU A O   1 
ATOM   560  C  CB  . LEU A 1 90  ? 2.947   2.460   0.261   1.00 14.98 ? 63  LEU A CB  1 
ATOM   561  C  CG  . LEU A 1 90  ? 1.624   2.857   0.705   1.00 17.28 ? 63  LEU A CG  1 
ATOM   562  C  CD1 . LEU A 1 90  ? 0.640   2.477   -0.440  1.00 21.12 ? 63  LEU A CD1 1 
ATOM   563  C  CD2 . LEU A 1 90  ? 1.159   2.182   2.039   1.00 14.97 ? 63  LEU A CD2 1 
ATOM   564  N  N   . ILE A 1 91  ? 5.485   1.321   1.804   1.00 9.79  ? 64  ILE A N   1 
ATOM   565  C  CA  . ILE A 1 91  ? 6.571   0.344   1.644   1.00 10.57 ? 64  ILE A CA  1 
ATOM   566  C  C   . ILE A 1 91  ? 6.036   -0.967  2.193   1.00 9.81  ? 64  ILE A C   1 
ATOM   567  O  O   . ILE A 1 91  ? 5.210   -1.001  3.144   1.00 8.89  ? 64  ILE A O   1 
ATOM   568  C  CB  . ILE A 1 91  ? 7.868   0.745   2.372   1.00 10.76 ? 64  ILE A CB  1 
ATOM   569  C  CG1 . ILE A 1 91  ? 7.646   0.981   3.872   1.00 11.28 ? 64  ILE A CG1 1 
ATOM   570  C  CG2 . ILE A 1 91  ? 8.510   1.978   1.692   1.00 14.97 ? 64  ILE A CG2 1 
ATOM   571  C  CD1 . ILE A 1 91  ? 8.945   1.219   4.613   1.00 12.81 ? 64  ILE A CD1 1 
ATOM   572  N  N   . THR A 1 92  ? 6.462   -2.105  1.674   1.00 9.25  ? 65  THR A N   1 
ATOM   573  C  CA  . THR A 1 92  ? 6.044   -3.354  2.188   1.00 8.70  ? 65  THR A CA  1 
ATOM   574  C  C   . THR A 1 92  ? 6.669   -3.555  3.576   1.00 9.18  ? 65  THR A C   1 
ATOM   575  O  O   . THR A 1 92  ? 7.755   -3.091  3.872   1.00 8.97  ? 65  THR A O   1 
ATOM   576  C  CB  . THR A 1 92  ? 6.434   -4.553  1.334   1.00 9.10  ? 65  THR A CB  1 
ATOM   577  O  OG1 . THR A 1 92  ? 7.857   -4.622  1.236   1.00 10.45 ? 65  THR A OG1 1 
ATOM   578  C  CG2 . THR A 1 92  ? 5.871   -4.474  -0.093  1.00 9.40  ? 65  THR A CG2 1 
ATOM   579  N  N   . ALA A 1 93  ? 5.940   -4.244  4.451   1.00 8.74  ? 66  ALA A N   1 
ATOM   580  C  CA  . ALA A 1 93  ? 6.580   -4.615  5.712   1.00 9.20  ? 66  ALA A CA  1 
ATOM   581  C  C   . ALA A 1 93  ? 7.853   -5.455  5.468   1.00 8.57  ? 66  ALA A C   1 
ATOM   582  O  O   . ALA A 1 93  ? 8.773   -5.408  6.354   1.00 8.31  ? 66  ALA A O   1 
ATOM   583  C  CB  . ALA A 1 93  ? 5.569   -5.404  6.580   1.00 10.34 ? 66  ALA A CB  1 
ATOM   584  N  N   . LYS A 1 94  ? 7.908   -6.249  4.414   1.00 8.19  ? 67  LYS A N   1 
ATOM   585  C  CA  . LYS A 1 94  ? 9.160   -6.943  4.108   1.00 8.57  ? 67  LYS A CA  1 
ATOM   586  C  C   . LYS A 1 94  ? 10.337  -5.934  3.859   1.00 7.81  ? 67  LYS A C   1 
ATOM   587  O  O   . LYS A 1 94  ? 11.391  -6.161  4.436   1.00 7.61  ? 67  LYS A O   1 
ATOM   588  C  CB  . LYS A 1 94  ? 8.921   -7.913  2.937   1.00 10.47 ? 67  LYS A CB  1 
ATOM   589  C  CG  . LYS A 1 94  ? 10.156  -8.690  2.561   1.00 12.13 ? 67  LYS A CG  1 
ATOM   590  C  CD  . LYS A 1 94  ? 9.781   -9.700  1.442   1.00 15.04 ? 67  LYS A CD  1 
ATOM   591  C  CE  . LYS A 1 94  ? 10.989  -10.374 0.838   1.00 20.23 ? 67  LYS A CE  1 
ATOM   592  N  NZ  . LYS A 1 94  ? 10.644  -11.441 -0.197  1.00 27.67 ? 67  LYS A NZ  1 
ATOM   593  N  N   . GLU A 1 95  ? 10.127  -4.973  3.032   1.00 7.47  ? 68  GLU A N   1 
ATOM   594  C  CA  . GLU A 1 95  ? 11.183  -4.009  2.800   1.00 7.84  ? 68  GLU A CA  1 
ATOM   595  C  C   . GLU A 1 95  ? 11.524  -3.298  4.100   1.00 8.49  ? 68  GLU A C   1 
ATOM   596  O  O   . GLU A 1 95  ? 12.696  -3.094  4.392   1.00 8.68  ? 68  GLU A O   1 
ATOM   597  C  CB  . GLU A 1 95  ? 10.803  -3.023  1.719   1.00 10.12 ? 68  GLU A CB  1 
ATOM   598  C  CG  . GLU A 1 95  ? 11.992  -2.033  1.487   1.00 12.39 ? 68  GLU A CG  1 
ATOM   599  C  CD  . GLU A 1 95  ? 11.732  -0.745  0.740   1.00 14.41 ? 68  GLU A CD  1 
ATOM   600  O  OE1 . GLU A 1 95  ? 10.618  -0.527  0.238   1.00 15.18 ? 68  GLU A OE1 1 
ATOM   601  O  OE2 . GLU A 1 95  ? 12.704  0.054   0.673   1.00 13.70 ? 68  GLU A OE2 1 
ATOM   602  N  N   . ALA A 1 96  ? 10.513  -2.934  4.891   1.00 7.95  ? 69  ALA A N   1 
ATOM   603  C  CA  . ALA A 1 96  ? 10.834  -2.179  6.169   1.00 8.29  ? 69  ALA A CA  1 
ATOM   604  C  C   . ALA A 1 96  ? 11.681  -3.117  7.083   1.00 7.21  ? 69  ALA A C   1 
ATOM   605  O  O   . ALA A 1 96  ? 12.605  -2.589  7.724   1.00 8.58  ? 69  ALA A O   1 
ATOM   606  C  CB  . ALA A 1 96  ? 9.523   -1.790  6.835   1.00 9.23  ? 69  ALA A CB  1 
ATOM   607  N  N   . SER A 1 97  ? 11.349  -4.400  7.142   1.00 6.90  ? 70  SER A N   1 
ATOM   608  C  CA  . SER A 1 97  ? 12.102  -5.334  7.959   1.00 6.75  ? 70  SER A CA  1 
ATOM   609  C  C   . SER A 1 97  ? 13.546  -5.353  7.465   1.00 7.43  ? 70  SER A C   1 
ATOM   610  O  O   . SER A 1 97  ? 14.484  -5.359  8.269   1.00 8.71  ? 70  SER A O   1 
ATOM   611  C  CB  . SER A 1 97  ? 11.530  -6.717  7.893   1.00 6.81  ? 70  SER A CB  1 
ATOM   612  O  OG  . SER A 1 97  ? 10.147  -6.757  8.373   1.00 7.73  ? 70  SER A OG  1 
ATOM   613  N  N   . GLN A 1 98  ? 13.715  -5.477  6.146   1.00 7.70  ? 71  GLN A N   1 
ATOM   614  C  CA  . GLN A 1 98  ? 15.079  -5.576  5.570   1.00 7.60  ? 71  GLN A CA  1 
ATOM   615  C  C   . GLN A 1 98  ? 15.805  -4.276  5.886   1.00 9.16  ? 71  GLN A C   1 
ATOM   616  O  O   . GLN A 1 98  ? 17.017  -4.345  6.182   1.00 9.86  ? 71  GLN A O   1 
ATOM   617  C  CB  . GLN A 1 98  ? 14.997  -5.817  4.082   1.00 8.40  ? 71  GLN A CB  1 
ATOM   618  C  CG  . GLN A 1 98  ? 14.375  -7.200  3.729   1.00 9.29  ? 71  GLN A CG  1 
ATOM   619  C  CD  . GLN A 1 98  ? 13.956  -7.378  2.286   1.00 9.19  ? 71  GLN A CD  1 
ATOM   620  O  OE1 . GLN A 1 98  ? 13.802  -6.345  1.575   1.00 11.74 ? 71  GLN A OE1 1 
ATOM   621  N  NE2 . GLN A 1 98  ? 13.717  -8.631  1.856   1.00 10.30 ? 71  GLN A NE2 1 
ATOM   622  N  N   . LEU A 1 99  ? 15.205  -3.102  5.724   1.00 8.53  ? 72  LEU A N   1 
ATOM   623  C  CA  . LEU A 1 99  ? 15.861  -1.851  6.053   1.00 9.25  ? 72  LEU A CA  1 
ATOM   624  C  C   . LEU A 1 99  ? 16.382  -1.836  7.503   1.00 11.10 ? 72  LEU A C   1 
ATOM   625  O  O   . LEU A 1 99  ? 17.414  -1.143  7.771   1.00 12.80 ? 72  LEU A O   1 
ATOM   626  C  CB  . LEU A 1 99  ? 14.898  -0.663  5.782   1.00 11.50 ? 72  LEU A CB  1 
ATOM   627  C  CG  . LEU A 1 99  ? 14.604  -0.397  4.295   1.00 11.43 ? 72  LEU A CG  1 
ATOM   628  C  CD1 . LEU A 1 99  ? 13.478  0.629   4.216   1.00 12.46 ? 72  LEU A CD1 1 
ATOM   629  C  CD2 . LEU A 1 99  ? 15.866  0.097   3.570   1.00 12.52 ? 72  LEU A CD2 1 
ATOM   630  N  N   . LEU A 1 100 ? 15.692  -2.478  8.446   1.00 10.21 ? 73  LEU A N   1 
ATOM   631  C  CA  . LEU A 1 100 ? 16.164  -2.482  9.835   1.00 11.74 ? 73  LEU A CA  1 
ATOM   632  C  C   . LEU A 1 100 ? 17.170  -3.575  10.053  1.00 12.48 ? 73  LEU A C   1 
ATOM   633  O  O   . LEU A 1 100 ? 17.580  -3.785  11.247  1.00 14.14 ? 73  LEU A O   1 
ATOM   634  C  CB  . LEU A 1 100 ? 14.971  -2.699  10.745  1.00 13.32 ? 73  LEU A CB  1 
ATOM   635  C  CG  . LEU A 1 100 ? 13.947  -1.601  10.776  1.00 12.64 ? 73  LEU A CG  1 
ATOM   636  C  CD1 . LEU A 1 100 ? 12.917  -1.974  11.861  1.00 13.85 ? 73  LEU A CD1 1 
ATOM   637  C  CD2 . LEU A 1 100 ? 14.583  -0.196  11.011  1.00 14.90 ? 73  LEU A CD2 1 
ATOM   638  N  N   . GLY A 1 101 ? 17.532  -4.341  9.034   1.00 11.95 ? 74  GLY A N   1 
ATOM   639  C  CA  . GLY A 1 101 ? 18.479  -5.426  9.252   1.00 11.83 ? 74  GLY A CA  1 
ATOM   640  C  C   . GLY A 1 101 ? 17.926  -6.599  9.962   1.00 11.38 ? 74  GLY A C   1 
ATOM   641  O  O   . GLY A 1 101 ? 18.642  -7.293  10.655  1.00 14.79 ? 74  GLY A O   1 
ATOM   642  N  N   . LYS A 1 102 ? 16.660  -6.905  9.725   1.00 10.51 ? 75  LYS A N   1 
ATOM   643  C  CA  . LYS A 1 102 ? 15.963  -7.999  10.357  1.00 9.60  ? 75  LYS A CA  1 
ATOM   644  C  C   . LYS A 1 102 ? 15.475  -9.026  9.359   1.00 9.60  ? 75  LYS A C   1 
ATOM   645  O  O   . LYS A 1 102 ? 15.495  -8.743  8.166   1.00 11.43 ? 75  LYS A O   1 
ATOM   646  C  CB  . LYS A 1 102 ? 14.719  -7.503  11.147  1.00 10.57 ? 75  LYS A CB  1 
ATOM   647  C  CG  . LYS A 1 102 ? 15.050  -6.442  12.165  1.00 11.49 ? 75  LYS A CG  1 
ATOM   648  C  CD  . LYS A 1 102 ? 15.879  -6.993  13.322  1.00 14.09 ? 75  LYS A CD  1 
ATOM   649  C  CE  . LYS A 1 102 ? 16.386  -5.803  14.152  1.00 16.49 ? 75  LYS A CE  1 
ATOM   650  N  NZ  . LYS A 1 102 ? 17.140  -6.271  15.384  1.00 18.99 ? 75  LYS A NZ  1 
ATOM   651  N  N   . ASN A 1 103 ? 15.056  -10.199 9.764   1.00 10.11 ? 76  ASN A N   1 
ATOM   652  C  CA  . ASN A 1 103 ? 14.421  -11.219 8.940   1.00 10.09 ? 76  ASN A CA  1 
ATOM   653  C  C   . ASN A 1 103 ? 13.293  -10.579 8.129   1.00 9.07  ? 76  ASN A C   1 
ATOM   654  O  O   . ASN A 1 103 ? 12.561  -9.664  8.609   1.00 9.61  ? 76  ASN A O   1 
ATOM   655  C  CB  . ASN A 1 103 ? 13.766  -12.297 9.874   1.00 14.70 ? 76  ASN A CB  1 
ATOM   656  C  CG  . ASN A 1 103 ? 13.209  -13.580 9.132   1.00 15.75 ? 76  ASN A CG  1 
ATOM   657  O  OD1 . ASN A 1 103 ? 12.128  -13.644 8.619   1.00 15.34 ? 76  ASN A OD1 1 
ATOM   658  N  ND2 . ASN A 1 103 ? 13.972  -14.674 9.161   1.00 16.56 ? 76  ASN A ND2 1 
ATOM   659  N  N   . ASP A 1 104 ? 13.010  -11.139 6.972   1.00 8.31  ? 77  ASP A N   1 
ATOM   660  C  CA  . ASP A 1 104 ? 11.946  -10.672 6.081   1.00 8.69  ? 77  ASP A CA  1 
ATOM   661  C  C   . ASP A 1 104 ? 10.604  -10.565 6.792   1.00 10.16 ? 77  ASP A C   1 
ATOM   662  O  O   . ASP A 1 104 ? 9.774   -9.729  6.390   1.00 10.42 ? 77  ASP A O   1 
ATOM   663  C  CB  . ASP A 1 104 ? 11.796  -11.597 4.891   1.00 10.43 ? 77  ASP A CB  1 
ATOM   664  C  CG  . ASP A 1 104 ? 12.995  -11.490 3.867   1.00 12.27 ? 77  ASP A CG  1 
ATOM   665  O  OD1 . ASP A 1 104 ? 13.769  -10.572 3.963   1.00 12.28 ? 77  ASP A OD1 1 
ATOM   666  O  OD2 . ASP A 1 104 ? 12.936  -12.360 2.916   1.00 15.01 ? 77  ASP A OD2 1 
ATOM   667  N  N   . GLU A 1 105 ? 10.366  -11.469 7.758   1.00 10.81 ? 78  GLU A N   1 
ATOM   668  C  CA  . GLU A 1 105 ? 9.042   -11.579 8.426   1.00 11.57 ? 78  GLU A CA  1 
ATOM   669  C  C   . GLU A 1 105 ? 9.034   -10.764 9.686   1.00 10.34 ? 78  GLU A C   1 
ATOM   670  O  O   . GLU A 1 105 ? 8.074   -10.922 10.506  1.00 12.10 ? 78  GLU A O   1 
ATOM   671  C  CB  . GLU A 1 105 ? 8.745   -13.052 8.826   1.00 14.73 ? 78  GLU A CB  1 
ATOM   672  C  CG  . GLU A 1 105 ? 8.604   -13.942 7.668   1.00 18.41 ? 78  GLU A CG  1 
ATOM   673  C  CD  . GLU A 1 105 ? 7.474   -13.504 6.820   1.00 24.53 ? 78  GLU A CD  1 
ATOM   674  O  OE1 . GLU A 1 105 ? 6.384   -13.172 7.394   1.00 25.06 ? 78  GLU A OE1 1 
ATOM   675  O  OE2 . GLU A 1 105 ? 7.684   -13.443 5.579   1.00 31.44 ? 78  GLU A OE2 1 
ATOM   676  N  N   . TYR A 1 106 ? 9.974   -9.959  9.999   1.00 9.15  ? 79  TYR A N   1 
ATOM   677  C  CA  . TYR A 1 106 ? 10.101  -9.238  11.259  1.00 9.54  ? 79  TYR A CA  1 
ATOM   678  C  C   . TYR A 1 106 ? 8.788   -8.494  11.572  1.00 8.85  ? 79  TYR A C   1 
ATOM   679  O  O   . TYR A 1 106 ? 8.139   -8.696  12.637  1.00 8.87  ? 79  TYR A O   1 
ATOM   680  C  CB  . TYR A 1 106 ? 11.272  -8.233  11.298  1.00 10.18 ? 79  TYR A CB  1 
ATOM   681  C  CG  . TYR A 1 106 ? 11.402  -7.287  12.438  1.00 9.18  ? 79  TYR A CG  1 
ATOM   682  C  CD1 . TYR A 1 106 ? 12.001  -7.737  13.626  1.00 10.71 ? 79  TYR A CD1 1 
ATOM   683  C  CD2 . TYR A 1 106 ? 10.961  -5.986  12.326  1.00 10.75 ? 79  TYR A CD2 1 
ATOM   684  C  CE1 . TYR A 1 106 ? 12.154  -6.858  14.665  1.00 10.66 ? 79  TYR A CE1 1 
ATOM   685  C  CE2 . TYR A 1 106 ? 11.121  -5.099  13.354  1.00 10.61 ? 79  TYR A CE2 1 
ATOM   686  C  CZ  . TYR A 1 106 ? 11.717  -5.524  14.531  1.00 12.28 ? 79  TYR A CZ  1 
ATOM   687  O  OH  . TYR A 1 106 ? 11.878  -4.596  15.580  1.00 14.22 ? 79  TYR A OH  1 
ATOM   688  N  N   . PHE A 1 107 ? 8.363   -7.550  10.748  1.00 7.89  ? 80  PHE A N   1 
ATOM   689  C  CA  . PHE A 1 107 ? 7.130   -6.779  10.988  1.00 8.23  ? 80  PHE A CA  1 
ATOM   690  C  C   . PHE A 1 107 ? 5.925   -7.641  10.878  1.00 7.65  ? 80  PHE A C   1 
ATOM   691  O  O   . PHE A 1 107 ? 5.005   -7.430  11.679  1.00 7.77  ? 80  PHE A O   1 
ATOM   692  C  CB  . PHE A 1 107 ? 7.068   -5.576  10.041  1.00 8.10  ? 80  PHE A CB  1 
ATOM   693  C  CG  . PHE A 1 107 ? 7.838   -4.390  10.523  1.00 8.03  ? 80  PHE A CG  1 
ATOM   694  C  CD1 . PHE A 1 107 ? 7.442   -3.707  11.679  1.00 8.99  ? 80  PHE A CD1 1 
ATOM   695  C  CD2 . PHE A 1 107 ? 8.977   -3.968  9.871   1.00 8.41  ? 80  PHE A CD2 1 
ATOM   696  C  CE1 . PHE A 1 107 ? 8.103   -2.590  12.187  1.00 8.91  ? 80  PHE A CE1 1 
ATOM   697  C  CE2 . PHE A 1 107 ? 9.650   -2.827  10.373  1.00 9.36  ? 80  PHE A CE2 1 
ATOM   698  C  CZ  . PHE A 1 107 ? 9.240   -2.137  11.514  1.00 9.36  ? 80  PHE A CZ  1 
ATOM   699  N  N   . ALA A 1 108 ? 5.846   -8.610  9.967   1.00 7.99  ? 81  ALA A N   1 
ATOM   700  C  CA  . ALA A 1 108 ? 4.656   -9.434  9.797   1.00 8.07  ? 81  ALA A CA  1 
ATOM   701  C  C   . ALA A 1 108 ? 4.440   -10.214 11.076  1.00 7.91  ? 81  ALA A C   1 
ATOM   702  O  O   . ALA A 1 108 ? 3.303   -10.424 11.509  1.00 8.38  ? 81  ALA A O   1 
ATOM   703  C  CB  . ALA A 1 108 ? 4.806   -10.412 8.640   1.00 9.59  ? 81  ALA A CB  1 
ATOM   704  N  N   . HIS A 1 109 ? 5.507   -10.676 11.719  1.00 7.97  ? 82  HIS A N   1 
ATOM   705  C  CA  . HIS A 1 109 ? 5.409   -11.565 12.912  1.00 7.20  ? 82  HIS A CA  1 
ATOM   706  C  C   . HIS A 1 109 ? 4.968   -10.720 14.063  1.00 8.00  ? 82  HIS A C   1 
ATOM   707  O  O   . HIS A 1 109 ? 4.045   -11.172 14.831  1.00 8.17  ? 82  HIS A O   1 
ATOM   708  C  CB  . HIS A 1 109 ? 6.796   -12.187 13.170  1.00 8.86  ? 82  HIS A CB  1 
ATOM   709  C  CG  . HIS A 1 109 ? 6.817   -13.155 14.315  1.00 9.17  ? 82  HIS A CG  1 
ATOM   710  N  ND1 . HIS A 1 109 ? 7.051   -12.789 15.607  1.00 12.81 ? 82  HIS A ND1 1 
ATOM   711  C  CD2 . HIS A 1 109 ? 6.648   -14.460 14.286  1.00 10.00 ? 82  HIS A CD2 1 
ATOM   712  C  CE1 . HIS A 1 109 ? 7.021   -13.902 16.344  1.00 11.34 ? 82  HIS A CE1 1 
ATOM   713  N  NE2 . HIS A 1 109 ? 6.804   -14.908 15.558  1.00 12.34 ? 82  HIS A NE2 1 
ATOM   714  N  N   . ILE A 1 110 ? 5.491   -9.531  14.272  1.00 7.71  ? 83  ILE A N   1 
ATOM   715  C  CA  . ILE A 1 110 ? 5.039   -8.594  15.286  1.00 8.68  ? 83  ILE A CA  1 
ATOM   716  C  C   . ILE A 1 110 ? 3.576   -8.273  15.037  1.00 8.28  ? 83  ILE A C   1 
ATOM   717  O  O   . ILE A 1 110 ? 2.768   -8.205  16.022  1.00 8.67  ? 83  ILE A O   1 
ATOM   718  C  CB  . ILE A 1 110 ? 5.867   -7.223  15.244  1.00 11.31 ? 83  ILE A CB  1 
ATOM   719  C  CG1 . ILE A 1 110 ? 7.318   -7.495  15.729  1.00 14.42 ? 83  ILE A CG1 1 
ATOM   720  C  CG2 . ILE A 1 110 ? 5.147   -6.113  16.067  1.00 11.92 ? 83  ILE A CG2 1 
ATOM   721  C  CD1 . ILE A 1 110 ? 8.270   -6.336  15.445  1.00 17.85 ? 83  ILE A CD1 1 
ATOM   722  N  N   . TYR A 1 111 ? 3.178   -7.928  13.834  1.00 7.56  ? 84  TYR A N   1 
ATOM   723  C  CA  . TYR A 1 111 ? 1.827   -7.484  13.605  1.00 8.67  ? 84  TYR A CA  1 
ATOM   724  C  C   . TYR A 1 111 ? 0.909   -8.630  14.006  1.00 7.74  ? 84  TYR A C   1 
ATOM   725  O  O   . TYR A 1 111 ? -0.223  -8.315  14.495  1.00 8.75  ? 84  TYR A O   1 
ATOM   726  C  CB  . TYR A 1 111 ? 1.702   -7.108  12.118  1.00 9.85  ? 84  TYR A CB  1 
ATOM   727  C  CG  . TYR A 1 111 ? 0.283   -6.814  11.645  1.00 9.17  ? 84  TYR A CG  1 
ATOM   728  C  CD1 . TYR A 1 111 ? -0.444  -5.741  12.097  1.00 10.05 ? 84  TYR A CD1 1 
ATOM   729  C  CD2 . TYR A 1 111 ? -0.274  -7.615  10.641  1.00 9.54  ? 84  TYR A CD2 1 
ATOM   730  C  CE1 . TYR A 1 111 ? -1.740  -5.471  11.623  1.00 9.14  ? 84  TYR A CE1 1 
ATOM   731  C  CE2 . TYR A 1 111 ? -1.585  -7.303  10.129  1.00 11.32 ? 84  TYR A CE2 1 
ATOM   732  C  CZ  . TYR A 1 111 ? -2.204  -6.255  10.669  1.00 9.80  ? 84  TYR A CZ  1 
ATOM   733  O  OH  . TYR A 1 111 ? -3.509  -6.052  10.174  1.00 13.38 ? 84  TYR A OH  1 
ATOM   734  N  N   . LYS A 1 112 ? 1.156   -9.896  13.687  1.00 7.41  ? 85  LYS A N   1 
ATOM   735  C  CA  . LYS A 1 112 ? 0.242   -10.956 13.987  1.00 8.50  ? 85  LYS A CA  1 
ATOM   736  C  C   . LYS A 1 112 ? 0.204   -11.274 15.484  1.00 7.65  ? 85  LYS A C   1 
ATOM   737  O  O   . LYS A 1 112 ? -0.902  -11.484 16.002  1.00 8.57  ? 85  LYS A O   1 
ATOM   738  C  CB  . LYS A 1 112 ? 0.597   -12.174 13.225  1.00 9.88  ? 85  LYS A CB  1 
ATOM   739  C  CG  . LYS A 1 112 ? -0.325  -13.362 13.558  1.00 11.07 ? 85  LYS A CG  1 
ATOM   740  C  CD  . LYS A 1 112 ? -0.224  -14.395 12.477  1.00 13.18 ? 85  LYS A CD  1 
ATOM   741  C  CE  . LYS A 1 112 ? -0.910  -15.687 13.020  1.00 12.79 ? 85  LYS A CE  1 
ATOM   742  N  NZ  . LYS A 1 112 ? -0.981  -16.731 11.984  1.00 14.03 ? 85  LYS A NZ  1 
ATOM   743  N  N   . ARG A 1 113 ? 1.311   -11.258 16.214  1.00 7.77  ? 86  ARG A N   1 
ATOM   744  C  CA  . ARG A 1 113 ? 1.315   -11.731 17.608  1.00 8.17  ? 86  ARG A CA  1 
ATOM   745  C  C   . ARG A 1 113 ? 1.252   -10.617 18.587  1.00 7.27  ? 86  ARG A C   1 
ATOM   746  O  O   . ARG A 1 113 ? 0.716   -10.833 19.690  1.00 7.96  ? 86  ARG A O   1 
ATOM   747  C  CB  . ARG A 1 113 ? 2.613   -12.527 17.837  1.00 9.82  ? 86  ARG A CB  1 
ATOM   748  C  CG  . ARG A 1 113 ? 2.556   -13.882 17.202  1.00 11.46 ? 86  ARG A CG  1 
ATOM   749  C  CD  . ARG A 1 113 ? 3.851   -14.499 16.833  1.00 15.97 ? 86  ARG A CD  1 
ATOM   750  N  NE  . ARG A 1 113 ? 3.638   -15.649 15.911  1.00 15.71 ? 86  ARG A NE  1 
ATOM   751  C  CZ  . ARG A 1 113 ? 3.378   -15.566 14.609  1.00 18.35 ? 86  ARG A CZ  1 
ATOM   752  N  NH1 . ARG A 1 113 ? 3.408   -14.378 13.891  1.00 18.57 ? 86  ARG A NH1 1 
ATOM   753  N  NH2 . ARG A 1 113 ? 3.196   -16.695 13.913  1.00 22.33 ? 86  ARG A NH2 1 
ATOM   754  N  N   . PHE A 1 114 ? 1.786   -9.433  18.330  1.00 7.01  ? 87  PHE A N   1 
ATOM   755  C  CA  . PHE A 1 114 ? 1.960   -8.325  19.230  1.00 7.63  ? 87  PHE A CA  1 
ATOM   756  C  C   . PHE A 1 114 ? 1.508   -7.043  18.549  1.00 9.36  ? 87  PHE A C   1 
ATOM   757  O  O   . PHE A 1 114 ? 2.269   -6.077  18.475  1.00 8.67  ? 87  PHE A O   1 
ATOM   758  C  CB  . PHE A 1 114 ? 3.415   -8.221  19.754  1.00 8.55  ? 87  PHE A CB  1 
ATOM   759  C  CG  . PHE A 1 114 ? 3.988   -9.571  20.064  1.00 8.65  ? 87  PHE A CG  1 
ATOM   760  C  CD1 . PHE A 1 114 ? 3.511   -10.271 21.157  1.00 8.80  ? 87  PHE A CD1 1 
ATOM   761  C  CD2 . PHE A 1 114 ? 5.042   -10.141 19.324  1.00 9.14  ? 87  PHE A CD2 1 
ATOM   762  C  CE1 . PHE A 1 114 ? 3.982   -11.517 21.490  1.00 9.65  ? 87  PHE A CE1 1 
ATOM   763  C  CE2 . PHE A 1 114 ? 5.588   -11.409 19.674  1.00 9.20  ? 87  PHE A CE2 1 
ATOM   764  C  CZ  . PHE A 1 114 ? 5.065   -12.064 20.757  1.00 9.51  ? 87  PHE A CZ  1 
ATOM   765  N  N   . PRO A 1 115 ? 0.247   -6.999  18.115  1.00 9.42  ? 88  PRO A N   1 
ATOM   766  C  CA  . PRO A 1 115 ? -0.130  -5.828  17.291  1.00 9.57  ? 88  PRO A CA  1 
ATOM   767  C  C   . PRO A 1 115 ? -0.012  -4.537  18.006  1.00 10.86 ? 88  PRO A C   1 
ATOM   768  O  O   . PRO A 1 115 ? 0.149   -3.499  17.343  1.00 11.26 ? 88  PRO A O   1 
ATOM   769  C  CB  . PRO A 1 115 ? -1.628  -6.130  16.937  1.00 10.21 ? 88  PRO A CB  1 
ATOM   770  C  CG  . PRO A 1 115 ? -2.074  -7.139  17.996  1.00 11.10 ? 88  PRO A CG  1 
ATOM   771  C  CD  . PRO A 1 115 ? -0.839  -8.024  18.211  1.00 10.47 ? 88  PRO A CD  1 
ATOM   772  N  N   . HIS A 1 116 ? -0.109  -4.478  19.330  1.00 10.96 ? 89  HIS A N   1 
ATOM   773  C  CA  . HIS A 1 116 ? 0.039   -3.199  20.012  1.00 14.32 ? 89  HIS A CA  1 
ATOM   774  C  C   . HIS A 1 116 ? 1.413   -2.578  19.825  1.00 13.63 ? 89  HIS A C   1 
ATOM   775  O  O   . HIS A 1 116 ? 1.573   -1.340  20.014  1.00 14.34 ? 89  HIS A O   1 
ATOM   776  C  CB  . HIS A 1 116 ? -0.264  -3.326  21.507  1.00 18.73 ? 89  HIS A CB  1 
ATOM   777  C  CG  . HIS A 1 116 ? -0.585  -1.983  22.172  1.00 25.67 ? 89  HIS A CG  1 
ATOM   778  N  ND1 . HIS A 1 116 ? -1.693  -1.239  21.867  1.00 26.98 ? 89  HIS A ND1 1 
ATOM   779  C  CD2 . HIS A 1 116 ? 0.157   -1.240  23.099  1.00 33.49 ? 89  HIS A CD2 1 
ATOM   780  C  CE1 . HIS A 1 116 ? -1.652  -0.087  22.579  1.00 31.95 ? 89  HIS A CE1 1 
ATOM   781  N  NE2 . HIS A 1 116 ? -0.529  -0.107  23.353  1.00 38.19 ? 89  HIS A NE2 1 
ATOM   782  N  N   . ARG A 1 117 ? 2.430   -3.362  19.389  1.00 11.86 ? 90  ARG A N   1 
ATOM   783  C  CA  . ARG A 1 117 ? 3.717   -2.786  19.131  1.00 14.37 ? 90  ARG A CA  1 
ATOM   784  C  C   . ARG A 1 117 ? 3.650   -1.822  17.968  1.00 15.59 ? 90  ARG A C   1 
ATOM   785  O  O   . ARG A 1 117 ? 4.522   -0.918  17.847  1.00 17.83 ? 90  ARG A O   1 
ATOM   786  C  CB  . ARG A 1 117 ? 4.747   -3.828  18.731  1.00 17.17 ? 90  ARG A CB  1 
ATOM   787  C  CG  . ARG A 1 117 ? 5.167   -4.665  19.839  1.00 24.06 ? 90  ARG A CG  1 
ATOM   788  C  CD  . ARG A 1 117 ? 6.670   -4.738  19.998  1.00 33.07 ? 90  ARG A CD  1 
ATOM   789  N  NE  . ARG A 1 117 ? 7.487   -3.545  19.833  1.00 34.70 ? 90  ARG A NE  1 
ATOM   790  C  CZ  . ARG A 1 117 ? 8.735   -3.652  19.388  1.00 36.35 ? 90  ARG A CZ  1 
ATOM   791  N  NH1 . ARG A 1 117 ? 9.168   -4.893  19.063  1.00 41.19 ? 90  ARG A NH1 1 
ATOM   792  N  NH2 . ARG A 1 117 ? 9.549   -2.599  19.230  1.00 42.12 ? 90  ARG A NH2 1 
ATOM   793  N  N   . LEU A 1 118 ? 2.663   -1.892  17.105  1.00 12.20 ? 91  LEU A N   1 
ATOM   794  C  CA  . LEU A 1 118 ? 2.438   -1.019  15.971  1.00 13.34 ? 91  LEU A CA  1 
ATOM   795  C  C   . LEU A 1 118 ? 1.381   0.081   16.203  1.00 13.81 ? 91  LEU A C   1 
ATOM   796  O  O   . LEU A 1 118 ? 0.937   0.732   15.234  1.00 13.97 ? 91  LEU A O   1 
ATOM   797  C  CB  . LEU A 1 118 ? 2.107   -1.814  14.726  1.00 14.72 ? 91  LEU A CB  1 
ATOM   798  C  CG  . LEU A 1 118 ? 3.239   -2.818  14.366  1.00 13.90 ? 91  LEU A CG  1 
ATOM   799  C  CD1 . LEU A 1 118 ? 2.875   -3.440  13.036  1.00 15.78 ? 91  LEU A CD1 1 
ATOM   800  C  CD2 . LEU A 1 118 ? 4.596   -2.144  14.132  1.00 16.34 ? 91  LEU A CD2 1 
ATOM   801  N  N   . GLU A 1 119 ? 0.872   0.157   17.459  1.00 16.74 ? 92  GLU A N   1 
ATOM   802  C  CA  . GLU A 1 119 ? 0.182   1.425   17.844  1.00 19.53 ? 92  GLU A CA  1 
ATOM   803  C  C   . GLU A 1 119 ? 1.007   2.683   17.604  1.00 15.56 ? 92  GLU A C   1 
ATOM   804  O  O   . GLU A 1 119 ? 2.165   2.793   17.925  1.00 19.08 ? 92  GLU A O   1 
ATOM   805  C  CB  . GLU A 1 119 ? -0.231  1.381   19.304  1.00 23.86 ? 92  GLU A CB  1 
ATOM   806  C  CG  . GLU A 1 119 ? -1.377  0.418   19.522  1.00 32.60 ? 92  GLU A CG  1 
ATOM   807  C  CD  . GLU A 1 119 ? -2.701  0.808   18.819  1.00 45.44 ? 92  GLU A CD  1 
ATOM   808  O  OE1 . GLU A 1 119 ? -3.421  1.720   19.309  1.00 48.81 ? 92  GLU A OE1 1 
ATOM   809  O  OE2 . GLU A 1 119 ? -3.051  0.149   17.801  1.00 44.15 ? 92  GLU A OE2 1 
ATOM   810  N  N   . GLY A 1 120 ? 0.358   3.584   16.890  1.00 17.17 ? 93  GLY A N   1 
ATOM   811  C  CA  . GLY A 1 120 ? 1.036   4.820   16.539  1.00 16.84 ? 93  GLY A CA  1 
ATOM   812  C  C   . GLY A 1 120 ? 1.977   4.666   15.337  1.00 14.27 ? 93  GLY A C   1 
ATOM   813  O  O   . GLY A 1 120 ? 2.670   5.654   14.981  1.00 15.27 ? 93  GLY A O   1 
ATOM   814  N  N   . ILE A 1 121 ? 1.999   3.456   14.688  1.00 12.24 ? 94  ILE A N   1 
ATOM   815  C  CA  . ILE A 1 121 ? 2.906   3.245   13.534  1.00 11.50 ? 94  ILE A CA  1 
ATOM   816  C  C   . ILE A 1 121 ? 1.968   3.026   12.391  1.00 11.00 ? 94  ILE A C   1 
ATOM   817  O  O   . ILE A 1 121 ? 1.318   1.937   12.297  1.00 14.15 ? 94  ILE A O   1 
ATOM   818  C  CB  . ILE A 1 121 ? 3.784   2.005   13.812  1.00 11.02 ? 94  ILE A CB  1 
ATOM   819  C  CG1 . ILE A 1 121 ? 4.607   2.070   15.136  1.00 11.89 ? 94  ILE A CG1 1 
ATOM   820  C  CG2 . ILE A 1 121 ? 4.679   1.738   12.570  1.00 11.53 ? 94  ILE A CG2 1 
ATOM   821  C  CD1 . ILE A 1 121 ? 5.469   3.332   15.261  1.00 11.43 ? 94  ILE A CD1 1 
ATOM   822  N  N   . ASP A 1 122 ? 1.807   4.008   11.521  1.00 10.20 ? 95  ASP A N   1 
ATOM   823  C  CA  . ASP A 1 122 ? 0.826   3.897   10.400  1.00 12.18 ? 95  ASP A CA  1 
ATOM   824  C  C   . ASP A 1 122 ? 1.128   2.597   9.637   1.00 11.03 ? 95  ASP A C   1 
ATOM   825  O  O   . ASP A 1 122 ? 2.274   2.332   9.196   1.00 10.11 ? 95  ASP A O   1 
ATOM   826  C  CB  . ASP A 1 122 ? 0.886   5.070   9.434   1.00 13.07 ? 95  ASP A CB  1 
ATOM   827  C  CG  . ASP A 1 122 ? 0.404   6.373   10.065  1.00 16.24 ? 95  ASP A CG  1 
ATOM   828  O  OD1 . ASP A 1 122 ? -0.298  6.271   11.108  1.00 20.13 ? 95  ASP A OD1 1 
ATOM   829  O  OD2 . ASP A 1 122 ? 0.666   7.398   9.404   1.00 17.88 ? 95  ASP A OD2 1 
ATOM   830  N  N   . HIS A 1 123 ? 0.078   1.833   9.393   1.00 10.26 ? 96  HIS A N   1 
ATOM   831  C  CA  . HIS A 1 123 ? 0.211   0.565   8.617   1.00 9.30  ? 96  HIS A CA  1 
ATOM   832  C  C   . HIS A 1 123 ? -1.117  0.156   8.104   1.00 9.85  ? 96  HIS A C   1 
ATOM   833  O  O   . HIS A 1 123 ? -2.183  0.609   8.552   1.00 11.69 ? 96  HIS A O   1 
ATOM   834  C  CB  . HIS A 1 123 ? 0.819   -0.554  9.539   1.00 10.43 ? 96  HIS A CB  1 
ATOM   835  C  CG  . HIS A 1 123 ? -0.116  -0.975  10.653  1.00 10.81 ? 96  HIS A CG  1 
ATOM   836  N  ND1 . HIS A 1 123 ? -0.135  -0.267  11.801  1.00 13.79 ? 96  HIS A ND1 1 
ATOM   837  C  CD2 . HIS A 1 123 ? -1.083  -1.940  10.752  1.00 13.05 ? 96  HIS A CD2 1 
ATOM   838  C  CE1 . HIS A 1 123 ? -1.088  -0.799  12.645  1.00 13.94 ? 96  HIS A CE1 1 
ATOM   839  N  NE2 . HIS A 1 123 ? -1.667  -1.821  12.000  1.00 14.56 ? 96  HIS A NE2 1 
ATOM   840  N  N   . ILE A 1 124 ? -1.089  -0.641  7.047   1.00 10.10 ? 97  ILE A N   1 
ATOM   841  C  CA  . ILE A 1 124 ? -2.337  -1.181  6.473   1.00 12.02 ? 97  ILE A CA  1 
ATOM   842  C  C   . ILE A 1 124 ? -2.024  -2.620  5.985   1.00 9.16  ? 97  ILE A C   1 
ATOM   843  O  O   . ILE A 1 124 ? -0.984  -2.892  5.427   1.00 9.38  ? 97  ILE A O   1 
ATOM   844  C  CB  . ILE A 1 124 ? -2.858  -0.285  5.317   1.00 11.65 ? 97  ILE A CB  1 
ATOM   845  C  CG1 . ILE A 1 124 ? -4.181  -0.892  4.778   1.00 15.09 ? 97  ILE A CG1 1 
ATOM   846  C  CG2 . ILE A 1 124 ? -1.878  -0.072  4.189   1.00 12.91 ? 97  ILE A CG2 1 
ATOM   847  C  CD1 . ILE A 1 124 ? -4.798  -0.140  3.594   1.00 17.33 ? 97  ILE A CD1 1 
ATOM   848  N  N   . TYR A 1 125 ? -2.988  -3.535  6.191   1.00 9.18  ? 98  TYR A N   1 
ATOM   849  C  CA  . TYR A 1 125 ? -2.966  -4.862  5.633   1.00 9.94  ? 98  TYR A CA  1 
ATOM   850  C  C   . TYR A 1 125 ? -4.052  -4.959  4.557   1.00 11.43 ? 98  TYR A C   1 
ATOM   851  O  O   . TYR A 1 125 ? -5.259  -4.788  4.821   1.00 12.79 ? 98  TYR A O   1 
ATOM   852  C  CB  . TYR A 1 125 ? -3.263  -5.843  6.780   1.00 10.84 ? 98  TYR A CB  1 
ATOM   853  C  CG  . TYR A 1 125 ? -3.029  -7.255  6.360   1.00 10.68 ? 98  TYR A CG  1 
ATOM   854  C  CD1 . TYR A 1 125 ? -1.761  -7.866  6.391   1.00 10.98 ? 98  TYR A CD1 1 
ATOM   855  C  CD2 . TYR A 1 125 ? -4.097  -7.992  5.833   1.00 11.69 ? 98  TYR A CD2 1 
ATOM   856  C  CE1 . TYR A 1 125 ? -1.573  -9.174  5.986   1.00 11.30 ? 98  TYR A CE1 1 
ATOM   857  C  CE2 . TYR A 1 125 ? -3.923  -9.340  5.435   1.00 11.48 ? 98  TYR A CE2 1 
ATOM   858  C  CZ  . TYR A 1 125 ? -2.656  -9.916  5.569   1.00 10.20 ? 98  TYR A CZ  1 
ATOM   859  O  OH  . TYR A 1 125 ? -2.468  -11.248 5.163   1.00 12.47 ? 98  TYR A OH  1 
ATOM   860  N  N   . THR A 1 126 ? -3.638  -5.136  3.312   1.00 10.48 ? 99  THR A N   1 
ATOM   861  C  CA  . THR A 1 126 ? -4.566  -5.350  2.243   1.00 11.37 ? 99  THR A CA  1 
ATOM   862  C  C   . THR A 1 126 ? -3.955  -6.202  1.174   1.00 11.29 ? 99  THR A C   1 
ATOM   863  O  O   . THR A 1 126 ? -2.711  -6.222  1.081   1.00 10.18 ? 99  THR A O   1 
ATOM   864  C  CB  . THR A 1 126 ? -5.113  -4.013  1.784   1.00 13.27 ? 99  THR A CB  1 
ATOM   865  O  OG1 . THR A 1 126 ? -6.321  -4.360  1.051   1.00 16.19 ? 99  THR A OG1 1 
ATOM   866  C  CG2 . THR A 1 126 ? -4.090  -3.281  0.940   1.00 12.21 ? 99  THR A CG2 1 
ATOM   867  N  N   . GLY A 1 127 ? -4.742  -6.914  0.346   1.00 10.34 ? 100 GLY A N   1 
ATOM   868  C  CA  . GLY A 1 127 ? -4.123  -7.804  -0.595  1.00 11.53 ? 100 GLY A CA  1 
ATOM   869  C  C   . GLY A 1 127 ? -3.207  -8.831  0.009   1.00 11.52 ? 100 GLY A C   1 
ATOM   870  O  O   . GLY A 1 127 ? -2.156  -9.163  -0.552  1.00 12.52 ? 100 GLY A O   1 
ATOM   871  N  N   . LYS A 1 128 ? -3.566  -9.244  1.208   1.00 11.00 ? 101 LYS A N   1 
ATOM   872  C  CA  . LYS A 1 128 ? -2.774  -10.249 1.958   1.00 11.72 ? 101 LYS A CA  1 
ATOM   873  C  C   . LYS A 1 128 ? -1.320  -9.847  2.208   1.00 11.88 ? 101 LYS A C   1 
ATOM   874  O  O   . LYS A 1 128 ? -0.414  -10.639 2.359   1.00 12.77 ? 101 LYS A O   1 
ATOM   875  C  CB  . LYS A 1 128 ? -2.874  -11.655 1.305   1.00 13.76 ? 101 LYS A CB  1 
ATOM   876  C  CG  . LYS A 1 128 ? -4.354  -12.060 1.176   1.00 15.20 ? 101 LYS A CG  1 
ATOM   877  C  CD  . LYS A 1 128 ? -4.497  -13.504 0.702   1.00 19.86 ? 101 LYS A CD  1 
ATOM   878  C  CE  . LYS A 1 128 ? -5.946  -13.995 0.854   1.00 25.16 ? 101 LYS A CE  1 
ATOM   879  N  NZ  . LYS A 1 128 ? -6.058  -15.479 0.797   1.00 35.10 ? 101 LYS A NZ  1 
ATOM   880  N  N   . THR A 1 129 ? -1.136  -8.534  2.380   1.00 11.25 ? 102 THR A N   1 
ATOM   881  C  CA  . THR A 1 129 ? 0.210   -7.945  2.554   1.00 9.92  ? 102 THR A CA  1 
ATOM   882  C  C   . THR A 1 129 ? 0.114   -6.775  3.567   1.00 9.42  ? 102 THR A C   1 
ATOM   883  O  O   . THR A 1 129 ? -0.752  -5.953  3.519   1.00 10.01 ? 102 THR A O   1 
ATOM   884  C  CB  . THR A 1 129 ? 0.678   -7.339  1.230   1.00 11.14 ? 102 THR A CB  1 
ATOM   885  O  OG1 . THR A 1 129 ? 0.632   -8.363  0.223   1.00 12.53 ? 102 THR A OG1 1 
ATOM   886  C  CG2 . THR A 1 129 ? 2.126   -6.778  1.299   1.00 12.94 ? 102 THR A CG2 1 
ATOM   887  N  N   . LEU A 1 130 ? 1.113   -6.753  4.461   1.00 8.84  ? 103 LEU A N   1 
ATOM   888  C  CA  . LEU A 1 130 ? 1.257   -5.673  5.415   1.00 8.52  ? 103 LEU A CA  1 
ATOM   889  C  C   . LEU A 1 130 ? 2.170   -4.619  4.765   1.00 8.40  ? 103 LEU A C   1 
ATOM   890  O  O   . LEU A 1 130 ? 3.247   -4.954  4.223   1.00 8.22  ? 103 LEU A O   1 
ATOM   891  C  CB  . LEU A 1 130 ? 1.915   -6.206  6.716   1.00 8.89  ? 103 LEU A CB  1 
ATOM   892  C  CG  . LEU A 1 130 ? 2.057   -5.141  7.751   1.00 8.16  ? 103 LEU A CG  1 
ATOM   893  C  CD1 . LEU A 1 130 ? 0.715   -4.575  8.233   1.00 8.77  ? 103 LEU A CD1 1 
ATOM   894  C  CD2 . LEU A 1 130 ? 2.815   -5.668  9.015   1.00 9.70  ? 103 LEU A CD2 1 
ATOM   895  N  N   . PHE A 1 131 ? 1.753   -3.383  4.922   1.00 7.84  ? 104 PHE A N   1 
ATOM   896  C  CA  . PHE A 1 131 ? 2.527   -2.211  4.428   1.00 7.58  ? 104 PHE A CA  1 
ATOM   897  C  C   . PHE A 1 131 ? 2.702   -1.216  5.582   1.00 8.33  ? 104 PHE A C   1 
ATOM   898  O  O   . PHE A 1 131 ? 1.793   -1.082  6.413   1.00 8.92  ? 104 PHE A O   1 
ATOM   899  C  CB  . PHE A 1 131 ? 1.726   -1.402  3.321   1.00 9.05  ? 104 PHE A CB  1 
ATOM   900  C  CG  . PHE A 1 131 ? 1.416   -2.241  2.112   1.00 8.27  ? 104 PHE A CG  1 
ATOM   901  C  CD1 . PHE A 1 131 ? 2.313   -2.296  1.042   1.00 8.43  ? 104 PHE A CD1 1 
ATOM   902  C  CD2 . PHE A 1 131 ? 0.195   -2.995  2.019   1.00 9.48  ? 104 PHE A CD2 1 
ATOM   903  C  CE1 . PHE A 1 131 ? 2.004   -3.090  -0.070  1.00 9.10  ? 104 PHE A CE1 1 
ATOM   904  C  CE2 . PHE A 1 131 ? -0.090  -3.751  0.918   1.00 9.87  ? 104 PHE A CE2 1 
ATOM   905  C  CZ  . PHE A 1 131 ? 0.812   -3.778  -0.147  1.00 10.90 ? 104 PHE A CZ  1 
ATOM   906  N  N   . LEU A 1 132 ? 3.868   -0.564  5.635   1.00 8.55  ? 105 LEU A N   1 
ATOM   907  C  CA  . LEU A 1 132 ? 4.143   0.591   6.503   1.00 8.53  ? 105 LEU A CA  1 
ATOM   908  C  C   . LEU A 1 132 ? 4.328   1.789   5.604   1.00 8.27  ? 105 LEU A C   1 
ATOM   909  O  O   . LEU A 1 132 ? 4.089   1.659   4.384   1.00 8.55  ? 105 LEU A O   1 
ATOM   910  C  CB  . LEU A 1 132 ? 5.437   0.319   7.342   1.00 10.19 ? 105 LEU A CB  1 
ATOM   911  C  CG  . LEU A 1 132 ? 5.248   -0.411  8.685   1.00 12.63 ? 105 LEU A CG  1 
ATOM   912  C  CD1 . LEU A 1 132 ? 4.710   -1.810  8.600   1.00 15.83 ? 105 LEU A CD1 1 
ATOM   913  C  CD2 . LEU A 1 132 ? 6.525   -0.439  9.522   1.00 12.45 ? 105 LEU A CD2 1 
ATOM   914  N  N   . THR A 1 133 ? 4.646   2.910   6.212   1.00 8.26  ? 106 THR A N   1 
ATOM   915  C  CA  . THR A 1 133 ? 5.050   4.079   5.398   1.00 9.36  ? 106 THR A CA  1 
ATOM   916  C  C   . THR A 1 133 ? 6.503   4.395   5.693   1.00 9.30  ? 106 THR A C   1 
ATOM   917  O  O   . THR A 1 133 ? 7.039   3.988   6.736   1.00 8.99  ? 106 THR A O   1 
ATOM   918  C  CB  . THR A 1 133 ? 4.129   5.288   5.639   1.00 11.13 ? 106 THR A CB  1 
ATOM   919  O  OG1 . THR A 1 133 ? 4.342   5.730   6.971   1.00 10.33 ? 106 THR A OG1 1 
ATOM   920  C  CG2 . THR A 1 133 ? 2.625   4.879   5.509   1.00 11.24 ? 106 THR A CG2 1 
ATOM   921  N  N   . LYS A 1 134 ? 7.127   5.207   4.832   1.00 10.76 ? 107 LYS A N   1 
ATOM   922  C  CA  . LYS A 1 134 ? 8.487   5.603   5.105   1.00 10.32 ? 107 LYS A CA  1 
ATOM   923  C  C   . LYS A 1 134 ? 8.531   6.405   6.420   1.00 9.92  ? 107 LYS A C   1 
ATOM   924  O  O   . LYS A 1 134 ? 9.425   6.158   7.249   1.00 12.49 ? 107 LYS A O   1 
ATOM   925  C  CB  . LYS A 1 134 ? 8.938   6.540   3.957   1.00 11.38 ? 107 LYS A CB  1 
ATOM   926  C  CG  . LYS A 1 134 ? 9.161   5.703   2.640   1.00 14.03 ? 107 LYS A CG  1 
ATOM   927  C  CD  . LYS A 1 134 ? 9.556   6.636   1.475   1.00 15.61 ? 107 LYS A CD  1 
ATOM   928  C  CE  . LYS A 1 134 ? 9.750   5.718   0.236   1.00 18.65 ? 107 LYS A CE  1 
ATOM   929  N  NZ  . LYS A 1 134 ? 10.136  6.449   -1.014  1.00 22.36 ? 107 LYS A NZ  1 
ATOM   930  N  N   . GLU A 1 135 ? 7.521   7.213   6.692   1.00 10.01 ? 108 GLU A N   1 
ATOM   931  C  CA  . GLU A 1 135 ? 7.567   8.038   7.908   1.00 10.61 ? 108 GLU A CA  1 
ATOM   932  C  C   . GLU A 1 135 ? 7.236   7.134   9.096   1.00 10.78 ? 108 GLU A C   1 
ATOM   933  O  O   . GLU A 1 135 ? 7.817   7.358   10.188  1.00 10.94 ? 108 GLU A O   1 
ATOM   934  C  CB  . GLU A 1 135 ? 6.574   9.206   7.855   1.00 14.53 ? 108 GLU A CB  1 
ATOM   935  C  CG  . GLU A 1 135 ? 7.025   10.312  6.933   1.00 19.42 ? 108 GLU A CG  1 
ATOM   936  C  CD  . GLU A 1 135 ? 6.180   11.564  7.001   1.00 25.42 ? 108 GLU A CD  1 
ATOM   937  O  OE1 . GLU A 1 135 ? 5.004   11.525  7.407   1.00 27.43 ? 108 GLU A OE1 1 
ATOM   938  O  OE2 . GLU A 1 135 ? 6.719   12.623  6.572   1.00 34.27 ? 108 GLU A OE2 1 
ATOM   939  N  N   . SER A 1 136 ? 6.362   6.118   8.976   1.00 9.90  ? 109 SER A N   1 
ATOM   940  C  CA  . SER A 1 136 ? 6.049   5.307   10.150  1.00 10.13 ? 109 SER A CA  1 
ATOM   941  C  C   . SER A 1 136 ? 7.180   4.386   10.499  1.00 9.27  ? 109 SER A C   1 
ATOM   942  O  O   . SER A 1 136 ? 7.366   4.117   11.706  1.00 9.80  ? 109 SER A O   1 
ATOM   943  C  CB  . SER A 1 136 ? 4.681   4.579   9.998   1.00 9.70  ? 109 SER A CB  1 
ATOM   944  O  OG  . SER A 1 136 ? 4.761   3.412   9.187   1.00 10.01 ? 109 SER A OG  1 
ATOM   945  N  N   . LEU A 1 137 ? 7.975   3.945   9.533   1.00 9.69  ? 110 LEU A N   1 
ATOM   946  C  CA  . LEU A 1 137 ? 9.181   3.246   9.818   1.00 10.55 ? 110 LEU A CA  1 
ATOM   947  C  C   . LEU A 1 137 ? 10.095  4.135   10.665  1.00 10.74 ? 110 LEU A C   1 
ATOM   948  O  O   . LEU A 1 137 ? 10.748  3.612   11.611  1.00 11.76 ? 110 LEU A O   1 
ATOM   949  C  CB  . LEU A 1 137 ? 9.843   2.743   8.534   1.00 11.58 ? 110 LEU A CB  1 
ATOM   950  C  CG  . LEU A 1 137 ? 11.182  2.001   8.748   1.00 12.46 ? 110 LEU A CG  1 
ATOM   951  C  CD1 . LEU A 1 137 ? 10.924  0.734   9.573   1.00 14.25 ? 110 LEU A CD1 1 
ATOM   952  C  CD2 . LEU A 1 137 ? 11.800  1.607   7.408   1.00 14.78 ? 110 LEU A CD2 1 
ATOM   953  N  N   . GLU A 1 138 ? 10.204  5.389   10.306  1.00 10.60 ? 111 GLU A N   1 
ATOM   954  C  CA  . GLU A 1 138 ? 11.004  6.325   11.159  1.00 12.47 ? 111 GLU A CA  1 
ATOM   955  C  C   . GLU A 1 138 ? 10.468  6.488   12.547  1.00 11.38 ? 111 GLU A C   1 
ATOM   956  O  O   . GLU A 1 138 ? 11.278  6.556   13.543  1.00 13.06 ? 111 GLU A O   1 
ATOM   957  C  CB  . GLU A 1 138 ? 11.215  7.687   10.495  1.00 15.54 ? 111 GLU A CB  1 
ATOM   958  C  CG  . GLU A 1 138 ? 12.018  7.621   9.212   1.00 20.60 ? 111 GLU A CG  1 
ATOM   959  C  CD  . GLU A 1 138 ? 13.335  6.876   9.353   1.00 25.93 ? 111 GLU A CD  1 
ATOM   960  O  OE1 . GLU A 1 138 ? 14.081  7.128   10.300  1.00 28.51 ? 111 GLU A OE1 1 
ATOM   961  O  OE2 . GLU A 1 138 ? 13.601  6.019   8.515   1.00 30.26 ? 111 GLU A OE2 1 
ATOM   962  N  N   . VAL A 1 139 ? 9.147   6.562   12.694  1.00 11.86 ? 112 VAL A N   1 
ATOM   963  C  CA  . VAL A 1 139 ? 8.575   6.631   14.027  1.00 11.04 ? 112 VAL A CA  1 
ATOM   964  C  C   . VAL A 1 139 ? 8.951   5.373   14.806  1.00 12.36 ? 112 VAL A C   1 
ATOM   965  O  O   . VAL A 1 139 ? 9.330   5.426   15.999  1.00 13.44 ? 112 VAL A O   1 
ATOM   966  C  CB  . VAL A 1 139 ? 7.043   6.828   13.955  1.00 11.87 ? 112 VAL A CB  1 
ATOM   967  C  CG1 . VAL A 1 139 ? 6.341   6.679   15.310  1.00 12.94 ? 112 VAL A CG1 1 
ATOM   968  C  CG2 . VAL A 1 139 ? 6.693   8.206   13.295  1.00 12.90 ? 112 VAL A CG2 1 
ATOM   969  N  N   . PHE A 1 140 ? 8.872   4.184   14.193  1.00 11.54 ? 113 PHE A N   1 
ATOM   970  C  CA  . PHE A 1 140 ? 9.147   2.996   14.884  1.00 13.23 ? 113 PHE A CA  1 
ATOM   971  C  C   . PHE A 1 140 ? 10.596  2.895   15.277  1.00 12.46 ? 113 PHE A C   1 
ATOM   972  O  O   . PHE A 1 140 ? 10.859  2.482   16.453  1.00 15.83 ? 113 PHE A O   1 
ATOM   973  C  CB  . PHE A 1 140 ? 8.809   1.821   13.940  1.00 11.66 ? 113 PHE A CB  1 
ATOM   974  C  CG  . PHE A 1 140 ? 9.021   0.464   14.584  1.00 11.78 ? 113 PHE A CG  1 
ATOM   975  C  CD1 . PHE A 1 140 ? 8.026   -0.074  15.286  1.00 11.99 ? 113 PHE A CD1 1 
ATOM   976  C  CD2 . PHE A 1 140 ? 10.218  -0.236  14.422  1.00 12.29 ? 113 PHE A CD2 1 
ATOM   977  C  CE1 . PHE A 1 140 ? 8.126   -1.339  15.876  1.00 13.85 ? 113 PHE A CE1 1 
ATOM   978  C  CE2 . PHE A 1 140 ? 10.364  -1.484  14.999  1.00 12.99 ? 113 PHE A CE2 1 
ATOM   979  C  CZ  . PHE A 1 140 ? 9.340   -2.015  15.693  1.00 13.88 ? 113 PHE A CZ  1 
ATOM   980  N  N   . LYS A 1 141 ? 11.524  3.276   14.440  1.00 13.18 ? 114 LYS A N   1 
ATOM   981  C  CA  . LYS A 1 141 ? 12.962  3.331   14.866  1.00 16.64 ? 114 LYS A CA  1 
ATOM   982  C  C   . LYS A 1 141 ? 13.135  4.238   16.070  1.00 19.47 ? 114 LYS A C   1 
ATOM   983  O  O   . LYS A 1 141 ? 13.876  3.868   16.985  1.00 22.28 ? 114 LYS A O   1 
ATOM   984  C  CB  . LYS A 1 141 ? 13.812  3.933   13.773  1.00 18.99 ? 114 LYS A CB  1 
ATOM   985  C  CG  . LYS A 1 141 ? 13.899  2.991   12.589  1.00 23.74 ? 114 LYS A CG  1 
ATOM   986  C  CD  . LYS A 1 141 ? 15.258  3.139   11.920  1.00 30.59 ? 114 LYS A CD  1 
ATOM   987  C  CE  . LYS A 1 141 ? 15.377  4.498   11.274  1.00 31.77 ? 114 LYS A CE  1 
ATOM   988  N  NZ  . LYS A 1 141 ? 16.158  4.641   10.005  1.00 33.83 ? 114 LYS A NZ  1 
ATOM   989  N  N   . LYS A 1 142 ? 12.478  5.367   16.126  1.00 18.04 ? 115 LYS A N   1 
ATOM   990  C  CA  . LYS A 1 142 ? 12.704  6.298   17.264  1.00 22.08 ? 115 LYS A CA  1 
ATOM   991  C  C   . LYS A 1 142 ? 12.138  5.708   18.535  1.00 24.71 ? 115 LYS A C   1 
ATOM   992  O  O   . LYS A 1 142 ? 12.760  5.826   19.630  1.00 24.47 ? 115 LYS A O   1 
ATOM   993  C  CB  . LYS A 1 142 ? 12.025  7.631   17.009  1.00 25.61 ? 115 LYS A CB  1 
ATOM   994  C  CG  . LYS A 1 142 ? 12.883  8.535   16.184  1.00 27.69 ? 115 LYS A CG  1 
ATOM   995  C  CD  . LYS A 1 142 ? 12.237  9.909   16.102  1.00 30.87 ? 115 LYS A CD  1 
ATOM   996  C  CE  . LYS A 1 142 ? 13.058  10.846  15.224  1.00 32.08 ? 115 LYS A CE  1 
ATOM   997  N  NZ  . LYS A 1 142 ? 12.801  10.650  13.763  1.00 30.70 ? 115 LYS A NZ  1 
ATOM   998  N  N   . LYS A 1 143 ? 11.007  5.038   18.443  1.00 26.93 ? 116 LYS A N   1 
ATOM   999  C  CA  . LYS A 1 143 ? 10.375  4.487   19.622  1.00 30.89 ? 116 LYS A CA  1 
ATOM   1000 C  C   . LYS A 1 143 ? 11.290  3.404   20.219  1.00 34.87 ? 116 LYS A C   1 
ATOM   1001 O  O   . LYS A 1 143 ? 11.378  3.288   21.444  1.00 34.14 ? 116 LYS A O   1 
ATOM   1002 C  CB  . LYS A 1 143 ? 8.968   3.974   19.296  1.00 36.25 ? 116 LYS A CB  1 
ATOM   1003 C  CG  . LYS A 1 143 ? 8.253   3.343   20.482  1.00 40.24 ? 116 LYS A CG  1 
ATOM   1004 C  CD  . LYS A 1 143 ? 6.996   2.607   20.072  1.00 40.67 ? 116 LYS A CD  1 
ATOM   1005 C  CE  . LYS A 1 143 ? 7.317   1.537   19.038  1.00 46.27 ? 116 LYS A CE  1 
ATOM   1006 N  NZ  . LYS A 1 143 ? 6.029   1.051   18.473  1.00 42.82 ? 116 LYS A NZ  1 
HETATM 1007 N  N   . MSE A 1 144 ? 11.951  2.641   19.330  1.00 32.14 ? 117 MSE A N   1 
HETATM 1008 C  CA  . MSE A 1 144 ? 13.130  1.779   19.529  1.00 47.21 ? 117 MSE A CA  1 
HETATM 1009 C  C   . MSE A 1 144 ? 12.736  0.355   19.252  1.00 55.09 ? 117 MSE A C   1 
HETATM 1010 O  O   . MSE A 1 144 ? 11.933  0.143   18.329  1.00 60.88 ? 117 MSE A O   1 
HETATM 1011 C  CB  . MSE A 1 144 ? 14.070  2.091   20.711  1.00 47.20 ? 117 MSE A CB  1 
HETATM 1012 C  CG  . MSE A 1 144 ? 14.427  3.516   20.315  1.00 47.83 ? 117 MSE A CG  1 
HETATM 1013 SE SE  . MSE A 1 144 ? 16.176  4.235   20.843  1.00 74.91 ? 117 MSE A SE  1 
HETATM 1014 C  CE  . MSE A 1 144 ? 16.942  4.096   19.014  1.00 52.79 ? 117 MSE A CE  1 
HETATM 1015 O  O   . HOH B 2 .   ? -5.301  13.090  -21.341 1.00 33.62 ? 201 HOH A O   1 
HETATM 1016 O  O   . HOH B 2 .   ? 13.001  -1.825  17.351  1.00 35.39 ? 202 HOH A O   1 
HETATM 1017 O  O   . HOH B 2 .   ? -12.901 -6.519  -5.075  1.00 21.56 ? 203 HOH A O   1 
HETATM 1018 O  O   . HOH B 2 .   ? -7.954  -3.985  -1.229  1.00 23.19 ? 204 HOH A O   1 
HETATM 1019 O  O   . HOH B 2 .   ? 9.551   6.553   -8.411  1.00 23.58 ? 205 HOH A O   1 
HETATM 1020 O  O   . HOH B 2 .   ? 2.692   7.798   16.305  1.00 32.93 ? 206 HOH A O   1 
HETATM 1021 O  O   . HOH B 2 .   ? 6.151   2.885   -2.676  1.00 32.31 ? 207 HOH A O   1 
HETATM 1022 O  O   . HOH B 2 .   ? -16.828 3.382   -13.698 1.00 30.73 ? 208 HOH A O   1 
HETATM 1023 O  O   . HOH B 2 .   ? 4.153   11.291  -5.094  1.00 44.05 ? 209 HOH A O   1 
HETATM 1024 O  O   . HOH B 2 .   ? 8.402   -1.695  -0.508  1.00 13.35 ? 210 HOH A O   1 
HETATM 1025 O  O   . HOH B 2 .   ? -1.337  0.438   -25.260 1.00 18.84 ? 211 HOH A O   1 
HETATM 1026 O  O   . HOH B 2 .   ? -1.924  8.070   -13.320 1.00 24.03 ? 212 HOH A O   1 
HETATM 1027 O  O   . HOH B 2 .   ? 3.244   0.430   -21.340 1.00 19.94 ? 213 HOH A O   1 
HETATM 1028 O  O   . HOH B 2 .   ? -1.303  5.202   -18.073 1.00 21.85 ? 214 HOH A O   1 
HETATM 1029 O  O   . HOH B 2 .   ? -17.550 -6.162  -9.760  1.00 28.92 ? 215 HOH A O   1 
HETATM 1030 O  O   . HOH B 2 .   ? 2.712   -5.809  -22.681 1.00 48.13 ? 216 HOH A O   1 
HETATM 1031 O  O   . HOH B 2 .   ? -4.124  -3.456  10.206  1.00 17.69 ? 217 HOH A O   1 
HETATM 1032 O  O   . HOH B 2 .   ? 7.577   -10.437 16.759  1.00 20.13 ? 218 HOH A O   1 
HETATM 1033 O  O   . HOH B 2 .   ? -11.508 11.635  -4.767  1.00 29.62 ? 219 HOH A O   1 
HETATM 1034 O  O   . HOH B 2 .   ? -1.900  -8.225  -24.396 1.00 36.12 ? 220 HOH A O   1 
HETATM 1035 O  O   . HOH B 2 .   ? -0.031  -10.369 -20.856 1.00 39.67 ? 221 HOH A O   1 
HETATM 1036 O  O   . HOH B 2 .   ? -3.518  -2.589  -25.399 1.00 27.85 ? 222 HOH A O   1 
HETATM 1037 O  O   . HOH B 2 .   ? 2.786   7.860   7.828   1.00 17.57 ? 223 HOH A O   1 
HETATM 1038 O  O   . HOH B 2 .   ? 10.508  6.281   -3.668  1.00 29.01 ? 224 HOH A O   1 
HETATM 1039 O  O   . HOH B 2 .   ? 6.469   12.329  -3.289  1.00 33.94 ? 225 HOH A O   1 
HETATM 1040 O  O   . HOH B 2 .   ? 15.753  -9.844  5.638   1.00 12.63 ? 226 HOH A O   1 
HETATM 1041 O  O   . HOH B 2 .   ? 0.471   5.053   -16.277 1.00 16.43 ? 227 HOH A O   1 
HETATM 1042 O  O   . HOH B 2 .   ? -7.566  1.221   2.864   1.00 19.24 ? 228 HOH A O   1 
HETATM 1043 O  O   . HOH B 2 .   ? -14.058 -0.689  -1.147  1.00 22.32 ? 229 HOH A O   1 
HETATM 1044 O  O   . HOH B 2 .   ? -4.684  7.552   -27.285 1.00 17.21 ? 230 HOH A O   1 
HETATM 1045 O  O   . HOH B 2 .   ? 2.506   8.272   14.244  1.00 34.92 ? 231 HOH A O   1 
HETATM 1046 O  O   . HOH B 2 .   ? 10.565  -13.483 2.160   1.00 36.23 ? 232 HOH A O   1 
HETATM 1047 O  O   . HOH B 2 .   ? 6.733   8.621   -7.661  1.00 40.65 ? 233 HOH A O   1 
HETATM 1048 O  O   . HOH B 2 .   ? 9.157   1.960   -4.680  1.00 38.51 ? 234 HOH A O   1 
HETATM 1049 O  O   . HOH B 2 .   ? -2.679  3.982   -27.799 1.00 15.37 ? 235 HOH A O   1 
HETATM 1050 O  O   . HOH B 2 .   ? -6.770  -4.667  7.104   1.00 17.62 ? 236 HOH A O   1 
HETATM 1051 O  O   . HOH B 2 .   ? 6.755   1.336   -4.761  1.00 24.21 ? 237 HOH A O   1 
HETATM 1052 O  O   . HOH B 2 .   ? -0.240  -12.539 6.106   1.00 20.55 ? 238 HOH A O   1 
HETATM 1053 O  O   . HOH B 2 .   ? -8.453  -6.996  -2.419  1.00 24.11 ? 239 HOH A O   1 
HETATM 1054 O  O   . HOH B 2 .   ? 19.710  -9.208  12.317  1.00 25.94 ? 240 HOH A O   1 
HETATM 1055 O  O   . HOH B 2 .   ? -5.213  -0.250  -26.174 1.00 34.21 ? 241 HOH A O   1 
HETATM 1056 O  O   . HOH B 2 .   ? -8.578  -1.561  1.396   1.00 27.75 ? 242 HOH A O   1 
HETATM 1057 O  O   . HOH B 2 .   ? 2.670   6.405   -9.090  1.00 14.66 ? 243 HOH A O   1 
HETATM 1058 O  O   . HOH B 2 .   ? -3.551  1.853   -25.903 1.00 18.63 ? 244 HOH A O   1 
HETATM 1059 O  O   . HOH B 2 .   ? 0.829   8.647   -5.742  1.00 12.35 ? 245 HOH A O   1 
HETATM 1060 O  O   . HOH B 2 .   ? -2.294  11.544  -8.227  1.00 34.05 ? 246 HOH A O   1 
HETATM 1061 O  O   . HOH B 2 .   ? -4.126  -2.936  12.777  1.00 25.27 ? 247 HOH A O   1 
HETATM 1062 O  O   . HOH B 2 .   ? 1.988   -7.187  -19.322 1.00 24.18 ? 248 HOH A O   1 
HETATM 1063 O  O   . HOH B 2 .   ? 0.630   14.008  0.043   1.00 34.50 ? 249 HOH A O   1 
HETATM 1064 O  O   . HOH B 2 .   ? -16.902 5.298   -8.055  1.00 33.22 ? 250 HOH A O   1 
HETATM 1065 O  O   . HOH B 2 .   ? 3.324   -13.870 11.121  1.00 33.30 ? 251 HOH A O   1 
HETATM 1066 O  O   . HOH B 2 .   ? 12.265  2.805   1.106   1.00 18.94 ? 252 HOH A O   1 
HETATM 1067 O  O   . HOH B 2 .   ? 3.378   9.651   6.064   1.00 31.34 ? 253 HOH A O   1 
HETATM 1068 O  O   . HOH B 2 .   ? -6.676  2.007   -23.639 1.00 17.56 ? 254 HOH A O   1 
HETATM 1069 O  O   . HOH B 2 .   ? -12.309 3.505   -16.379 1.00 16.91 ? 255 HOH A O   1 
HETATM 1070 O  O   . HOH B 2 .   ? -0.021  7.805   -9.224  1.00 14.55 ? 256 HOH A O   1 
HETATM 1071 O  O   . HOH B 2 .   ? -1.253  -19.251 13.264  1.00 19.20 ? 257 HOH A O   1 
HETATM 1072 O  O   . HOH B 2 .   ? 3.174   6.397   12.222  1.00 13.61 ? 258 HOH A O   1 
HETATM 1073 O  O   . HOH B 2 .   ? -9.990  -2.411  -24.708 1.00 31.00 ? 259 HOH A O   1 
HETATM 1074 O  O   . HOH B 2 .   ? 7.671   -1.218  -5.978  1.00 32.32 ? 260 HOH A O   1 
HETATM 1075 O  O   . HOH B 2 .   ? 14.758  -5.514  -0.988  1.00 16.28 ? 261 HOH A O   1 
HETATM 1076 O  O   . HOH B 2 .   ? -7.608  12.058  3.142   1.00 39.05 ? 262 HOH A O   1 
HETATM 1077 O  O   . HOH B 2 .   ? 9.613   -10.116 14.692  1.00 11.49 ? 263 HOH A O   1 
HETATM 1078 O  O   . HOH B 2 .   ? 1.352   -10.487 9.362   1.00 18.10 ? 264 HOH A O   1 
HETATM 1079 O  O   . HOH B 2 .   ? 0.177   -6.985  -22.930 1.00 33.56 ? 265 HOH A O   1 
HETATM 1080 O  O   . HOH B 2 .   ? -13.647 5.209   -5.536  1.00 33.12 ? 266 HOH A O   1 
HETATM 1081 O  O   . HOH B 2 .   ? -14.993 4.160   1.118   1.00 22.30 ? 267 HOH A O   1 
HETATM 1082 O  O   . HOH B 2 .   ? 14.576  -13.377 5.913   1.00 12.68 ? 268 HOH A O   1 
HETATM 1083 O  O   . HOH B 2 .   ? -16.317 -8.877  -10.159 1.00 26.84 ? 269 HOH A O   1 
HETATM 1084 O  O   . HOH B 2 .   ? -19.904 -0.328  -15.679 1.00 28.19 ? 270 HOH A O   1 
HETATM 1085 O  O   . HOH B 2 .   ? -19.135 -2.972  -7.726  1.00 26.86 ? 271 HOH A O   1 
HETATM 1086 O  O   . HOH B 2 .   ? 0.473   11.477  -5.318  1.00 31.37 ? 272 HOH A O   1 
HETATM 1087 O  O   . HOH B 2 .   ? -3.021  11.112  6.591   1.00 35.98 ? 273 HOH A O   1 
HETATM 1088 O  O   . HOH B 2 .   ? 11.582  -6.779  -0.308  1.00 19.58 ? 274 HOH A O   1 
HETATM 1089 O  O   . HOH B 2 .   ? -15.805 -4.746  -16.198 1.00 25.43 ? 275 HOH A O   1 
HETATM 1090 O  O   . HOH B 2 .   ? -6.867  12.152  -16.171 1.00 39.30 ? 276 HOH A O   1 
HETATM 1091 O  O   . HOH B 2 .   ? 1.775   -17.231 11.011  1.00 31.06 ? 277 HOH A O   1 
HETATM 1092 O  O   . HOH B 2 .   ? -5.280  -2.702  7.898   1.00 16.88 ? 278 HOH A O   1 
HETATM 1093 O  O   . HOH B 2 .   ? -2.832  11.419  -16.885 1.00 44.25 ? 279 HOH A O   1 
HETATM 1094 O  O   . HOH B 2 .   ? 5.771   -14.531 9.991   1.00 24.43 ? 280 HOH A O   1 
HETATM 1095 O  O   . HOH B 2 .   ? -10.413 10.955  -15.470 1.00 48.13 ? 281 HOH A O   1 
HETATM 1096 O  O   . HOH B 2 .   ? 3.215   7.364   -6.493  1.00 18.62 ? 282 HOH A O   1 
HETATM 1097 O  O   . HOH B 2 .   ? 3.150   16.011  5.887   1.00 43.06 ? 283 HOH A O   1 
HETATM 1098 O  O   . HOH B 2 .   ? 17.656  1.480   9.442   1.00 41.71 ? 284 HOH A O   1 
HETATM 1099 O  O   . HOH B 2 .   ? -10.681 -16.031 -8.035  1.00 46.46 ? 285 HOH A O   1 
HETATM 1100 O  O   . HOH B 2 .   ? 21.341  -6.256  11.847  1.00 32.35 ? 286 HOH A O   1 
HETATM 1101 O  O   . HOH B 2 .   ? -5.283  9.733   -24.082 1.00 29.53 ? 287 HOH A O   1 
HETATM 1102 O  O   . HOH B 2 .   ? 4.832   -5.270  -13.417 1.00 28.37 ? 288 HOH A O   1 
HETATM 1103 O  O   . HOH B 2 .   ? -4.949  12.578  -18.331 1.00 29.93 ? 289 HOH A O   1 
HETATM 1104 O  O   . HOH B 2 .   ? 4.911   -18.034 17.654  1.00 33.59 ? 290 HOH A O   1 
HETATM 1105 O  O   . HOH B 2 .   ? 0.583   10.347  6.423   1.00 32.13 ? 291 HOH A O   1 
HETATM 1106 O  O   . HOH B 2 .   ? -19.396 3.042   -16.187 1.00 26.23 ? 292 HOH A O   1 
HETATM 1107 O  O   . HOH B 2 .   ? 4.228   8.184   10.457  1.00 19.84 ? 293 HOH A O   1 
HETATM 1108 O  O   . HOH B 2 .   ? 3.750   -19.152 16.098  1.00 48.19 ? 294 HOH A O   1 
HETATM 1109 O  O   . HOH B 2 .   ? 19.673  -4.075  15.780  1.00 34.41 ? 295 HOH A O   1 
HETATM 1110 O  O   . HOH B 2 .   ? -8.251  -2.930  3.644   1.00 23.99 ? 296 HOH A O   1 
HETATM 1111 O  O   . HOH B 2 .   ? 0.449   1.233   26.476  1.00 44.45 ? 297 HOH A O   1 
HETATM 1112 O  O   . HOH B 2 .   ? -2.279  0.169   26.437  1.00 32.09 ? 298 HOH A O   1 
HETATM 1113 O  O   . HOH B 2 .   ? 14.202  -0.319  15.624  1.00 30.26 ? 299 HOH A O   1 
HETATM 1114 O  O   . HOH B 2 .   ? 12.534  -15.748 1.872   1.00 51.50 ? 300 HOH A O   1 
HETATM 1115 O  O   . HOH B 2 .   ? 16.955  -14.318 7.171   1.00 17.94 ? 301 HOH A O   1 
HETATM 1116 O  O   . HOH B 2 .   ? 10.529  -4.992  -8.343  1.00 45.02 ? 302 HOH A O   1 
HETATM 1117 O  O   . HOH B 2 .   ? 8.735   -4.201  23.166  1.00 39.37 ? 303 HOH A O   1 
HETATM 1118 O  O   . HOH B 2 .   ? -3.127  10.454  -9.773  1.00 36.14 ? 304 HOH A O   1 
HETATM 1119 O  O   . HOH B 2 .   ? -9.771  -14.306 -11.460 1.00 46.91 ? 305 HOH A O   1 
HETATM 1120 O  O   . HOH B 2 .   ? -8.354  14.929  6.344   1.00 36.17 ? 306 HOH A O   1 
HETATM 1121 O  O   . HOH B 2 .   ? 11.025  13.489  12.184  1.00 45.73 ? 307 HOH A O   1 
HETATM 1122 O  O   . HOH B 2 .   ? -6.147  11.361  7.659   1.00 40.49 ? 308 HOH A O   1 
HETATM 1123 O  O   . HOH B 2 .   ? 5.160   -1.433  -20.949 1.00 24.96 ? 309 HOH A O   1 
HETATM 1124 O  O   . HOH B 2 .   ? -3.315  12.547  -22.721 1.00 25.39 ? 310 HOH A O   1 
HETATM 1125 O  O   . HOH B 2 .   ? -10.579 12.164  -2.599  1.00 38.64 ? 311 HOH A O   1 
HETATM 1126 O  O   . HOH B 2 .   ? -7.254  17.786  7.549   1.00 33.08 ? 312 HOH A O   1 
HETATM 1127 O  O   . HOH B 2 .   ? -11.689 7.469   -15.485 1.00 27.31 ? 313 HOH A O   1 
HETATM 1128 O  O   . HOH B 2 .   ? -0.495  9.431   -11.398 1.00 28.21 ? 314 HOH A O   1 
HETATM 1129 O  O   . HOH B 2 .   ? 11.759  -2.711  -2.835  1.00 24.78 ? 315 HOH A O   1 
HETATM 1130 O  O   . HOH B 2 .   ? 15.904  8.123   18.997  1.00 36.13 ? 316 HOH A O   1 
HETATM 1131 O  O   . HOH B 2 .   ? -10.025 15.119  -1.462  1.00 41.06 ? 317 HOH A O   1 
HETATM 1132 O  O   . HOH B 2 .   ? -7.147  12.807  10.056  1.00 42.72 ? 318 HOH A O   1 
HETATM 1133 O  O   . HOH B 2 .   ? -6.574  -9.128  -4.082  1.00 27.84 ? 319 HOH A O   1 
HETATM 1134 O  O   . HOH B 2 .   ? -13.783 8.906   -6.735  1.00 35.53 ? 320 HOH A O   1 
HETATM 1135 O  O   . HOH B 2 .   ? -0.536  7.698   -15.687 1.00 17.42 ? 321 HOH A O   1 
HETATM 1136 O  O   . HOH B 2 .   ? 0.702   -7.533  -15.177 1.00 22.58 ? 322 HOH A O   1 
HETATM 1137 O  O   . HOH B 2 .   ? 13.928  4.758   0.211   1.00 34.17 ? 323 HOH A O   1 
HETATM 1138 O  O   . HOH B 2 .   ? -7.698  0.771   20.116  1.00 36.69 ? 324 HOH A O   1 
HETATM 1139 O  O   . HOH B 2 .   ? 6.296   11.421  11.832  1.00 22.18 ? 325 HOH A O   1 
HETATM 1140 O  O   . HOH B 2 .   ? 3.978   10.079  15.758  1.00 29.89 ? 326 HOH A O   1 
HETATM 1141 O  O   . HOH B 2 .   ? 2.044   -10.805 6.677   1.00 18.97 ? 327 HOH A O   1 
HETATM 1142 O  O   . HOH B 2 .   ? -6.005  19.808  0.057   1.00 43.52 ? 328 HOH A O   1 
HETATM 1143 O  O   . HOH B 2 .   ? 12.319  4.452   3.578   1.00 37.69 ? 329 HOH A O   1 
HETATM 1144 O  O   . HOH B 2 .   ? 13.858  11.001  20.666  1.00 49.89 ? 330 HOH A O   1 
HETATM 1145 O  O   . HOH B 2 .   ? 1.311   -10.051 -16.279 1.00 22.49 ? 331 HOH A O   1 
HETATM 1146 O  O   . HOH B 2 .   ? 7.625   -8.359  7.609   1.00 8.26  ? 332 HOH A O   1 
HETATM 1147 O  O   . HOH B 2 .   ? 5.223   -7.116  3.387   1.00 13.08 ? 333 HOH A O   1 
HETATM 1148 O  O   . HOH B 2 .   ? 5.704   -8.755  5.528   1.00 16.39 ? 334 HOH A O   1 
HETATM 1149 O  O   . HOH B 2 .   ? 8.921   -6.094  -0.733  1.00 15.48 ? 335 HOH A O   1 
HETATM 1150 O  O   . HOH B 2 .   ? 2.895   -9.100  4.777   1.00 12.47 ? 336 HOH A O   1 
HETATM 1151 O  O   . HOH B 2 .   ? -1.920  -7.179  -14.065 1.00 20.88 ? 337 HOH A O   1 
HETATM 1152 O  O   . HOH B 2 .   ? -1.252  -8.279  -3.049  1.00 28.82 ? 338 HOH A O   1 
HETATM 1153 O  O   . HOH B 2 .   ? 9.254   -3.671  -2.155  1.00 23.45 ? 339 HOH A O   1 
HETATM 1154 O  O   . HOH B 2 .   ? 10.073  10.015  13.248  1.00 21.48 ? 340 HOH A O   1 
HETATM 1155 O  O   . HOH B 2 .   ? -5.448  -6.811  -7.042  1.00 18.10 ? 341 HOH A O   1 
HETATM 1156 O  O   . HOH B 2 .   ? 5.574   -8.693  1.136   1.00 21.55 ? 342 HOH A O   1 
HETATM 1157 O  O   . HOH B 2 .   ? -2.541  -6.016  -7.796  1.00 29.87 ? 343 HOH A O   1 
HETATM 1158 O  O   . HOH B 2 .   ? -2.186  2.518   11.266  1.00 20.11 ? 344 HOH A O   1 
HETATM 1159 O  O   . HOH B 2 .   ? 5.528   8.260   4.776   1.00 14.63 ? 345 HOH A O   1 
HETATM 1160 O  O   . HOH B 2 .   ? 8.646   7.319   17.830  1.00 26.64 ? 346 HOH A O   1 
HETATM 1161 O  O   . HOH B 2 .   ? -7.563  7.329   -8.582  1.00 17.46 ? 347 HOH A O   1 
HETATM 1162 O  O   . HOH B 2 .   ? 8.567   9.986   10.825  1.00 16.32 ? 348 HOH A O   1 
HETATM 1163 O  O   . HOH B 2 .   ? 6.905   -8.130  -1.423  1.00 25.92 ? 349 HOH A O   1 
HETATM 1164 O  O   . HOH B 2 .   ? -8.248  -5.458  -11.085 1.00 10.10 ? 350 HOH A O   1 
HETATM 1165 O  O   . HOH B 2 .   ? 8.997   10.236  3.747   1.00 26.24 ? 351 HOH A O   1 
HETATM 1166 O  O   . HOH B 2 .   ? -10.412 7.439   -9.168  1.00 25.78 ? 352 HOH A O   1 
HETATM 1167 O  O   . HOH B 2 .   ? -14.492 -11.918 -12.344 1.00 45.64 ? 353 HOH A O   1 
HETATM 1168 O  O   . HOH B 2 .   ? 8.652   9.077   -1.538  1.00 29.03 ? 354 HOH A O   1 
HETATM 1169 O  O   . HOH B 2 .   ? 11.871  5.299   6.244   1.00 19.67 ? 355 HOH A O   1 
HETATM 1170 O  O   . HOH B 2 .   ? -1.604  -1.883  15.963  1.00 22.03 ? 356 HOH A O   1 
HETATM 1171 O  O   . HOH B 2 .   ? -3.524  6.978   7.375   1.00 23.76 ? 357 HOH A O   1 
HETATM 1172 O  O   . HOH B 2 .   ? 2.370   -10.898 2.785   1.00 22.52 ? 358 HOH A O   1 
HETATM 1173 O  O   . HOH B 2 .   ? -5.596  -9.845  -14.951 1.00 42.53 ? 359 HOH A O   1 
HETATM 1174 O  O   . HOH B 2 .   ? -1.050  2.251   14.093  1.00 26.21 ? 360 HOH A O   1 
HETATM 1175 O  O   . HOH B 2 .   ? -3.189  -5.780  -10.596 1.00 39.67 ? 361 HOH A O   1 
HETATM 1176 O  O   . HOH B 2 .   ? -10.309 8.253   -11.872 1.00 31.23 ? 362 HOH A O   1 
HETATM 1177 O  O   . HOH B 2 .   ? -7.038  10.122  -8.476  1.00 27.06 ? 363 HOH A O   1 
HETATM 1178 O  O   . HOH B 2 .   ? -2.678  -9.807  -14.012 1.00 28.99 ? 364 HOH A O   1 
HETATM 1179 O  O   . HOH B 2 .   ? 17.447  -1.992  13.248  1.00 27.82 ? 365 HOH A O   1 
HETATM 1180 O  O   . HOH B 2 .   ? -11.126 6.443   -0.120  1.00 25.32 ? 366 HOH A O   1 
HETATM 1181 O  O   . HOH B 2 .   ? 3.076   -5.759  -2.260  1.00 18.83 ? 367 HOH A O   1 
HETATM 1182 O  O   . HOH B 2 .   ? -7.656  15.833  9.557   1.00 39.38 ? 368 HOH A O   1 
HETATM 1183 O  O   . HOH B 2 .   ? 8.636   10.910  15.420  1.00 26.80 ? 369 HOH A O   1 
HETATM 1184 O  O   . HOH B 2 .   ? 7.987   -11.245 4.374   1.00 33.82 ? 370 HOH A O   1 
HETATM 1185 O  O   . HOH B 2 .   ? 9.392   11.318  0.257   1.00 42.28 ? 371 HOH A O   1 
HETATM 1186 O  O   . HOH B 2 .   ? -12.892 6.671   -7.952  1.00 29.81 ? 372 HOH A O   1 
HETATM 1187 O  O   . HOH B 2 .   ? 4.152   -12.914 3.231   1.00 36.43 ? 373 HOH A O   1 
HETATM 1188 O  O   . HOH B 2 .   ? -12.970 7.184   0.287   1.00 36.92 ? 374 HOH A O   1 
HETATM 1189 O  O   . HOH B 2 .   ? -5.860  3.618   8.905   1.00 36.07 ? 375 HOH A O   1 
HETATM 1190 O  O   . HOH B 2 .   ? 2.660   -7.493  -12.958 1.00 34.95 ? 376 HOH A O   1 
HETATM 1191 O  O   . HOH B 2 .   ? 13.871  7.660   13.003  1.00 31.53 ? 377 HOH A O   1 
HETATM 1192 O  O   . HOH B 2 .   ? 0.238   -12.713 0.255   1.00 41.30 ? 378 HOH A O   1 
HETATM 1193 O  O   . HOH B 2 .   ? 8.227   9.662   17.591  1.00 34.11 ? 379 HOH A O   1 
HETATM 1194 O  O   . HOH B 2 .   ? 3.272   1.248   19.621  1.00 42.94 ? 380 HOH A O   1 
HETATM 1195 O  O   . HOH B 2 .   ? 5.493   -17.203 8.818   1.00 42.21 ? 381 HOH A O   1 
HETATM 1196 O  O   . HOH B 2 .   ? 4.727   -7.831  -2.145  1.00 28.84 ? 382 HOH A O   1 
HETATM 1197 O  O   . HOH B 2 .   ? -0.652  5.222   13.799  1.00 27.83 ? 383 HOH A O   1 
HETATM 1198 O  O   . HOH B 2 .   ? 12.432  8.168   5.492   1.00 36.51 ? 384 HOH A O   1 
HETATM 1199 O  O   . HOH B 2 .   ? 6.561   -17.817 6.492   1.00 38.99 ? 385 HOH A O   1 
HETATM 1200 O  O   . HOH B 2 .   ? -10.790 10.020  -7.816  1.00 37.44 ? 386 HOH A O   1 
HETATM 1201 O  O   . HOH B 2 .   ? -3.465  5.104   9.655   1.00 42.60 ? 387 HOH A O   1 
HETATM 1202 O  O   . HOH B 2 .   ? -2.532  -8.553  -5.373  1.00 36.05 ? 388 HOH A O   1 
HETATM 1203 O  O   . HOH B 2 .   ? -11.609 8.481   3.991   1.00 46.74 ? 389 HOH A O   1 
HETATM 1204 O  O   . HOH B 2 .   ? 4.682   -12.056 5.800   1.00 37.27 ? 390 HOH A O   1 
HETATM 1205 O  O   . HOH B 2 .   ? 19.331  -5.082  13.026  1.00 33.34 ? 391 HOH A O   1 
HETATM 1206 O  O   . HOH B 2 .   ? 0.968   -7.377  -10.626 1.00 40.99 ? 392 HOH A O   1 
HETATM 1207 O  O   . HOH B 2 .   ? 4.269   13.692  -0.150  1.00 34.53 ? 393 HOH A O   1 
HETATM 1208 O  O   . HOH B 2 .   ? -4.760  1.297   8.227   1.00 35.27 ? 394 HOH A O   1 
HETATM 1209 O  O   . HOH B 2 .   ? 13.009  8.490   2.374   1.00 50.12 ? 395 HOH A O   1 
HETATM 1210 O  O   . HOH B 2 .   ? -6.440  13.353  -11.246 1.00 53.58 ? 396 HOH A O   1 
HETATM 1211 O  O   . HOH B 2 .   ? 10.135  10.845  8.624   1.00 30.68 ? 397 HOH A O   1 
HETATM 1212 O  O   . HOH B 2 .   ? -5.237  12.829  2.848   1.00 25.31 ? 398 HOH A O   1 
HETATM 1213 O  O   . HOH B 2 .   ? -6.169  -13.852 -7.979  1.00 76.60 ? 399 HOH A O   1 
HETATM 1214 O  O   . HOH B 2 .   ? -11.213 -7.177  -17.617 1.00 41.03 ? 400 HOH A O   1 
HETATM 1215 O  O   . HOH B 2 .   ? -12.130 -10.790 -15.806 1.00 49.93 ? 401 HOH A O   1 
HETATM 1216 O  O   . HOH B 2 .   ? 3.407   -10.033 0.015   1.00 43.90 ? 402 HOH A O   1 
HETATM 1217 O  O   . HOH B 2 .   ? 8.759   -6.864  -7.847  1.00 44.13 ? 403 HOH A O   1 
HETATM 1218 O  O   . HOH B 2 .   ? 8.200   -7.538  -10.064 1.00 41.01 ? 404 HOH A O   1 
HETATM 1219 O  O   . HOH B 2 .   ? -5.276  10.844  -10.134 1.00 38.71 ? 405 HOH A O   1 
HETATM 1220 O  O   . HOH B 2 .   ? -3.683  3.692   17.675  1.00 58.09 ? 406 HOH A O   1 
HETATM 1221 O  O   . HOH B 2 .   ? -3.518  -5.179  -6.209  1.00 29.95 ? 407 HOH A O   1 
HETATM 1222 O  O   . HOH B 2 .   ? -14.796 -9.998  -18.407 1.00 50.32 ? 408 HOH A O   1 
HETATM 1223 O  O   . HOH B 2 .   ? 15.367  3.071   6.911   1.00 43.06 ? 409 HOH A O   1 
HETATM 1224 O  O   . HOH B 2 .   ? 16.219  8.340   2.600   1.00 42.91 ? 410 HOH A O   1 
HETATM 1225 O  O   . HOH B 2 .   ? 10.286  9.569   6.120   1.00 36.36 ? 411 HOH A O   1 
HETATM 1226 O  O   . HOH B 2 .   ? 6.418   -11.166 2.016   1.00 29.89 ? 412 HOH A O   1 
HETATM 1227 O  O   . HOH B 2 .   ? 15.870  10.927  2.708   1.00 51.43 ? 413 HOH A O   1 
HETATM 1228 O  O   . HOH B 2 .   ? -5.486  2.616   13.643  1.00 36.16 ? 414 HOH A O   1 
HETATM 1229 O  O   . HOH B 2 .   ? -4.293  0.726   11.374  1.00 39.14 ? 415 HOH A O   1 
# 
